data_4OY7
#
_entry.id   4OY7
#
_cell.length_a   83.858
_cell.length_b   122.856
_cell.length_c   156.000
_cell.angle_alpha   90.00
_cell.angle_beta   90.00
_cell.angle_gamma   90.00
#
_symmetry.space_group_name_H-M   'P 21 21 21'
#
loop_
_entity.id
_entity.type
_entity.pdbx_description
1 polymer 'Putative secreted cellulose binding protein'
2 non-polymer 'COPPER (II) ION'
3 non-polymer 'CALCIUM ION'
4 water water
#
_entity_poly.entity_id   1
_entity_poly.type   'polypeptide(L)'
_entity_poly.pdbx_seq_one_letter_code
;HGVAMMPGSRTYLCQLDAKTGTGALDPTNPACQAALDQSGATALYNWFAVLDSNAGGRGAGYVPDGTLCSAGDRSPYDFS
AYNAARSDWPRTHLTSGATIPVEYSNWAAHPGDFRVYLTKPGWSPTSELGWDDLELIQTVTNPPQQGSPGTDGGHYYWDL
ALPSGRSGDALIFMQWVRSDSQENFFSCSDVVFDGG
;
_entity_poly.pdbx_strand_id   A,B,C,D,E,F,G,H
#
loop_
_chem_comp.id
_chem_comp.type
_chem_comp.name
_chem_comp.formula
CA non-polymer 'CALCIUM ION' 'Ca 2'
CU non-polymer 'COPPER (II) ION' 'Cu 2'
#
# COMPACT_ATOMS: atom_id res chain seq x y z
N HIS A 1 27.99 -16.23 13.29
CA HIS A 1 26.76 -15.42 13.07
C HIS A 1 26.60 -14.44 14.19
N GLY A 2 26.58 -13.17 13.81
CA GLY A 2 26.38 -12.07 14.72
C GLY A 2 26.75 -10.74 14.09
N VAL A 3 26.09 -9.71 14.59
CA VAL A 3 26.44 -8.32 14.39
C VAL A 3 26.38 -7.62 15.76
N ALA A 4 26.81 -6.36 15.81
CA ALA A 4 26.85 -5.63 17.03
C ALA A 4 25.44 -5.47 17.63
N MET A 5 25.35 -5.67 18.95
CA MET A 5 24.11 -5.43 19.67
C MET A 5 24.09 -4.14 20.50
N MET A 6 25.27 -3.69 20.93
CA MET A 6 25.41 -2.48 21.74
C MET A 6 26.80 -1.89 21.44
N PRO A 7 26.89 -0.72 20.74
CA PRO A 7 25.82 0.00 20.00
C PRO A 7 25.34 -0.84 18.83
N GLY A 8 24.02 -1.01 18.75
CA GLY A 8 23.43 -2.00 17.90
C GLY A 8 23.58 -1.65 16.45
N SER A 9 23.73 -2.70 15.65
N SER A 9 23.74 -2.70 15.64
CA SER A 9 23.89 -2.56 14.21
CA SER A 9 23.91 -2.58 14.20
C SER A 9 22.53 -2.22 13.57
C SER A 9 22.55 -2.35 13.54
N ARG A 10 22.55 -1.83 12.30
CA ARG A 10 21.29 -1.47 11.61
C ARG A 10 20.28 -2.61 11.59
N THR A 11 20.74 -3.79 11.22
CA THR A 11 19.81 -4.92 11.18
C THR A 11 19.28 -5.29 12.58
N TYR A 12 20.13 -5.17 13.59
CA TYR A 12 19.72 -5.52 14.94
C TYR A 12 18.72 -4.51 15.48
N LEU A 13 19.04 -3.23 15.36
CA LEU A 13 18.10 -2.21 15.86
C LEU A 13 16.81 -2.22 15.06
N CYS A 14 16.89 -2.51 13.77
CA CYS A 14 15.68 -2.53 12.99
C CYS A 14 14.80 -3.72 13.38
N GLN A 15 15.41 -4.86 13.66
CA GLN A 15 14.63 -6.01 14.05
C GLN A 15 13.99 -5.78 15.43
N LEU A 16 14.68 -5.09 16.35
CA LEU A 16 14.07 -4.72 17.64
C LEU A 16 12.91 -3.78 17.45
N ASP A 17 13.07 -2.82 16.55
CA ASP A 17 11.99 -1.88 16.22
C ASP A 17 10.78 -2.56 15.57
N ALA A 18 11.00 -3.67 14.85
CA ALA A 18 9.93 -4.30 14.10
C ALA A 18 9.26 -5.44 14.86
N LYS A 19 9.89 -5.89 15.93
CA LYS A 19 9.50 -7.13 16.61
C LYS A 19 8.09 -7.10 17.17
N THR A 20 7.31 -8.13 16.89
CA THR A 20 5.99 -8.29 17.47
C THR A 20 5.88 -9.66 18.07
N GLY A 21 4.88 -9.86 18.91
CA GLY A 21 4.70 -11.14 19.59
C GLY A 21 4.32 -12.31 18.69
N THR A 22 3.83 -12.01 17.50
CA THR A 22 3.46 -13.04 16.51
C THR A 22 4.56 -13.35 15.50
N GLY A 23 5.63 -12.57 15.51
CA GLY A 23 6.68 -12.75 14.52
C GLY A 23 6.53 -11.90 13.27
N ALA A 24 5.39 -11.23 13.11
CA ALA A 24 5.24 -10.22 12.06
C ALA A 24 6.24 -9.12 12.32
N LEU A 25 6.63 -8.41 11.28
CA LEU A 25 7.59 -7.32 11.40
C LEU A 25 6.91 -6.00 11.08
N ASP A 26 6.81 -5.13 12.08
CA ASP A 26 6.10 -3.85 11.93
C ASP A 26 6.94 -2.68 12.43
N PRO A 27 7.91 -2.24 11.63
CA PRO A 27 8.78 -1.15 12.07
C PRO A 27 8.05 0.18 12.06
N THR A 28 8.43 1.06 12.97
CA THR A 28 7.94 2.44 12.96
C THR A 28 9.03 3.41 12.49
N ASN A 29 10.28 3.02 12.61
CA ASN A 29 11.36 3.87 12.16
C ASN A 29 11.34 3.91 10.62
N PRO A 30 11.42 5.11 10.04
CA PRO A 30 11.21 5.16 8.58
C PRO A 30 12.32 4.55 7.74
N ALA A 31 13.56 4.63 8.18
CA ALA A 31 14.65 3.97 7.49
C ALA A 31 14.48 2.44 7.57
N CYS A 32 14.03 1.94 8.72
CA CYS A 32 13.73 0.52 8.89
C CYS A 32 12.58 0.08 8.00
N GLN A 33 11.52 0.88 7.94
N GLN A 33 11.51 0.88 7.97
CA GLN A 33 10.41 0.57 7.03
CA GLN A 33 10.39 0.66 7.05
C GLN A 33 10.88 0.52 5.59
C GLN A 33 10.87 0.54 5.60
N ALA A 34 11.72 1.47 5.19
CA ALA A 34 12.23 1.52 3.82
C ALA A 34 13.07 0.29 3.50
N ALA A 35 13.92 -0.11 4.45
CA ALA A 35 14.77 -1.28 4.26
C ALA A 35 13.96 -2.56 4.23
N LEU A 36 12.90 -2.63 5.02
CA LEU A 36 12.01 -3.79 4.98
C LEU A 36 11.32 -3.88 3.61
N ASP A 37 10.84 -2.74 3.12
CA ASP A 37 10.15 -2.69 1.84
C ASP A 37 11.11 -3.03 0.68
N GLN A 38 12.35 -2.59 0.76
CA GLN A 38 13.29 -2.96 -0.30
C GLN A 38 13.86 -4.37 -0.20
N SER A 39 14.51 -4.70 0.91
CA SER A 39 15.27 -5.95 0.98
C SER A 39 14.52 -7.13 1.60
N GLY A 40 13.37 -6.87 2.22
CA GLY A 40 12.52 -7.96 2.71
C GLY A 40 12.71 -8.37 4.15
N ALA A 41 11.72 -9.08 4.66
CA ALA A 41 11.65 -9.51 6.07
C ALA A 41 12.76 -10.50 6.43
N THR A 42 13.22 -11.26 5.44
CA THR A 42 14.25 -12.28 5.65
C THR A 42 15.50 -11.70 6.31
N ALA A 43 15.85 -10.47 5.92
CA ALA A 43 16.98 -9.75 6.53
C ALA A 43 16.84 -9.58 8.04
N LEU A 44 15.64 -9.25 8.52
CA LEU A 44 15.41 -9.08 9.95
C LEU A 44 15.29 -10.38 10.72
N TYR A 45 14.73 -11.43 10.11
CA TYR A 45 14.73 -12.73 10.76
C TYR A 45 16.16 -13.24 10.87
N ASN A 46 17.00 -12.85 9.91
CA ASN A 46 18.43 -13.23 9.89
C ASN A 46 19.36 -12.05 10.10
N TRP A 47 18.99 -11.18 11.02
CA TRP A 47 19.74 -9.96 11.28
C TRP A 47 21.23 -10.12 11.58
N PHE A 48 21.59 -11.31 12.04
CA PHE A 48 22.96 -11.69 12.43
C PHE A 48 23.79 -12.24 11.26
N ALA A 49 23.20 -12.41 10.08
CA ALA A 49 23.83 -13.19 9.04
C ALA A 49 24.46 -12.32 7.94
N VAL A 50 24.97 -11.15 8.34
CA VAL A 50 25.59 -10.23 7.40
C VAL A 50 27.05 -10.67 7.16
N LEU A 51 27.24 -11.59 6.23
CA LEU A 51 28.45 -12.35 6.13
C LEU A 51 28.94 -12.47 4.69
N ASP A 52 30.25 -12.65 4.54
CA ASP A 52 30.85 -12.99 3.25
C ASP A 52 31.69 -14.22 3.57
N SER A 53 31.33 -15.35 2.97
CA SER A 53 32.06 -16.62 3.13
C SER A 53 33.53 -16.58 2.72
N ASN A 54 33.91 -15.63 1.87
CA ASN A 54 35.23 -15.59 1.27
C ASN A 54 36.03 -14.34 1.56
N ALA A 55 35.58 -13.51 2.49
CA ALA A 55 36.31 -12.27 2.73
C ALA A 55 37.74 -12.47 3.21
N GLY A 56 37.93 -13.40 4.14
CA GLY A 56 39.28 -13.74 4.61
C GLY A 56 40.09 -12.62 5.20
N GLY A 57 39.46 -11.67 5.88
CA GLY A 57 40.20 -10.54 6.45
C GLY A 57 40.47 -9.37 5.52
N ARG A 58 40.05 -9.51 4.26
CA ARG A 58 40.18 -8.42 3.29
C ARG A 58 39.17 -7.33 3.59
N GLY A 59 39.52 -6.10 3.21
CA GLY A 59 38.68 -4.90 3.39
C GLY A 59 38.78 -4.04 2.15
N ALA A 60 39.48 -2.90 2.21
CA ALA A 60 39.63 -2.01 1.03
C ALA A 60 40.24 -2.70 -0.17
N GLY A 61 39.65 -2.50 -1.34
CA GLY A 61 40.10 -3.12 -2.56
C GLY A 61 39.33 -4.41 -2.87
N TYR A 62 38.64 -4.95 -1.85
CA TYR A 62 37.82 -6.15 -2.00
C TYR A 62 36.31 -5.91 -1.68
N VAL A 63 36.00 -5.30 -0.54
CA VAL A 63 34.61 -4.88 -0.17
C VAL A 63 34.41 -3.49 -0.76
N PRO A 64 33.51 -3.35 -1.74
CA PRO A 64 33.40 -2.05 -2.40
C PRO A 64 32.92 -0.94 -1.48
N ASP A 65 33.42 0.28 -1.69
CA ASP A 65 32.89 1.44 -0.95
C ASP A 65 31.37 1.46 -1.10
N GLY A 66 30.69 1.81 -0.02
CA GLY A 66 29.24 1.90 -0.06
C GLY A 66 28.50 0.60 0.13
N THR A 67 29.21 -0.50 0.39
CA THR A 67 28.58 -1.82 0.57
C THR A 67 29.01 -2.52 1.86
N LEU A 68 29.74 -1.81 2.71
CA LEU A 68 30.27 -2.46 3.92
C LEU A 68 29.16 -3.06 4.78
N CYS A 69 28.03 -2.36 4.87
CA CYS A 69 26.97 -2.76 5.81
C CYS A 69 26.17 -3.98 5.36
N SER A 70 26.41 -4.42 4.13
CA SER A 70 25.81 -5.64 3.61
C SER A 70 26.88 -6.67 3.24
N ALA A 71 28.10 -6.54 3.80
CA ALA A 71 29.17 -7.49 3.48
C ALA A 71 29.45 -7.56 1.99
N GLY A 72 29.46 -6.41 1.33
CA GLY A 72 29.74 -6.35 -0.11
C GLY A 72 28.69 -6.96 -0.98
N ASP A 73 27.48 -7.11 -0.43
CA ASP A 73 26.37 -7.80 -1.10
C ASP A 73 26.70 -9.22 -1.49
N ARG A 74 27.54 -9.86 -0.69
CA ARG A 74 27.96 -11.24 -0.93
C ARG A 74 27.37 -12.27 0.03
N SER A 75 26.45 -11.88 0.91
CA SER A 75 25.86 -12.82 1.88
C SER A 75 24.80 -13.68 1.20
N PRO A 76 24.29 -14.67 1.92
CA PRO A 76 23.18 -15.46 1.40
C PRO A 76 21.84 -14.72 1.29
N TYR A 77 21.76 -13.49 1.80
CA TYR A 77 20.53 -12.73 1.91
C TYR A 77 20.70 -11.33 1.33
N ASP A 78 19.57 -10.67 1.09
CA ASP A 78 19.56 -9.31 0.58
C ASP A 78 19.62 -8.36 1.76
N PHE A 79 20.79 -7.75 1.97
CA PHE A 79 20.97 -6.73 3.02
C PHE A 79 21.30 -5.40 2.37
N SER A 80 21.04 -5.29 1.08
CA SER A 80 21.45 -4.11 0.31
C SER A 80 20.87 -2.80 0.85
N ALA A 81 19.64 -2.86 1.33
CA ALA A 81 18.97 -1.66 1.87
C ALA A 81 19.63 -1.04 3.08
N TYR A 82 20.44 -1.84 3.78
CA TYR A 82 21.09 -1.43 5.02
C TYR A 82 22.33 -0.62 4.72
N ASN A 83 22.70 -0.48 3.44
CA ASN A 83 23.66 0.55 3.02
C ASN A 83 23.08 1.95 2.76
N ALA A 84 21.76 2.12 2.76
CA ALA A 84 21.15 3.42 2.43
C ALA A 84 21.77 4.54 3.22
N ALA A 85 22.23 5.56 2.50
CA ALA A 85 22.92 6.70 3.10
C ALA A 85 21.87 7.71 3.58
N ARG A 86 21.31 7.42 4.75
CA ARG A 86 20.21 8.17 5.35
C ARG A 86 20.60 8.57 6.76
N SER A 87 20.05 9.68 7.24
CA SER A 87 20.34 10.15 8.60
C SER A 87 19.26 9.77 9.60
N ASP A 88 18.24 9.04 9.17
CA ASP A 88 17.07 8.75 10.02
C ASP A 88 17.05 7.29 10.54
N TRP A 89 18.13 6.53 10.38
CA TRP A 89 18.23 5.21 10.97
C TRP A 89 18.16 5.34 12.50
N PRO A 90 17.74 4.26 13.19
CA PRO A 90 17.85 4.29 14.64
C PRO A 90 19.29 4.46 15.06
N ARG A 91 19.55 5.09 16.19
CA ARG A 91 20.91 5.31 16.60
C ARG A 91 21.06 5.25 18.10
N THR A 92 22.30 5.00 18.51
CA THR A 92 22.69 4.97 19.90
C THR A 92 23.36 6.29 20.27
N HIS A 93 22.90 6.86 21.38
CA HIS A 93 23.42 8.12 21.87
C HIS A 93 24.62 7.83 22.77
N LEU A 94 25.76 8.45 22.43
CA LEU A 94 27.03 8.22 23.11
C LEU A 94 27.66 9.48 23.64
N THR A 95 28.56 9.31 24.60
CA THR A 95 29.34 10.42 25.13
C THR A 95 30.77 10.27 24.63
N SER A 96 31.20 11.26 23.83
CA SER A 96 32.58 11.34 23.42
C SER A 96 33.47 11.42 24.68
N GLY A 97 34.48 10.56 24.71
CA GLY A 97 35.38 10.47 25.84
C GLY A 97 35.07 9.36 26.84
N ALA A 98 33.86 8.81 26.81
CA ALA A 98 33.45 7.76 27.74
C ALA A 98 33.93 6.40 27.24
N THR A 99 34.14 5.49 28.19
CA THR A 99 34.39 4.08 27.95
C THR A 99 33.06 3.35 28.07
N ILE A 100 32.70 2.57 27.06
CA ILE A 100 31.36 1.95 26.97
C ILE A 100 31.47 0.44 26.89
N PRO A 101 30.45 -0.27 27.40
CA PRO A 101 30.46 -1.73 27.26
C PRO A 101 29.89 -2.12 25.89
N VAL A 102 30.68 -2.80 25.08
CA VAL A 102 30.27 -3.23 23.74
C VAL A 102 29.77 -4.67 23.82
N GLU A 103 28.68 -4.98 23.07
CA GLU A 103 28.08 -6.31 23.01
C GLU A 103 27.94 -6.70 21.56
N TYR A 104 28.40 -7.90 21.21
CA TYR A 104 28.30 -8.39 19.84
C TYR A 104 27.68 -9.77 19.87
N SER A 105 26.65 -10.00 19.06
CA SER A 105 25.92 -11.26 19.10
C SER A 105 26.80 -12.47 18.93
N ASN A 106 26.56 -13.50 19.74
CA ASN A 106 27.20 -14.81 19.51
C ASN A 106 26.18 -15.84 19.02
N TRP A 107 25.34 -15.43 18.07
CA TRP A 107 24.29 -16.34 17.60
C TRP A 107 24.89 -17.68 17.15
N ALA A 108 26.00 -17.65 16.43
CA ALA A 108 26.91 -18.80 16.37
C ALA A 108 28.29 -18.28 16.65
N ALA A 109 29.01 -18.96 17.55
CA ALA A 109 30.28 -18.46 18.04
C ALA A 109 31.43 -18.97 17.17
N HIS A 110 32.49 -18.17 17.13
CA HIS A 110 33.67 -18.48 16.34
C HIS A 110 34.88 -17.81 16.96
N PRO A 111 36.07 -18.42 16.84
CA PRO A 111 37.29 -17.73 17.22
C PRO A 111 37.71 -16.63 16.19
N GLY A 112 38.36 -15.57 16.65
CA GLY A 112 38.80 -14.49 15.75
C GLY A 112 38.86 -13.13 16.41
N ASP A 113 39.06 -12.11 15.56
CA ASP A 113 39.22 -10.70 15.94
C ASP A 113 38.02 -9.90 15.54
N PHE A 114 37.66 -8.94 16.38
CA PHE A 114 36.74 -7.90 16.02
C PHE A 114 37.51 -6.62 15.72
N ARG A 115 37.45 -6.19 14.47
CA ARG A 115 38.12 -4.96 14.03
C ARG A 115 37.10 -3.88 14.08
N VAL A 116 37.35 -2.89 14.93
CA VAL A 116 36.38 -1.84 15.22
C VAL A 116 36.85 -0.49 14.66
N TYR A 117 36.00 0.13 13.85
CA TYR A 117 36.29 1.38 13.13
C TYR A 117 35.27 2.49 13.40
N LEU A 118 35.73 3.73 13.35
CA LEU A 118 34.81 4.88 13.55
C LEU A 118 34.97 5.85 12.40
N THR A 119 33.86 6.33 11.90
CA THR A 119 33.86 7.33 10.86
C THR A 119 34.57 8.58 11.34
N LYS A 120 35.31 9.16 10.42
CA LYS A 120 36.13 10.34 10.70
C LYS A 120 35.30 11.57 11.00
N PRO A 121 35.88 12.50 11.75
CA PRO A 121 35.18 13.76 11.98
C PRO A 121 34.78 14.39 10.65
N GLY A 122 33.57 14.93 10.61
CA GLY A 122 33.07 15.58 9.41
C GLY A 122 32.25 14.66 8.54
N TRP A 123 32.44 13.36 8.64
CA TRP A 123 31.60 12.43 7.91
C TRP A 123 30.21 12.42 8.49
N SER A 124 29.20 12.47 7.64
CA SER A 124 27.82 12.31 8.07
C SER A 124 27.10 11.24 7.23
N PRO A 125 26.05 10.64 7.81
CA PRO A 125 25.42 9.47 7.22
C PRO A 125 24.62 9.68 5.93
N THR A 126 24.43 10.91 5.48
CA THR A 126 23.88 11.13 4.14
C THR A 126 24.96 11.01 3.05
N SER A 127 26.22 10.83 3.44
CA SER A 127 27.28 10.48 2.52
C SER A 127 27.55 8.98 2.47
N GLU A 128 28.08 8.54 1.33
CA GLU A 128 28.54 7.16 1.19
C GLU A 128 29.56 6.82 2.29
N LEU A 129 29.45 5.61 2.83
CA LEU A 129 30.44 5.05 3.75
C LEU A 129 31.51 4.29 2.97
N GLY A 130 32.69 4.88 2.88
CA GLY A 130 33.83 4.20 2.26
C GLY A 130 34.89 3.87 3.30
N TRP A 131 35.80 2.98 2.92
CA TRP A 131 36.97 2.70 3.74
C TRP A 131 37.77 3.96 4.11
N ASP A 132 37.89 4.93 3.21
CA ASP A 132 38.65 6.14 3.57
C ASP A 132 37.90 7.11 4.48
N ASP A 133 36.68 6.77 4.84
CA ASP A 133 35.96 7.53 5.85
C ASP A 133 36.06 6.89 7.23
N LEU A 134 36.74 5.75 7.33
CA LEU A 134 36.82 4.96 8.58
C LEU A 134 38.22 4.92 9.12
N GLU A 135 38.32 4.97 10.46
CA GLU A 135 39.59 4.79 11.18
C GLU A 135 39.46 3.61 12.15
N LEU A 136 40.40 2.67 12.04
CA LEU A 136 40.54 1.55 12.96
C LEU A 136 40.94 2.07 14.31
N ILE A 137 40.09 1.83 15.31
CA ILE A 137 40.31 2.37 16.66
C ILE A 137 40.55 1.29 17.72
N GLN A 138 40.23 0.03 17.41
CA GLN A 138 40.43 -1.07 18.33
C GLN A 138 40.37 -2.40 17.58
N THR A 139 41.20 -3.37 17.96
CA THR A 139 40.99 -4.75 17.52
C THR A 139 40.90 -5.59 18.76
N VAL A 140 39.86 -6.42 18.87
CA VAL A 140 39.59 -7.23 20.06
C VAL A 140 39.71 -8.68 19.70
N THR A 141 40.72 -9.34 20.25
CA THR A 141 41.00 -10.73 19.91
C THR A 141 40.32 -11.66 20.90
N ASN A 142 39.43 -12.52 20.40
CA ASN A 142 38.77 -13.55 21.22
C ASN A 142 38.24 -13.04 22.58
N PRO A 143 37.34 -12.04 22.53
CA PRO A 143 36.73 -11.55 23.76
C PRO A 143 35.84 -12.63 24.38
N PRO A 144 35.55 -12.49 25.69
CA PRO A 144 34.67 -13.44 26.37
C PRO A 144 33.19 -13.32 25.97
N GLN A 145 32.41 -14.33 26.40
CA GLN A 145 30.99 -14.40 26.07
C GLN A 145 30.12 -14.44 27.32
N GLN A 146 28.95 -13.81 27.24
CA GLN A 146 27.91 -13.88 28.28
C GLN A 146 26.67 -14.45 27.61
N GLY A 147 26.16 -15.57 28.11
CA GLY A 147 25.07 -16.27 27.44
C GLY A 147 25.60 -17.28 26.44
N SER A 148 24.92 -18.42 26.34
CA SER A 148 25.35 -19.47 25.44
C SER A 148 25.11 -19.05 23.99
N PRO A 149 25.98 -19.51 23.07
CA PRO A 149 25.73 -19.24 21.68
C PRO A 149 24.36 -19.72 21.24
N GLY A 150 23.71 -18.96 20.37
CA GLY A 150 22.40 -19.34 19.85
C GLY A 150 21.23 -19.14 20.80
N THR A 151 21.45 -18.47 21.93
CA THR A 151 20.38 -18.10 22.86
C THR A 151 20.09 -16.61 22.77
N ASP A 152 18.84 -16.22 22.98
CA ASP A 152 18.45 -14.83 22.87
C ASP A 152 19.23 -14.00 23.87
N GLY A 153 19.83 -12.91 23.42
CA GLY A 153 20.60 -12.02 24.29
C GLY A 153 22.07 -12.39 24.45
N GLY A 154 22.49 -13.52 23.88
CA GLY A 154 23.87 -13.97 24.01
C GLY A 154 24.82 -13.06 23.28
N HIS A 155 26.00 -12.84 23.86
CA HIS A 155 26.94 -11.93 23.22
C HIS A 155 28.37 -12.06 23.74
N TYR A 156 29.28 -11.71 22.83
CA TYR A 156 30.63 -11.30 23.19
C TYR A 156 30.55 -9.93 23.85
N TYR A 157 31.52 -9.61 24.70
CA TYR A 157 31.52 -8.37 25.42
C TYR A 157 32.98 -7.92 25.60
N TRP A 158 33.14 -6.61 25.48
CA TRP A 158 34.40 -5.91 25.73
C TRP A 158 34.16 -4.42 25.94
N ASP A 159 35.18 -3.70 26.40
CA ASP A 159 35.07 -2.26 26.62
C ASP A 159 35.67 -1.51 25.44
N LEU A 160 35.07 -0.37 25.08
CA LEU A 160 35.61 0.57 24.09
C LEU A 160 35.72 2.00 24.65
N ALA A 161 36.93 2.57 24.66
CA ALA A 161 37.17 3.94 25.09
C ALA A 161 36.92 4.84 23.90
N LEU A 162 35.83 5.59 23.92
CA LEU A 162 35.42 6.38 22.77
C LEU A 162 36.31 7.63 22.69
N PRO A 163 36.79 7.97 21.49
CA PRO A 163 37.61 9.17 21.36
C PRO A 163 36.89 10.42 21.89
N SER A 164 37.68 11.33 22.47
CA SER A 164 37.27 12.68 22.81
C SER A 164 37.21 13.58 21.58
N GLY A 165 36.59 14.75 21.74
CA GLY A 165 36.54 15.77 20.68
C GLY A 165 35.58 15.46 19.56
N ARG A 166 34.64 14.56 19.77
CA ARG A 166 33.67 14.20 18.76
C ARG A 166 32.27 14.71 19.08
N SER A 167 31.52 15.01 18.02
CA SER A 167 30.15 15.46 18.14
C SER A 167 29.35 15.05 16.93
N GLY A 168 28.03 15.10 17.05
CA GLY A 168 27.15 14.78 15.95
C GLY A 168 27.16 13.31 15.56
N ASP A 169 26.59 13.02 14.39
CA ASP A 169 26.40 11.65 13.96
C ASP A 169 27.71 11.03 13.52
N ALA A 170 27.77 9.72 13.62
CA ALA A 170 28.93 8.94 13.19
C ALA A 170 28.44 7.50 12.98
N LEU A 171 29.32 6.61 12.57
CA LEU A 171 28.96 5.21 12.47
C LEU A 171 30.15 4.37 12.96
N ILE A 172 29.86 3.30 13.66
CA ILE A 172 30.89 2.33 14.06
C ILE A 172 30.71 1.10 13.19
N PHE A 173 31.75 0.77 12.44
CA PHE A 173 31.78 -0.40 11.57
C PHE A 173 32.69 -1.44 12.20
N MET A 174 32.22 -2.69 12.24
CA MET A 174 33.01 -3.79 12.75
C MET A 174 33.10 -4.90 11.75
N GLN A 175 34.28 -5.46 11.63
CA GLN A 175 34.52 -6.65 10.82
C GLN A 175 35.00 -7.75 11.75
N TRP A 176 34.22 -8.82 11.79
CA TRP A 176 34.52 -9.98 12.60
C TRP A 176 35.26 -10.94 11.71
N VAL A 177 36.54 -11.11 12.00
CA VAL A 177 37.45 -11.89 11.17
C VAL A 177 37.74 -13.20 11.86
N ARG A 178 37.11 -14.27 11.37
CA ARG A 178 37.33 -15.59 11.93
C ARG A 178 38.78 -16.00 11.72
N SER A 179 39.33 -16.66 12.73
CA SER A 179 40.68 -17.23 12.61
C SER A 179 40.67 -18.63 12.03
N ASP A 180 39.49 -19.23 11.86
CA ASP A 180 39.37 -20.63 11.42
C ASP A 180 38.57 -20.78 10.14
N SER A 181 38.42 -19.71 9.38
CA SER A 181 37.53 -19.69 8.24
C SER A 181 37.76 -18.40 7.49
N GLN A 182 37.45 -18.44 6.19
CA GLN A 182 37.45 -17.23 5.35
C GLN A 182 36.17 -16.40 5.58
N GLU A 183 35.17 -16.98 6.24
CA GLU A 183 33.93 -16.26 6.52
C GLU A 183 34.17 -15.14 7.52
N ASN A 184 33.69 -13.94 7.18
CA ASN A 184 33.72 -12.79 8.06
C ASN A 184 32.30 -12.17 8.15
N PHE A 185 32.05 -11.42 9.22
CA PHE A 185 30.79 -10.70 9.45
C PHE A 185 31.01 -9.18 9.42
N PHE A 186 29.97 -8.46 9.03
CA PHE A 186 30.06 -7.04 8.77
C PHE A 186 28.96 -6.32 9.50
N SER A 187 29.35 -5.36 10.33
CA SER A 187 28.42 -4.70 11.24
C SER A 187 28.50 -3.21 11.19
N CYS A 188 27.35 -2.54 11.06
CA CYS A 188 27.29 -1.06 10.97
C CYS A 188 26.34 -0.50 12.00
N SER A 189 26.84 0.37 12.86
CA SER A 189 26.05 0.94 13.96
C SER A 189 26.04 2.47 13.86
N ASP A 190 24.84 3.02 13.68
CA ASP A 190 24.65 4.44 13.73
C ASP A 190 24.69 4.95 15.15
N VAL A 191 25.45 6.02 15.38
CA VAL A 191 25.60 6.60 16.72
C VAL A 191 25.55 8.11 16.60
N VAL A 192 25.37 8.78 17.74
CA VAL A 192 25.51 10.24 17.79
C VAL A 192 26.24 10.58 19.07
N PHE A 193 27.24 11.45 18.95
CA PHE A 193 28.01 11.92 20.09
C PHE A 193 27.37 13.19 20.62
N ASP A 194 26.30 13.00 21.40
CA ASP A 194 25.57 14.13 21.99
C ASP A 194 25.49 14.07 23.51
N GLY A 195 26.19 13.12 24.13
CA GLY A 195 26.08 12.93 25.57
C GLY A 195 27.00 13.81 26.40
N GLY A 196 26.74 13.81 27.71
CA GLY A 196 27.55 14.48 28.75
C GLY A 196 27.31 15.96 28.74
N HIS B 1 14.71 -11.75 -32.86
CA HIS B 1 13.87 -11.05 -31.87
C HIS B 1 12.47 -10.95 -32.39
N GLY B 2 11.54 -11.57 -31.68
CA GLY B 2 10.14 -11.49 -32.02
C GLY B 2 9.29 -12.48 -31.25
N VAL B 3 8.04 -12.10 -31.05
CA VAL B 3 6.98 -12.99 -30.61
C VAL B 3 5.77 -12.78 -31.53
N ALA B 4 4.74 -13.59 -31.35
CA ALA B 4 3.55 -13.47 -32.21
C ALA B 4 2.84 -12.13 -32.04
N MET B 5 2.41 -11.56 -33.15
CA MET B 5 1.65 -10.31 -33.14
C MET B 5 0.16 -10.50 -33.43
N MET B 6 -0.16 -11.47 -34.29
N MET B 6 -0.16 -11.50 -34.25
CA MET B 6 -1.53 -11.86 -34.60
CA MET B 6 -1.55 -11.82 -34.57
C MET B 6 -1.58 -13.38 -34.76
C MET B 6 -1.66 -13.34 -34.80
N PRO B 7 -2.31 -14.09 -33.87
CA PRO B 7 -2.85 -13.64 -32.57
C PRO B 7 -1.72 -13.28 -31.65
N GLY B 8 -1.85 -12.14 -31.02
CA GLY B 8 -0.74 -11.55 -30.30
C GLY B 8 -0.37 -12.29 -29.02
N SER B 9 0.93 -12.31 -28.74
N SER B 9 0.94 -12.32 -28.75
CA SER B 9 1.42 -12.95 -27.53
CA SER B 9 1.49 -12.98 -27.57
C SER B 9 1.12 -12.09 -26.32
C SER B 9 1.34 -12.07 -26.36
N ARG B 10 1.38 -12.66 -25.16
CA ARG B 10 1.14 -11.93 -23.90
C ARG B 10 1.94 -10.64 -23.77
N THR B 11 3.24 -10.68 -24.02
CA THR B 11 4.04 -9.44 -23.91
C THR B 11 3.63 -8.41 -24.96
N TYR B 12 3.29 -8.87 -26.16
CA TYR B 12 2.91 -7.94 -27.22
C TYR B 12 1.56 -7.29 -26.95
N LEU B 13 0.56 -8.09 -26.58
CA LEU B 13 -0.75 -7.52 -26.25
C LEU B 13 -0.68 -6.63 -25.05
N CYS B 14 0.13 -7.00 -24.06
CA CYS B 14 0.28 -6.15 -22.89
C CYS B 14 0.97 -4.84 -23.22
N GLN B 15 1.97 -4.86 -24.09
CA GLN B 15 2.63 -3.60 -24.44
C GLN B 15 1.68 -2.70 -25.27
N LEU B 16 0.82 -3.29 -26.11
CA LEU B 16 -0.23 -2.52 -26.75
C LEU B 16 -1.20 -1.93 -25.71
N ASP B 17 -1.58 -2.72 -24.70
CA ASP B 17 -2.52 -2.27 -23.68
C ASP B 17 -1.95 -1.07 -22.90
N ALA B 18 -0.62 -1.08 -22.73
CA ALA B 18 0.10 -0.10 -21.90
C ALA B 18 0.59 1.16 -22.62
N LYS B 19 0.54 1.13 -23.96
CA LYS B 19 1.17 2.17 -24.78
C LYS B 19 0.66 3.56 -24.42
N THR B 20 1.60 4.50 -24.27
CA THR B 20 1.28 5.91 -24.15
C THR B 20 2.16 6.72 -25.07
N GLY B 21 1.75 7.95 -25.34
CA GLY B 21 2.50 8.86 -26.21
C GLY B 21 3.87 9.28 -25.68
N THR B 22 4.07 9.20 -24.37
CA THR B 22 5.35 9.59 -23.76
C THR B 22 6.28 8.40 -23.57
N GLY B 23 5.81 7.19 -23.78
CA GLY B 23 6.62 6.02 -23.53
C GLY B 23 6.41 5.44 -22.15
N ALA B 24 5.66 6.12 -21.29
CA ALA B 24 5.23 5.52 -20.03
C ALA B 24 4.33 4.32 -20.31
N LEU B 25 4.24 3.41 -19.35
CA LEU B 25 3.46 2.20 -19.53
C LEU B 25 2.27 2.24 -18.58
N ASP B 26 1.07 2.23 -19.13
CA ASP B 26 -0.15 2.47 -18.37
C ASP B 26 -1.20 1.42 -18.74
N PRO B 27 -0.95 0.16 -18.37
CA PRO B 27 -1.92 -0.88 -18.73
C PRO B 27 -3.20 -0.74 -17.92
N THR B 28 -4.29 -1.18 -18.51
CA THR B 28 -5.57 -1.23 -17.78
C THR B 28 -6.06 -2.66 -17.62
N ASN B 29 -5.59 -3.58 -18.45
CA ASN B 29 -5.95 -4.98 -18.27
C ASN B 29 -5.32 -5.50 -16.97
N PRO B 30 -6.10 -6.20 -16.15
CA PRO B 30 -5.61 -6.54 -14.82
C PRO B 30 -4.43 -7.49 -14.83
N ALA B 31 -4.40 -8.41 -15.79
CA ALA B 31 -3.32 -9.36 -15.88
C ALA B 31 -2.04 -8.63 -16.25
N CYS B 32 -2.16 -7.71 -17.21
CA CYS B 32 -1.01 -6.93 -17.65
C CYS B 32 -0.53 -6.02 -16.52
N GLN B 33 -1.46 -5.43 -15.75
CA GLN B 33 -1.09 -4.63 -14.59
C GLN B 33 -0.27 -5.44 -13.59
N ALA B 34 -0.75 -6.65 -13.28
CA ALA B 34 -0.03 -7.53 -12.37
C ALA B 34 1.36 -7.88 -12.91
N ALA B 35 1.44 -8.12 -14.21
CA ALA B 35 2.70 -8.53 -14.79
C ALA B 35 3.68 -7.37 -14.77
N LEU B 36 3.20 -6.15 -15.03
CA LEU B 36 4.06 -4.97 -14.94
C LEU B 36 4.60 -4.79 -13.53
N ASP B 37 3.71 -4.90 -12.55
CA ASP B 37 4.10 -4.74 -11.16
C ASP B 37 5.16 -5.75 -10.76
N GLN B 38 4.99 -6.99 -11.19
CA GLN B 38 5.87 -8.04 -10.73
C GLN B 38 7.21 -8.02 -11.48
N SER B 39 7.13 -8.19 -12.79
CA SER B 39 8.33 -8.44 -13.59
C SER B 39 8.95 -7.14 -14.14
N GLY B 40 8.24 -6.01 -14.08
CA GLY B 40 8.81 -4.70 -14.47
C GLY B 40 8.57 -4.25 -15.90
N ALA B 41 8.79 -2.95 -16.13
CA ALA B 41 8.53 -2.32 -17.43
C ALA B 41 9.48 -2.80 -18.53
N THR B 42 10.68 -3.24 -18.15
CA THR B 42 11.68 -3.66 -19.13
C THR B 42 11.11 -4.74 -20.04
N ALA B 43 10.33 -5.66 -19.48
CA ALA B 43 9.70 -6.71 -20.28
C ALA B 43 8.84 -6.17 -21.43
N LEU B 44 8.11 -5.09 -21.17
CA LEU B 44 7.23 -4.52 -22.17
C LEU B 44 7.98 -3.72 -23.21
N TYR B 45 9.04 -3.04 -22.80
CA TYR B 45 9.89 -2.38 -23.78
C TYR B 45 10.61 -3.40 -24.67
N ASN B 46 10.91 -4.56 -24.11
CA ASN B 46 11.60 -5.65 -24.80
C ASN B 46 10.67 -6.83 -25.02
N TRP B 47 9.45 -6.50 -25.43
CA TRP B 47 8.39 -7.49 -25.56
C TRP B 47 8.73 -8.64 -26.53
N PHE B 48 9.61 -8.35 -27.47
CA PHE B 48 10.07 -9.32 -28.50
C PHE B 48 11.21 -10.24 -28.06
N ALA B 49 11.75 -10.01 -26.86
CA ALA B 49 13.02 -10.63 -26.48
C ALA B 49 12.84 -11.86 -25.56
N VAL B 50 11.74 -12.61 -25.76
CA VAL B 50 11.48 -13.79 -24.93
C VAL B 50 12.28 -14.98 -25.49
N LEU B 51 13.54 -15.05 -25.11
CA LEU B 51 14.52 -15.96 -25.71
C LEU B 51 15.31 -16.81 -24.73
N ASP B 52 15.79 -17.95 -25.23
CA ASP B 52 16.80 -18.71 -24.52
C ASP B 52 17.92 -18.96 -25.50
N SER B 53 19.09 -18.39 -25.22
N SER B 53 19.08 -18.39 -25.22
CA SER B 53 20.22 -18.47 -26.13
CA SER B 53 20.23 -18.47 -26.12
C SER B 53 20.73 -19.88 -26.36
C SER B 53 20.72 -19.89 -26.36
N ASN B 54 20.32 -20.82 -25.50
CA ASN B 54 20.84 -22.19 -25.54
C ASN B 54 19.78 -23.23 -25.76
N ALA B 55 18.57 -22.83 -26.16
CA ALA B 55 17.50 -23.83 -26.33
C ALA B 55 17.83 -24.90 -27.36
N GLY B 56 18.25 -24.48 -28.55
CA GLY B 56 18.65 -25.44 -29.57
C GLY B 56 17.56 -26.45 -29.97
N GLY B 57 16.31 -26.01 -29.98
CA GLY B 57 15.22 -26.80 -30.47
C GLY B 57 14.66 -27.76 -29.44
N ARG B 58 15.21 -27.73 -28.23
CA ARG B 58 14.72 -28.59 -27.12
C ARG B 58 13.45 -28.02 -26.56
N GLY B 59 12.63 -28.90 -25.98
CA GLY B 59 11.33 -28.48 -25.43
C GLY B 59 11.11 -29.27 -24.16
N ALA B 60 10.23 -30.27 -24.24
CA ALA B 60 9.90 -31.11 -23.10
C ALA B 60 11.17 -31.72 -22.57
N GLY B 61 11.35 -31.69 -21.26
CA GLY B 61 12.55 -32.19 -20.64
C GLY B 61 13.60 -31.14 -20.40
N TYR B 62 13.49 -30.02 -21.13
CA TYR B 62 14.46 -28.94 -20.97
C TYR B 62 13.86 -27.62 -20.51
N VAL B 63 12.78 -27.21 -21.18
CA VAL B 63 11.97 -26.07 -20.70
C VAL B 63 10.96 -26.59 -19.69
N PRO B 64 11.08 -26.23 -18.39
CA PRO B 64 10.15 -26.77 -17.43
C PRO B 64 8.69 -26.41 -17.70
N ASP B 65 7.79 -27.34 -17.44
CA ASP B 65 6.37 -27.03 -17.45
C ASP B 65 6.07 -25.81 -16.59
N GLY B 66 5.15 -24.99 -17.09
CA GLY B 66 4.75 -23.77 -16.45
C GLY B 66 5.69 -22.60 -16.65
N THR B 67 6.75 -22.77 -17.43
CA THR B 67 7.69 -21.65 -17.71
C THR B 67 7.83 -21.35 -19.24
N LEU B 68 7.02 -21.94 -20.10
CA LEU B 68 7.20 -21.79 -21.55
C LEU B 68 7.10 -20.36 -22.02
N CYS B 69 6.20 -19.59 -21.42
CA CYS B 69 5.95 -18.23 -21.86
C CYS B 69 7.06 -17.26 -21.48
N SER B 70 8.01 -17.70 -20.64
CA SER B 70 9.15 -16.87 -20.32
C SER B 70 10.45 -17.49 -20.80
N ALA B 71 10.37 -18.42 -21.75
CA ALA B 71 11.57 -19.10 -22.28
C ALA B 71 12.31 -19.84 -21.15
N GLY B 72 11.55 -20.49 -20.26
CA GLY B 72 12.15 -21.23 -19.14
C GLY B 72 12.85 -20.34 -18.13
N ASP B 73 12.49 -19.06 -18.09
CA ASP B 73 13.18 -18.06 -17.27
C ASP B 73 14.66 -17.96 -17.54
N ARG B 74 15.04 -18.21 -18.79
CA ARG B 74 16.44 -18.19 -19.18
C ARG B 74 16.81 -16.99 -20.04
N SER B 75 15.90 -16.05 -20.24
CA SER B 75 16.19 -14.88 -21.09
C SER B 75 16.98 -13.83 -20.32
N PRO B 76 17.43 -12.77 -21.03
CA PRO B 76 18.13 -11.67 -20.38
C PRO B 76 17.24 -10.82 -19.48
N TYR B 77 15.92 -11.01 -19.58
CA TYR B 77 14.94 -10.20 -18.87
C TYR B 77 14.03 -11.05 -18.00
N ASP B 78 13.41 -10.40 -17.02
CA ASP B 78 12.39 -11.01 -16.20
C ASP B 78 11.04 -10.99 -16.97
N PHE B 79 10.66 -12.16 -17.48
CA PHE B 79 9.31 -12.39 -18.08
C PHE B 79 8.49 -13.39 -17.24
N SER B 80 8.90 -13.60 -16.01
CA SER B 80 8.29 -14.65 -15.19
C SER B 80 6.79 -14.45 -15.00
N ALA B 81 6.36 -13.22 -14.83
CA ALA B 81 4.95 -12.89 -14.61
C ALA B 81 4.08 -13.31 -15.80
N TYR B 82 4.67 -13.41 -16.99
CA TYR B 82 3.93 -13.80 -18.21
C TYR B 82 3.57 -15.28 -18.26
N ASN B 83 3.99 -16.04 -17.21
CA ASN B 83 3.50 -17.40 -16.99
C ASN B 83 2.27 -17.48 -16.13
N ALA B 84 1.83 -16.36 -15.58
CA ALA B 84 0.76 -16.43 -14.57
C ALA B 84 -0.47 -17.12 -15.11
N ALA B 85 -0.97 -18.09 -14.39
CA ALA B 85 -2.06 -18.92 -14.86
C ALA B 85 -3.36 -18.23 -14.50
N ARG B 86 -3.69 -17.25 -15.34
CA ARG B 86 -4.90 -16.39 -15.17
C ARG B 86 -5.79 -16.47 -16.39
N SER B 87 -7.09 -16.24 -16.22
CA SER B 87 -8.02 -16.30 -17.36
C SER B 87 -8.35 -14.91 -17.89
N ASP B 88 -7.70 -13.88 -17.35
CA ASP B 88 -8.06 -12.49 -17.65
C ASP B 88 -6.98 -11.73 -18.44
N TRP B 89 -6.00 -12.45 -18.99
CA TRP B 89 -5.08 -11.87 -19.97
C TRP B 89 -5.87 -11.37 -21.21
N PRO B 90 -5.36 -10.34 -21.90
CA PRO B 90 -5.92 -9.97 -23.20
C PRO B 90 -5.96 -11.19 -24.10
N ARG B 91 -7.00 -11.28 -24.95
CA ARG B 91 -7.10 -12.45 -25.81
C ARG B 91 -7.63 -12.11 -27.19
N THR B 92 -7.30 -12.95 -28.14
CA THR B 92 -7.81 -12.85 -29.49
C THR B 92 -8.99 -13.79 -29.68
N HIS B 93 -10.05 -13.23 -30.23
CA HIS B 93 -11.27 -13.98 -30.49
C HIS B 93 -11.16 -14.65 -31.84
N LEU B 94 -11.33 -15.98 -31.85
CA LEU B 94 -11.13 -16.79 -33.02
C LEU B 94 -12.36 -17.63 -33.34
N THR B 95 -12.47 -18.04 -34.60
CA THR B 95 -13.50 -18.94 -35.08
C THR B 95 -12.87 -20.31 -35.37
N SER B 96 -13.25 -21.30 -34.56
CA SER B 96 -12.85 -22.69 -34.77
C SER B 96 -13.29 -23.13 -36.18
N GLY B 97 -12.34 -23.66 -36.94
CA GLY B 97 -12.55 -24.08 -38.33
C GLY B 97 -12.13 -23.04 -39.39
N ALA B 98 -11.86 -21.82 -38.96
CA ALA B 98 -11.45 -20.76 -39.89
C ALA B 98 -9.94 -20.79 -40.11
N THR B 99 -9.54 -20.34 -41.30
CA THR B 99 -8.13 -20.14 -41.57
C THR B 99 -7.80 -18.67 -41.37
N ILE B 100 -6.78 -18.40 -40.57
CA ILE B 100 -6.43 -17.04 -40.16
C ILE B 100 -5.03 -16.67 -40.60
N PRO B 101 -4.81 -15.37 -40.84
CA PRO B 101 -3.46 -14.88 -41.05
C PRO B 101 -2.75 -14.79 -39.70
N VAL B 102 -1.58 -15.38 -39.65
CA VAL B 102 -0.68 -15.28 -38.54
C VAL B 102 0.40 -14.27 -38.88
N GLU B 103 0.72 -13.42 -37.92
CA GLU B 103 1.85 -12.50 -38.04
C GLU B 103 2.77 -12.68 -36.81
N TYR B 104 4.07 -12.72 -37.07
CA TYR B 104 5.07 -12.92 -36.00
C TYR B 104 6.13 -11.85 -36.19
N SER B 105 6.52 -11.15 -35.12
CA SER B 105 7.45 -10.02 -35.25
C SER B 105 8.77 -10.42 -35.87
N ASN B 106 9.28 -9.56 -36.74
CA ASN B 106 10.65 -9.69 -37.26
C ASN B 106 11.56 -8.59 -36.73
N TRP B 107 11.41 -8.26 -35.46
CA TRP B 107 12.18 -7.16 -34.89
C TRP B 107 13.67 -7.34 -35.19
N ALA B 108 14.14 -8.59 -35.13
CA ALA B 108 15.38 -8.97 -35.79
C ALA B 108 15.09 -10.31 -36.48
N ALA B 109 15.45 -10.38 -37.77
CA ALA B 109 15.14 -11.55 -38.62
C ALA B 109 16.17 -12.69 -38.46
N HIS B 110 15.69 -13.93 -38.46
CA HIS B 110 16.54 -15.13 -38.41
C HIS B 110 15.93 -16.23 -39.24
N PRO B 111 16.77 -17.05 -39.88
CA PRO B 111 16.27 -18.21 -40.59
C PRO B 111 15.87 -19.30 -39.61
N GLY B 112 14.89 -20.11 -39.98
CA GLY B 112 14.46 -21.21 -39.11
C GLY B 112 12.98 -21.56 -39.19
N ASP B 113 12.52 -22.33 -38.20
CA ASP B 113 11.17 -22.87 -38.18
C ASP B 113 10.34 -22.22 -37.06
N PHE B 114 9.05 -22.04 -37.30
CA PHE B 114 8.08 -21.67 -36.26
C PHE B 114 7.27 -22.92 -35.96
N ARG B 115 7.45 -23.45 -34.77
CA ARG B 115 6.67 -24.59 -34.30
C ARG B 115 5.45 -24.06 -33.55
N VAL B 116 4.25 -24.42 -33.99
CA VAL B 116 3.00 -23.82 -33.52
C VAL B 116 2.13 -24.88 -32.88
N TYR B 117 1.78 -24.65 -31.61
CA TYR B 117 1.09 -25.58 -30.77
C TYR B 117 -0.19 -24.94 -30.29
N LEU B 118 -1.21 -25.76 -30.13
CA LEU B 118 -2.49 -25.32 -29.58
C LEU B 118 -2.80 -26.17 -28.37
N THR B 119 -3.29 -25.54 -27.31
CA THR B 119 -3.66 -26.28 -26.10
C THR B 119 -4.83 -27.25 -26.36
N LYS B 120 -4.79 -28.36 -25.66
CA LYS B 120 -5.79 -29.43 -25.85
C LYS B 120 -7.18 -29.01 -25.43
N PRO B 121 -8.21 -29.66 -26.02
CA PRO B 121 -9.57 -29.47 -25.53
C PRO B 121 -9.63 -29.75 -24.03
N GLY B 122 -10.34 -28.89 -23.32
CA GLY B 122 -10.51 -29.03 -21.88
C GLY B 122 -9.47 -28.34 -21.02
N TRP B 123 -8.36 -27.93 -21.62
CA TRP B 123 -7.38 -27.13 -20.90
C TRP B 123 -7.88 -25.71 -20.76
N SER B 124 -7.77 -25.17 -19.55
N SER B 124 -7.75 -25.18 -19.55
CA SER B 124 -8.18 -23.81 -19.27
CA SER B 124 -8.17 -23.84 -19.20
C SER B 124 -7.01 -23.05 -18.66
C SER B 124 -6.96 -23.06 -18.70
N PRO B 125 -6.94 -21.71 -18.89
CA PRO B 125 -5.78 -20.95 -18.51
C PRO B 125 -5.56 -20.71 -17.03
N THR B 126 -6.50 -21.12 -16.17
CA THR B 126 -6.21 -21.16 -14.74
C THR B 126 -5.39 -22.38 -14.33
N SER B 127 -5.11 -23.27 -15.29
CA SER B 127 -4.22 -24.39 -15.07
C SER B 127 -2.85 -24.04 -15.58
N GLU B 128 -1.86 -24.68 -14.98
CA GLU B 128 -0.48 -24.65 -15.50
C GLU B 128 -0.45 -25.07 -16.97
N LEU B 129 0.39 -24.39 -17.73
CA LEU B 129 0.67 -24.77 -19.08
C LEU B 129 1.87 -25.71 -19.13
N GLY B 130 1.63 -27.01 -19.29
CA GLY B 130 2.68 -27.98 -19.54
C GLY B 130 2.76 -28.49 -20.97
N TRP B 131 3.90 -29.11 -21.30
CA TRP B 131 4.09 -29.66 -22.65
C TRP B 131 3.00 -30.67 -22.99
N ASP B 132 2.52 -31.42 -22.00
CA ASP B 132 1.49 -32.43 -22.27
C ASP B 132 0.10 -31.82 -22.50
N ASP B 133 0.02 -30.49 -22.35
CA ASP B 133 -1.21 -29.75 -22.60
C ASP B 133 -1.27 -29.20 -24.02
N LEU B 134 -0.18 -29.38 -24.77
CA LEU B 134 -0.01 -28.80 -26.08
C LEU B 134 0.04 -29.86 -27.17
N GLU B 135 -0.53 -29.54 -28.32
CA GLU B 135 -0.39 -30.37 -29.53
C GLU B 135 0.18 -29.52 -30.64
N LEU B 136 1.25 -30.03 -31.26
CA LEU B 136 1.87 -29.42 -32.43
C LEU B 136 0.87 -29.51 -33.56
N ILE B 137 0.52 -28.36 -34.15
CA ILE B 137 -0.45 -28.32 -35.26
C ILE B 137 0.12 -27.79 -36.60
N GLN B 138 1.27 -27.12 -36.56
CA GLN B 138 1.97 -26.72 -37.76
C GLN B 138 3.39 -26.34 -37.45
N THR B 139 4.25 -26.56 -38.44
CA THR B 139 5.58 -26.02 -38.44
C THR B 139 5.74 -25.26 -39.73
N VAL B 140 6.23 -24.03 -39.61
CA VAL B 140 6.35 -23.14 -40.74
C VAL B 140 7.81 -22.84 -40.92
N THR B 141 8.38 -23.32 -42.01
CA THR B 141 9.80 -23.14 -42.30
C THR B 141 10.02 -21.88 -43.15
N ASN B 142 10.82 -20.94 -42.64
CA ASN B 142 11.22 -19.73 -43.37
C ASN B 142 10.11 -19.00 -44.14
N PRO B 143 9.06 -18.60 -43.40
CA PRO B 143 7.99 -17.82 -44.02
C PRO B 143 8.45 -16.45 -44.51
N PRO B 144 7.66 -15.86 -45.40
CA PRO B 144 8.00 -14.54 -45.92
C PRO B 144 7.74 -13.45 -44.88
N GLN B 145 8.31 -12.28 -45.14
CA GLN B 145 8.17 -11.13 -44.26
C GLN B 145 7.54 -9.98 -44.98
N GLN B 146 6.83 -9.16 -44.23
CA GLN B 146 6.39 -7.85 -44.71
C GLN B 146 6.81 -6.76 -43.75
N GLY B 147 7.49 -5.74 -44.26
CA GLY B 147 8.10 -4.71 -43.42
C GLY B 147 9.54 -5.14 -43.12
N SER B 148 10.45 -4.18 -43.18
CA SER B 148 11.85 -4.46 -42.94
C SER B 148 12.07 -4.86 -41.48
N PRO B 149 13.04 -5.75 -41.25
CA PRO B 149 13.31 -6.07 -39.85
C PRO B 149 13.64 -4.82 -39.05
N GLY B 150 13.18 -4.79 -37.80
CA GLY B 150 13.44 -3.69 -36.90
C GLY B 150 12.53 -2.47 -37.08
N THR B 151 11.55 -2.56 -37.99
CA THR B 151 10.59 -1.47 -38.19
C THR B 151 9.29 -1.81 -37.46
N ASP B 152 8.66 -0.78 -36.90
CA ASP B 152 7.34 -0.94 -36.30
C ASP B 152 6.38 -1.61 -37.29
N GLY B 153 5.75 -2.69 -36.83
CA GLY B 153 4.75 -3.40 -37.63
C GLY B 153 5.33 -4.53 -38.47
N GLY B 154 6.66 -4.57 -38.63
CA GLY B 154 7.28 -5.59 -39.47
C GLY B 154 7.01 -7.00 -38.96
N HIS B 155 6.81 -7.97 -39.86
CA HIS B 155 6.44 -9.32 -39.42
C HIS B 155 6.62 -10.39 -40.49
N TYR B 156 6.88 -11.60 -40.00
CA TYR B 156 6.70 -12.81 -40.78
C TYR B 156 5.20 -13.06 -40.90
N TYR B 157 4.75 -13.57 -42.05
CA TYR B 157 3.35 -13.95 -42.17
C TYR B 157 3.14 -15.33 -42.74
N TRP B 158 2.09 -15.99 -42.26
CA TRP B 158 1.64 -17.26 -42.86
C TRP B 158 0.19 -17.50 -42.51
N ASP B 159 -0.38 -18.63 -42.96
CA ASP B 159 -1.77 -18.96 -42.68
C ASP B 159 -1.84 -20.16 -41.75
N LEU B 160 -2.82 -20.13 -40.86
CA LEU B 160 -3.12 -21.23 -39.95
C LEU B 160 -4.57 -21.63 -40.08
N ALA B 161 -4.80 -22.90 -40.41
CA ALA B 161 -6.17 -23.45 -40.45
C ALA B 161 -6.50 -23.94 -39.03
N LEU B 162 -7.39 -23.24 -38.33
CA LEU B 162 -7.71 -23.57 -36.95
C LEU B 162 -8.55 -24.81 -36.93
N PRO B 163 -8.26 -25.73 -35.98
CA PRO B 163 -9.05 -26.95 -35.81
C PRO B 163 -10.52 -26.65 -35.59
N SER B 164 -11.36 -27.51 -36.14
CA SER B 164 -12.80 -27.48 -35.86
C SER B 164 -13.08 -28.15 -34.53
N GLY B 165 -14.30 -27.96 -34.03
CA GLY B 165 -14.75 -28.64 -32.82
C GLY B 165 -14.23 -28.03 -31.53
N ARG B 166 -13.76 -26.79 -31.58
CA ARG B 166 -13.20 -26.15 -30.39
C ARG B 166 -14.10 -25.00 -29.91
N SER B 167 -14.03 -24.72 -28.61
CA SER B 167 -14.81 -23.66 -28.01
C SER B 167 -14.08 -23.22 -26.74
N GLY B 168 -14.34 -22.00 -26.31
CA GLY B 168 -13.80 -21.55 -25.03
C GLY B 168 -12.35 -21.16 -25.14
N ASP B 169 -11.74 -20.90 -23.99
CA ASP B 169 -10.38 -20.37 -23.96
C ASP B 169 -9.35 -21.40 -24.39
N ALA B 170 -8.30 -20.94 -25.06
CA ALA B 170 -7.15 -21.76 -25.37
C ALA B 170 -5.90 -20.88 -25.44
N LEU B 171 -4.76 -21.49 -25.74
CA LEU B 171 -3.52 -20.78 -25.83
C LEU B 171 -2.76 -21.38 -26.98
N ILE B 172 -2.22 -20.49 -27.83
CA ILE B 172 -1.30 -20.89 -28.89
C ILE B 172 0.12 -20.57 -28.48
N PHE B 173 0.96 -21.59 -28.43
CA PHE B 173 2.37 -21.47 -28.07
C PHE B 173 3.18 -21.64 -29.35
N MET B 174 4.15 -20.75 -29.58
CA MET B 174 5.05 -20.93 -30.68
C MET B 174 6.49 -20.90 -30.17
N GLN B 175 7.30 -21.78 -30.72
CA GLN B 175 8.73 -21.75 -30.51
C GLN B 175 9.42 -21.51 -31.83
N TRP B 176 10.17 -20.42 -31.89
CA TRP B 176 10.92 -20.03 -33.07
C TRP B 176 12.31 -20.63 -32.91
N VAL B 177 12.58 -21.67 -33.68
CA VAL B 177 13.82 -22.39 -33.62
C VAL B 177 14.73 -21.95 -34.75
N ARG B 178 15.74 -21.16 -34.43
CA ARG B 178 16.70 -20.68 -35.44
C ARG B 178 17.43 -21.86 -36.07
N SER B 179 17.71 -21.76 -37.35
CA SER B 179 18.54 -22.76 -38.03
C SER B 179 20.03 -22.42 -38.01
N ASP B 180 20.38 -21.24 -37.50
CA ASP B 180 21.75 -20.74 -37.53
C ASP B 180 22.33 -20.42 -36.15
N SER B 181 21.65 -20.89 -35.11
CA SER B 181 22.00 -20.53 -33.73
C SER B 181 21.26 -21.43 -32.78
N GLN B 182 21.76 -21.57 -31.56
CA GLN B 182 20.99 -22.24 -30.49
C GLN B 182 19.89 -21.37 -29.89
N GLU B 183 19.90 -20.07 -30.20
CA GLU B 183 18.90 -19.16 -29.68
C GLU B 183 17.52 -19.51 -30.20
N ASN B 184 16.55 -19.67 -29.29
CA ASN B 184 15.15 -19.81 -29.72
C ASN B 184 14.27 -18.78 -29.01
N PHE B 185 13.11 -18.51 -29.57
CA PHE B 185 12.13 -17.58 -29.00
C PHE B 185 10.83 -18.31 -28.67
N PHE B 186 10.12 -17.78 -27.67
CA PHE B 186 9.02 -18.46 -27.01
C PHE B 186 7.85 -17.49 -26.89
N SER B 187 6.74 -17.84 -27.53
CA SER B 187 5.56 -16.98 -27.68
C SER B 187 4.28 -17.65 -27.16
N CYS B 188 3.52 -16.99 -26.30
CA CYS B 188 2.24 -17.50 -25.77
C CYS B 188 1.11 -16.54 -26.03
N SER B 189 0.14 -16.99 -26.86
CA SER B 189 -0.99 -16.16 -27.26
C SER B 189 -2.28 -16.73 -26.67
N ASP B 190 -2.96 -15.93 -25.87
CA ASP B 190 -4.27 -16.31 -25.33
C ASP B 190 -5.34 -16.09 -26.38
N VAL B 191 -6.22 -17.10 -26.55
CA VAL B 191 -7.30 -17.00 -27.50
C VAL B 191 -8.61 -17.53 -26.91
N VAL B 192 -9.70 -17.28 -27.60
CA VAL B 192 -10.98 -17.87 -27.23
C VAL B 192 -11.68 -18.20 -28.53
N PHE B 193 -12.17 -19.43 -28.62
CA PHE B 193 -12.90 -19.88 -29.80
C PHE B 193 -14.38 -19.59 -29.59
N ASP B 194 -14.78 -18.35 -29.85
CA ASP B 194 -16.17 -17.92 -29.66
C ASP B 194 -16.80 -17.38 -30.92
N GLY B 195 -16.11 -17.44 -32.05
CA GLY B 195 -16.66 -16.87 -33.27
C GLY B 195 -17.80 -17.76 -33.73
N GLY B 196 -19.02 -17.19 -33.75
CA GLY B 196 -20.26 -17.83 -34.24
C GLY B 196 -20.23 -17.97 -35.73
N HIS C 1 -24.48 20.90 -13.08
CA HIS C 1 -23.39 19.92 -12.78
C HIS C 1 -22.31 20.09 -13.84
N GLY C 2 -21.14 20.52 -13.38
CA GLY C 2 -20.01 20.69 -14.25
C GLY C 2 -18.88 21.40 -13.55
N VAL C 3 -17.67 21.10 -14.01
CA VAL C 3 -16.47 21.85 -13.70
C VAL C 3 -15.73 22.04 -15.03
N ALA C 4 -14.63 22.77 -15.00
CA ALA C 4 -13.91 23.06 -16.25
C ALA C 4 -13.27 21.80 -16.85
N MET C 5 -13.33 21.69 -18.17
CA MET C 5 -12.73 20.61 -18.96
C MET C 5 -11.48 21.09 -19.70
N MET C 6 -11.45 22.39 -20.05
CA MET C 6 -10.29 23.02 -20.70
CA MET C 6 -10.29 23.03 -20.71
C MET C 6 -10.20 24.46 -20.21
N PRO C 7 -9.10 24.83 -19.55
CA PRO C 7 -8.07 23.98 -18.90
C PRO C 7 -8.74 23.15 -17.81
N GLY C 8 -8.50 21.86 -17.86
CA GLY C 8 -9.30 20.92 -17.08
C GLY C 8 -9.08 21.14 -15.59
N SER C 9 -10.15 20.98 -14.82
N SER C 9 -10.17 20.98 -14.83
CA SER C 9 -10.08 21.07 -13.38
CA SER C 9 -10.17 21.08 -13.37
C SER C 9 -9.37 19.88 -12.80
C SER C 9 -9.54 19.83 -12.77
N ARG C 10 -9.14 19.92 -11.49
CA ARG C 10 -8.44 18.84 -10.80
C ARG C 10 -9.23 17.52 -10.81
N THR C 11 -10.52 17.59 -10.52
CA THR C 11 -11.31 16.35 -10.58
C THR C 11 -11.47 15.80 -12.01
N TYR C 12 -11.61 16.69 -13.00
CA TYR C 12 -11.73 16.22 -14.38
C TYR C 12 -10.43 15.59 -14.91
N LEU C 13 -9.31 16.29 -14.74
CA LEU C 13 -8.04 15.74 -15.22
C LEU C 13 -7.68 14.45 -14.50
N CYS C 14 -7.99 14.39 -13.20
CA CYS C 14 -7.74 13.18 -12.46
C CYS C 14 -8.61 12.02 -12.92
N GLN C 15 -9.88 12.27 -13.21
CA GLN C 15 -10.74 11.21 -13.71
C GLN C 15 -10.28 10.77 -15.11
N LEU C 16 -9.79 11.69 -15.95
CA LEU C 16 -9.20 11.32 -17.24
C LEU C 16 -7.98 10.42 -17.05
N ASP C 17 -7.14 10.78 -16.09
CA ASP C 17 -5.92 10.03 -15.78
C ASP C 17 -6.23 8.61 -15.28
N ALA C 18 -7.30 8.50 -14.50
CA ALA C 18 -7.65 7.25 -13.81
C ALA C 18 -8.55 6.31 -14.62
N LYS C 19 -9.20 6.87 -15.64
CA LYS C 19 -10.22 6.21 -16.49
C LYS C 19 -9.75 4.88 -17.01
N THR C 20 -10.57 3.84 -16.87
CA THR C 20 -10.36 2.56 -17.55
C THR C 20 -11.66 2.07 -18.20
N GLY C 21 -11.54 1.10 -19.08
CA GLY C 21 -12.67 0.57 -19.81
C GLY C 21 -13.67 -0.22 -18.99
N THR C 22 -13.28 -0.66 -17.79
CA THR C 22 -14.18 -1.38 -16.86
C THR C 22 -14.84 -0.45 -15.82
N GLY C 23 -14.41 0.82 -15.75
CA GLY C 23 -14.88 1.70 -14.70
C GLY C 23 -14.00 1.71 -13.46
N ALA C 24 -13.00 0.82 -13.39
CA ALA C 24 -12.02 0.90 -12.31
C ALA C 24 -11.25 2.20 -12.48
N LEU C 25 -10.72 2.71 -11.39
CA LEU C 25 -10.00 3.98 -11.40
C LEU C 25 -8.55 3.73 -10.97
N ASP C 26 -7.61 3.97 -11.88
CA ASP C 26 -6.20 3.59 -11.69
C ASP C 26 -5.31 4.76 -12.14
N PRO C 27 -5.20 5.81 -11.30
CA PRO C 27 -4.44 6.99 -11.75
C PRO C 27 -2.93 6.75 -11.76
N THR C 28 -2.22 7.47 -12.64
CA THR C 28 -0.74 7.46 -12.64
C THR C 28 -0.18 8.68 -11.91
N ASN C 29 -0.83 9.82 -12.06
CA ASN C 29 -0.36 11.05 -11.44
C ASN C 29 -0.39 10.93 -9.91
N PRO C 30 0.71 11.31 -9.24
CA PRO C 30 0.78 11.09 -7.77
C PRO C 30 -0.20 11.90 -6.92
N ALA C 31 -0.51 13.11 -7.34
CA ALA C 31 -1.49 13.94 -6.64
C ALA C 31 -2.88 13.34 -6.82
N CYS C 32 -3.18 12.89 -8.04
CA CYS C 32 -4.44 12.16 -8.27
C CYS C 32 -4.52 10.87 -7.44
N GLN C 33 -3.43 10.11 -7.37
CA GLN C 33 -3.41 8.91 -6.51
C GLN C 33 -3.70 9.27 -5.05
N ALA C 34 -3.03 10.30 -4.56
CA ALA C 34 -3.21 10.73 -3.18
C ALA C 34 -4.67 11.12 -2.93
N ALA C 35 -5.25 11.84 -3.89
CA ALA C 35 -6.63 12.32 -3.77
C ALA C 35 -7.60 11.15 -3.79
N LEU C 36 -7.32 10.17 -4.63
CA LEU C 36 -8.13 8.96 -4.67
C LEU C 36 -8.07 8.20 -3.34
N ASP C 37 -6.88 8.07 -2.79
CA ASP C 37 -6.69 7.37 -1.53
C ASP C 37 -7.43 8.05 -0.37
N GLN C 38 -7.35 9.38 -0.30
CA GLN C 38 -7.98 10.10 0.80
C GLN C 38 -9.51 10.23 0.65
N SER C 39 -9.95 10.87 -0.41
CA SER C 39 -11.35 11.26 -0.54
C SER C 39 -12.23 10.20 -1.22
N GLY C 40 -11.61 9.23 -1.90
CA GLY C 40 -12.32 8.08 -2.47
C GLY C 40 -12.77 8.16 -3.93
N ALA C 41 -13.13 7.02 -4.50
CA ALA C 41 -13.45 6.96 -5.94
C ALA C 41 -14.72 7.73 -6.33
N THR C 42 -15.62 7.90 -5.38
CA THR C 42 -16.88 8.60 -5.62
C THR C 42 -16.66 9.99 -6.24
N ALA C 43 -15.62 10.70 -5.80
CA ALA C 43 -15.30 12.02 -6.31
C ALA C 43 -15.02 11.99 -7.80
N LEU C 44 -14.32 10.96 -8.26
CA LEU C 44 -14.00 10.84 -9.69
C LEU C 44 -15.19 10.42 -10.54
N TYR C 45 -16.05 9.56 -10.02
CA TYR C 45 -17.28 9.21 -10.75
C TYR C 45 -18.18 10.44 -10.85
N ASN C 46 -18.08 11.32 -9.87
CA ASN C 46 -18.92 12.52 -9.77
C ASN C 46 -18.06 13.78 -9.88
N TRP C 47 -17.18 13.78 -10.89
CA TRP C 47 -16.15 14.79 -11.01
C TRP C 47 -16.74 16.19 -11.22
N PHE C 48 -17.92 16.22 -11.82
CA PHE C 48 -18.66 17.44 -12.14
C PHE C 48 -19.52 18.00 -11.00
N ALA C 49 -19.57 17.31 -9.85
CA ALA C 49 -20.52 17.66 -8.76
C ALA C 49 -19.91 18.46 -7.63
N VAL C 50 -18.95 19.33 -7.96
CA VAL C 50 -18.28 20.12 -6.94
C VAL C 50 -19.13 21.37 -6.69
N LEU C 51 -20.12 21.19 -5.82
CA LEU C 51 -21.20 22.16 -5.68
C LEU C 51 -21.49 22.48 -4.23
N ASP C 52 -22.07 23.67 -4.05
CA ASP C 52 -22.67 24.08 -2.77
C ASP C 52 -24.07 24.60 -3.08
N SER C 53 -25.05 23.85 -2.56
CA SER C 53 -26.47 24.16 -2.78
C SER C 53 -26.89 25.55 -2.30
N ASN C 54 -26.13 26.15 -1.39
CA ASN C 54 -26.52 27.39 -0.75
C ASN C 54 -25.58 28.55 -0.97
N ALA C 55 -24.62 28.42 -1.88
CA ALA C 55 -23.66 29.51 -2.03
C ALA C 55 -24.27 30.83 -2.48
N GLY C 56 -25.17 30.76 -3.44
CA GLY C 56 -25.86 31.96 -3.92
C GLY C 56 -24.95 33.12 -4.28
N GLY C 57 -23.81 32.82 -4.89
CA GLY C 57 -22.94 33.83 -5.48
C GLY C 57 -21.94 34.39 -4.49
N ARG C 58 -22.01 33.93 -3.24
CA ARG C 58 -21.07 34.32 -2.20
C ARG C 58 -19.73 33.66 -2.44
N GLY C 59 -18.69 34.33 -1.97
CA GLY C 59 -17.31 33.85 -2.10
C GLY C 59 -16.54 34.16 -0.83
N ALA C 60 -15.71 35.21 -0.84
CA ALA C 60 -14.92 35.55 0.33
C ALA C 60 -15.79 35.89 1.52
N GLY C 61 -15.44 35.37 2.69
CA GLY C 61 -16.26 35.52 3.87
C GLY C 61 -17.21 34.37 4.09
N TYR C 62 -17.45 33.57 3.04
CA TYR C 62 -18.39 32.47 3.10
C TYR C 62 -17.70 31.13 2.78
N VAL C 63 -16.98 31.06 1.66
CA VAL C 63 -16.20 29.86 1.32
C VAL C 63 -14.82 30.04 1.93
N PRO C 64 -14.46 29.20 2.93
CA PRO C 64 -13.19 29.45 3.59
C PRO C 64 -11.97 29.36 2.69
N ASP C 65 -10.99 30.22 2.95
CA ASP C 65 -9.69 30.07 2.32
C ASP C 65 -9.23 28.61 2.42
N GLY C 66 -8.65 28.11 1.34
CA GLY C 66 -8.13 26.74 1.31
C GLY C 66 -9.17 25.65 1.02
N THR C 67 -10.41 26.03 0.73
CA THR C 67 -11.45 25.05 0.45
C THR C 67 -12.20 25.35 -0.85
N LEU C 68 -11.72 26.30 -1.64
CA LEU C 68 -12.43 26.68 -2.87
C LEU C 68 -12.61 25.51 -3.86
N CYS C 69 -11.60 24.67 -3.96
CA CYS C 69 -11.65 23.57 -4.92
C CYS C 69 -12.59 22.43 -4.51
N SER C 70 -13.10 22.45 -3.29
CA SER C 70 -14.11 21.47 -2.85
C SER C 70 -15.44 22.14 -2.51
N ALA C 71 -15.68 23.34 -3.02
CA ALA C 71 -16.93 24.08 -2.73
C ALA C 71 -17.12 24.25 -1.24
N GLY C 72 -16.03 24.58 -0.57
CA GLY C 72 -16.06 24.83 0.87
C GLY C 72 -16.40 23.61 1.70
N ASP C 73 -16.19 22.42 1.12
CA ASP C 73 -16.52 21.14 1.75
C ASP C 73 -18.00 21.00 2.12
N ARG C 74 -18.85 21.67 1.32
CA ARG C 74 -20.30 21.64 1.50
C ARG C 74 -21.05 20.88 0.42
N SER C 75 -20.35 20.16 -0.45
CA SER C 75 -21.01 19.34 -1.46
C SER C 75 -21.54 18.02 -0.88
N PRO C 76 -22.26 17.25 -1.70
CA PRO C 76 -22.72 15.94 -1.25
C PRO C 76 -21.61 14.90 -1.19
N TYR C 77 -20.42 15.22 -1.69
CA TYR C 77 -19.33 14.26 -1.75
C TYR C 77 -18.09 14.79 -1.08
N ASP C 78 -17.19 13.87 -0.77
CA ASP C 78 -15.89 14.26 -0.26
C ASP C 78 -14.97 14.68 -1.44
N PHE C 79 -14.65 15.97 -1.51
CA PHE C 79 -13.69 16.53 -2.52
C PHE C 79 -12.50 17.18 -1.80
N SER C 80 -12.41 16.94 -0.50
CA SER C 80 -11.45 17.64 0.33
C SER C 80 -10.01 17.50 -0.17
N ALA C 81 -9.64 16.31 -0.59
CA ALA C 81 -8.29 16.07 -1.08
C ALA C 81 -7.91 16.91 -2.28
N TYR C 82 -8.91 17.42 -3.00
CA TYR C 82 -8.68 18.26 -4.19
C TYR C 82 -8.22 19.67 -3.83
N ASN C 83 -8.20 20.03 -2.54
CA ASN C 83 -7.56 21.26 -2.10
C ASN C 83 -6.08 21.10 -1.81
N ALA C 84 -5.52 19.88 -1.88
CA ALA C 84 -4.13 19.65 -1.42
C ALA C 84 -3.16 20.61 -2.11
N ALA C 85 -2.37 21.28 -1.29
CA ALA C 85 -1.48 22.31 -1.78
C ALA C 85 -0.16 21.67 -2.26
N ARG C 86 -0.24 21.12 -3.47
CA ARG C 86 0.84 20.37 -4.08
C ARG C 86 1.14 20.96 -5.44
N SER C 87 2.37 20.79 -5.90
CA SER C 87 2.79 21.33 -7.20
C SER C 87 2.80 20.27 -8.29
N ASP C 88 2.30 19.07 -7.99
CA ASP C 88 2.43 17.94 -8.92
C ASP C 88 1.09 17.45 -9.46
N TRP C 89 0.02 18.22 -9.28
CA TRP C 89 -1.27 17.95 -9.93
C TRP C 89 -1.07 17.99 -11.45
N PRO C 90 -1.92 17.27 -12.19
CA PRO C 90 -1.88 17.46 -13.65
C PRO C 90 -2.15 18.91 -14.04
N ARG C 91 -1.51 19.37 -15.11
CA ARG C 91 -1.70 20.76 -15.50
C ARG C 91 -1.74 20.99 -16.98
N THR C 92 -2.29 22.14 -17.34
CA THR C 92 -2.39 22.58 -18.72
C THR C 92 -1.32 23.62 -18.98
N HIS C 93 -0.52 23.41 -20.02
CA HIS C 93 0.56 24.33 -20.38
C HIS C 93 0.00 25.45 -21.26
N LEU C 94 0.35 26.70 -20.90
CA LEU C 94 -0.19 27.90 -21.54
C LEU C 94 0.88 28.89 -21.93
N THR C 95 0.54 29.79 -22.84
CA THR C 95 1.42 30.89 -23.22
C THR C 95 0.87 32.20 -22.68
N SER C 96 1.67 32.89 -21.90
CA SER C 96 1.28 34.16 -21.32
C SER C 96 0.97 35.13 -22.47
N GLY C 97 -0.13 35.88 -22.35
CA GLY C 97 -0.54 36.80 -23.39
C GLY C 97 -1.46 36.17 -24.43
N ALA C 98 -1.54 34.84 -24.48
CA ALA C 98 -2.31 34.16 -25.51
C ALA C 98 -3.77 34.05 -25.15
N THR C 99 -4.59 33.82 -26.16
CA THR C 99 -6.02 33.60 -25.97
C THR C 99 -6.27 32.10 -26.11
N ILE C 100 -6.97 31.51 -25.13
CA ILE C 100 -7.16 30.05 -25.10
C ILE C 100 -8.63 29.66 -25.10
N PRO C 101 -8.90 28.45 -25.59
CA PRO C 101 -10.26 27.92 -25.54
C PRO C 101 -10.61 27.49 -24.14
N VAL C 102 -11.76 27.93 -23.66
CA VAL C 102 -12.31 27.43 -22.42
C VAL C 102 -13.50 26.51 -22.73
N GLU C 103 -13.56 25.36 -22.04
CA GLU C 103 -14.69 24.44 -22.10
C GLU C 103 -15.08 24.09 -20.69
N TYR C 104 -16.37 24.16 -20.40
CA TYR C 104 -16.90 23.87 -19.07
C TYR C 104 -18.01 22.83 -19.18
N SER C 105 -17.89 21.73 -18.45
CA SER C 105 -18.91 20.65 -18.60
C SER C 105 -20.35 21.15 -18.47
N ASN C 106 -21.24 20.64 -19.33
CA ASN C 106 -22.70 20.82 -19.18
C ASN C 106 -23.38 19.50 -18.80
N TRP C 107 -22.76 18.73 -17.92
CA TRP C 107 -23.35 17.46 -17.53
C TRP C 107 -24.81 17.64 -17.16
N ALA C 108 -25.10 18.75 -16.48
CA ALA C 108 -26.46 19.28 -16.36
C ALA C 108 -26.37 20.76 -16.62
N ALA C 109 -27.22 21.26 -17.52
CA ALA C 109 -27.17 22.65 -17.93
C ALA C 109 -27.96 23.57 -16.98
N HIS C 110 -27.42 24.77 -16.75
CA HIS C 110 -28.09 25.79 -15.91
C HIS C 110 -27.79 27.19 -16.44
N PRO C 111 -28.74 28.11 -16.29
CA PRO C 111 -28.48 29.49 -16.68
C PRO C 111 -27.68 30.18 -15.62
N GLY C 112 -26.85 31.13 -16.02
CA GLY C 112 -26.06 31.85 -15.02
C GLY C 112 -24.75 32.36 -15.57
N ASP C 113 -23.84 32.74 -14.67
CA ASP C 113 -22.56 33.38 -15.01
C ASP C 113 -21.45 32.44 -14.63
N PHE C 114 -20.38 32.47 -15.40
CA PHE C 114 -19.11 31.90 -15.01
C PHE C 114 -18.16 33.01 -14.61
N ARG C 115 -17.77 33.03 -13.33
CA ARG C 115 -16.78 33.95 -12.86
C ARG C 115 -15.42 33.27 -12.93
N VAL C 116 -14.48 33.86 -13.67
CA VAL C 116 -13.17 33.26 -13.96
C VAL C 116 -12.06 34.05 -13.28
N TYR C 117 -11.29 33.37 -12.43
CA TYR C 117 -10.20 34.00 -11.66
C TYR C 117 -8.86 33.33 -11.92
N LEU C 118 -7.78 34.13 -11.90
CA LEU C 118 -6.41 33.65 -12.05
C LEU C 118 -5.58 33.99 -10.82
N THR C 119 -4.78 33.04 -10.34
CA THR C 119 -3.91 33.32 -9.22
C THR C 119 -2.90 34.41 -9.57
N LYS C 120 -2.58 35.23 -8.59
CA LYS C 120 -1.77 36.40 -8.77
C LYS C 120 -0.32 36.01 -9.00
N PRO C 121 0.45 36.92 -9.59
CA PRO C 121 1.87 36.61 -9.75
C PRO C 121 2.53 36.32 -8.43
N GLY C 122 3.44 35.38 -8.40
CA GLY C 122 4.07 35.05 -7.13
C GLY C 122 3.38 33.99 -6.31
N TRP C 123 2.06 33.80 -6.44
CA TRP C 123 1.40 32.65 -5.80
C TRP C 123 1.92 31.35 -6.44
N SER C 124 2.22 30.35 -5.62
CA SER C 124 2.58 29.05 -6.13
C SER C 124 1.73 27.98 -5.44
N PRO C 125 1.55 26.83 -6.11
CA PRO C 125 0.55 25.86 -5.60
C PRO C 125 0.93 25.05 -4.35
N THR C 126 2.14 25.26 -3.82
CA THR C 126 2.42 24.70 -2.49
C THR C 126 1.93 25.62 -1.37
N SER C 127 1.44 26.80 -1.73
CA SER C 127 0.76 27.68 -0.81
C SER C 127 -0.74 27.43 -0.83
N GLU C 128 -1.37 27.78 0.29
CA GLU C 128 -2.83 27.81 0.40
C GLU C 128 -3.45 28.72 -0.65
N LEU C 129 -4.57 28.27 -1.19
CA LEU C 129 -5.35 29.05 -2.15
C LEU C 129 -6.46 29.82 -1.41
N GLY C 130 -6.25 31.10 -1.18
CA GLY C 130 -7.29 31.99 -0.64
C GLY C 130 -7.86 32.93 -1.67
N TRP C 131 -8.97 33.56 -1.30
CA TRP C 131 -9.61 34.50 -2.19
C TRP C 131 -8.69 35.64 -2.54
N ASP C 132 -7.85 36.06 -1.61
CA ASP C 132 -6.99 37.20 -1.91
C ASP C 132 -5.75 36.80 -2.70
N ASP C 133 -5.66 35.54 -3.07
CA ASP C 133 -4.67 35.12 -4.04
C ASP C 133 -5.21 35.13 -5.46
N LEU C 134 -6.48 35.49 -5.64
CA LEU C 134 -7.16 35.34 -6.93
C LEU C 134 -7.58 36.69 -7.50
N GLU C 135 -7.38 36.85 -8.80
CA GLU C 135 -7.84 38.06 -9.48
C GLU C 135 -8.97 37.67 -10.44
N LEU C 136 -10.09 38.35 -10.35
CA LEU C 136 -11.17 38.10 -11.27
C LEU C 136 -10.78 38.68 -12.63
N ILE C 137 -10.73 37.84 -13.67
CA ILE C 137 -10.28 38.33 -14.97
C ILE C 137 -11.34 38.26 -16.07
N GLN C 138 -12.47 37.59 -15.79
CA GLN C 138 -13.51 37.48 -16.77
C GLN C 138 -14.80 37.00 -16.13
N THR C 139 -15.92 37.51 -16.63
CA THR C 139 -17.23 37.00 -16.19
C THR C 139 -17.97 36.72 -17.48
N VAL C 140 -18.53 35.52 -17.61
CA VAL C 140 -19.22 35.13 -18.84
C VAL C 140 -20.67 34.73 -18.56
N THR C 141 -21.63 35.30 -19.27
CA THR C 141 -23.04 35.06 -18.96
C THR C 141 -23.63 34.15 -20.03
N ASN C 142 -24.12 32.98 -19.62
CA ASN C 142 -24.83 32.07 -20.53
C ASN C 142 -24.11 31.86 -21.87
N PRO C 143 -22.86 31.37 -21.81
CA PRO C 143 -22.14 31.07 -23.05
C PRO C 143 -22.79 29.91 -23.81
N PRO C 144 -22.50 29.80 -25.12
CA PRO C 144 -23.06 28.72 -25.94
C PRO C 144 -22.54 27.36 -25.52
N GLN C 145 -23.22 26.32 -26.02
CA GLN C 145 -22.90 24.92 -25.71
C GLN C 145 -22.65 24.12 -26.99
N GLN C 146 -21.75 23.14 -26.87
CA GLN C 146 -21.47 22.16 -27.93
C GLN C 146 -21.68 20.78 -27.31
N GLY C 147 -22.60 20.00 -27.86
CA GLY C 147 -22.96 18.72 -27.28
C GLY C 147 -24.13 18.90 -26.33
N SER C 148 -25.06 17.96 -26.38
CA SER C 148 -26.26 18.05 -25.57
C SER C 148 -25.90 17.87 -24.09
N PRO C 149 -26.64 18.55 -23.19
CA PRO C 149 -26.37 18.33 -21.78
C PRO C 149 -26.48 16.86 -21.42
N GLY C 150 -25.62 16.41 -20.52
CA GLY C 150 -25.65 15.04 -20.03
C GLY C 150 -25.00 14.00 -20.93
N THR C 151 -24.37 14.43 -22.01
CA THR C 151 -23.65 13.52 -22.91
C THR C 151 -22.16 13.72 -22.71
N ASP C 152 -21.41 12.63 -22.89
CA ASP C 152 -19.96 12.67 -22.77
C ASP C 152 -19.37 13.73 -23.71
N GLY C 153 -18.47 14.54 -23.20
CA GLY C 153 -17.83 15.62 -23.99
C GLY C 153 -18.58 16.94 -24.09
N GLY C 154 -19.84 16.96 -23.66
CA GLY C 154 -20.68 18.16 -23.80
C GLY C 154 -20.09 19.27 -22.98
N HIS C 155 -20.17 20.51 -23.48
CA HIS C 155 -19.62 21.66 -22.74
C HIS C 155 -20.12 23.01 -23.26
N TYR C 156 -20.15 23.97 -22.32
CA TYR C 156 -20.16 25.39 -22.63
C TYR C 156 -18.78 25.74 -23.18
N TYR C 157 -18.71 26.71 -24.09
CA TYR C 157 -17.42 27.11 -24.67
C TYR C 157 -17.33 28.63 -24.82
N TRP C 158 -16.13 29.16 -24.59
CA TRP C 158 -15.83 30.57 -24.78
C TRP C 158 -14.31 30.79 -24.78
N ASP C 159 -13.89 31.99 -25.17
CA ASP C 159 -12.49 32.38 -25.29
C ASP C 159 -12.02 33.17 -24.08
N LEU C 160 -10.75 33.00 -23.75
CA LEU C 160 -10.15 33.75 -22.62
C LEU C 160 -8.78 34.28 -22.97
N ALA C 161 -8.62 35.60 -22.90
CA ALA C 161 -7.34 36.25 -23.13
C ALA C 161 -6.53 36.29 -21.83
N LEU C 162 -5.41 35.56 -21.83
CA LEU C 162 -4.56 35.47 -20.67
C LEU C 162 -3.73 36.73 -20.54
N PRO C 163 -3.51 37.19 -19.29
CA PRO C 163 -2.65 38.38 -19.20
C PRO C 163 -1.23 38.09 -19.63
N SER C 164 -0.52 39.16 -19.96
CA SER C 164 0.87 39.08 -20.34
C SER C 164 1.77 39.14 -19.11
N GLY C 165 3.06 38.87 -19.33
CA GLY C 165 4.09 39.01 -18.30
C GLY C 165 4.05 37.97 -17.21
N ARG C 166 3.44 36.83 -17.50
CA ARG C 166 3.27 35.75 -16.50
C ARG C 166 4.23 34.60 -16.77
N SER C 167 4.65 33.90 -15.71
CA SER C 167 5.52 32.73 -15.89
C SER C 167 5.28 31.78 -14.73
N GLY C 168 5.57 30.49 -14.96
CA GLY C 168 5.50 29.48 -13.90
C GLY C 168 4.08 29.06 -13.57
N ASP C 169 3.94 28.32 -12.48
CA ASP C 169 2.67 27.70 -12.18
C ASP C 169 1.65 28.74 -11.78
N ALA C 170 0.41 28.44 -12.10
CA ALA C 170 -0.74 29.22 -11.59
C ALA C 170 -1.98 28.33 -11.42
N LEU C 171 -3.09 28.92 -11.02
CA LEU C 171 -4.34 28.17 -10.97
C LEU C 171 -5.47 29.03 -11.43
N ILE C 172 -6.37 28.46 -12.25
CA ILE C 172 -7.59 29.15 -12.66
C ILE C 172 -8.77 28.56 -11.91
N PHE C 173 -9.46 29.44 -11.18
CA PHE C 173 -10.62 29.12 -10.37
C PHE C 173 -11.83 29.69 -11.07
N MET C 174 -12.85 28.87 -11.23
CA MET C 174 -14.13 29.33 -11.73
C MET C 174 -15.25 29.01 -10.78
N GLN C 175 -16.15 29.97 -10.64
CA GLN C 175 -17.39 29.74 -9.89
C GLN C 175 -18.57 29.91 -10.83
N TRP C 176 -19.38 28.86 -10.91
CA TRP C 176 -20.55 28.86 -11.77
C TRP C 176 -21.74 29.26 -10.91
N VAL C 177 -22.21 30.49 -11.10
CA VAL C 177 -23.26 31.08 -10.27
C VAL C 177 -24.59 31.02 -11.00
N ARG C 178 -25.45 30.10 -10.58
CA ARG C 178 -26.71 29.91 -11.27
C ARG C 178 -27.58 31.14 -11.08
N SER C 179 -28.30 31.52 -12.13
CA SER C 179 -29.27 32.62 -12.01
C SER C 179 -30.65 32.16 -11.51
N ASP C 180 -30.84 30.84 -11.36
CA ASP C 180 -32.15 30.29 -11.07
C ASP C 180 -32.16 29.44 -9.80
N SER C 181 -31.09 29.55 -9.01
CA SER C 181 -30.88 28.74 -7.82
C SER C 181 -29.75 29.31 -7.01
N GLN C 182 -29.71 28.96 -5.71
CA GLN C 182 -28.57 29.25 -4.86
C GLN C 182 -27.41 28.28 -5.09
N GLU C 183 -27.63 27.18 -5.79
CA GLU C 183 -26.57 26.20 -6.04
C GLU C 183 -25.51 26.80 -6.96
N ASN C 184 -24.24 26.72 -6.55
CA ASN C 184 -23.12 27.11 -7.37
C ASN C 184 -22.10 25.95 -7.47
N PHE C 185 -21.25 26.03 -8.48
CA PHE C 185 -20.20 25.03 -8.75
C PHE C 185 -18.84 25.68 -8.67
N PHE C 186 -17.86 24.86 -8.28
CA PHE C 186 -16.53 25.35 -7.96
C PHE C 186 -15.46 24.53 -8.69
N SER C 187 -14.64 25.24 -9.45
CA SER C 187 -13.71 24.56 -10.36
C SER C 187 -12.32 25.12 -10.21
N CYS C 188 -11.33 24.24 -10.00
CA CYS C 188 -9.91 24.63 -9.91
C CYS C 188 -9.03 23.89 -10.91
N SER C 189 -8.36 24.66 -11.75
CA SER C 189 -7.54 24.09 -12.82
C SER C 189 -6.09 24.55 -12.68
N ASP C 190 -5.18 23.59 -12.59
CA ASP C 190 -3.77 23.92 -12.53
C ASP C 190 -3.21 24.20 -13.91
N VAL C 191 -2.39 25.24 -13.99
CA VAL C 191 -1.81 25.64 -15.27
C VAL C 191 -0.34 26.04 -15.07
N VAL C 192 0.40 26.13 -16.17
CA VAL C 192 1.73 26.71 -16.13
C VAL C 192 1.93 27.57 -17.35
N PHE C 193 2.49 28.75 -17.11
CA PHE C 193 2.85 29.69 -18.17
C PHE C 193 4.29 29.36 -18.57
N ASP C 194 4.45 28.47 -19.54
CA ASP C 194 5.78 28.06 -20.02
C ASP C 194 5.89 28.08 -21.53
N GLY C 195 5.00 28.82 -22.20
CA GLY C 195 4.99 28.87 -23.66
C GLY C 195 4.38 27.64 -24.31
N GLY C 196 3.64 26.84 -23.53
CA GLY C 196 2.92 25.69 -24.06
C GLY C 196 1.66 26.06 -24.82
N HIS D 1 -17.86 7.24 32.71
CA HIS D 1 -16.90 6.67 31.74
C HIS D 1 -16.41 5.33 32.24
N GLY D 2 -16.70 4.30 31.47
CA GLY D 2 -16.28 2.94 31.79
C GLY D 2 -16.94 1.93 30.89
N VAL D 3 -16.24 0.80 30.71
CA VAL D 3 -16.79 -0.43 30.16
C VAL D 3 -16.23 -1.56 31.04
N ALA D 4 -16.68 -2.78 30.77
CA ALA D 4 -16.23 -3.94 31.52
C ALA D 4 -14.74 -4.17 31.37
N MET D 5 -14.10 -4.49 32.49
CA MET D 5 -12.67 -4.85 32.54
C MET D 5 -12.47 -6.36 32.81
N MET D 6 -13.45 -6.98 33.50
CA MET D 6 -13.47 -8.42 33.78
C MET D 6 -14.93 -8.85 33.79
N PRO D 7 -15.37 -9.70 32.83
CA PRO D 7 -14.65 -10.13 31.62
C PRO D 7 -14.52 -8.92 30.71
N GLY D 8 -13.30 -8.67 30.23
CA GLY D 8 -13.02 -7.40 29.53
C GLY D 8 -13.83 -7.17 28.25
N SER D 9 -14.23 -5.93 28.05
N SER D 9 -14.25 -5.91 28.05
CA SER D 9 -14.95 -5.57 26.83
CA SER D 9 -14.97 -5.50 26.85
C SER D 9 -14.01 -5.54 25.64
C SER D 9 -14.02 -5.38 25.66
N ARG D 10 -14.58 -5.39 24.45
CA ARG D 10 -13.77 -5.37 23.24
C ARG D 10 -12.78 -4.23 23.26
N THR D 11 -13.23 -3.02 23.61
CA THR D 11 -12.31 -1.89 23.50
C THR D 11 -11.23 -2.03 24.58
N TYR D 12 -11.60 -2.56 25.74
CA TYR D 12 -10.64 -2.72 26.84
C TYR D 12 -9.59 -3.78 26.54
N LEU D 13 -10.01 -4.96 26.09
CA LEU D 13 -9.06 -6.00 25.76
C LEU D 13 -8.18 -5.65 24.59
N CYS D 14 -8.74 -4.92 23.63
CA CYS D 14 -7.95 -4.50 22.47
C CYS D 14 -6.92 -3.45 22.83
N GLN D 15 -7.28 -2.52 23.71
CA GLN D 15 -6.27 -1.52 24.12
C GLN D 15 -5.17 -2.18 24.96
N LEU D 16 -5.49 -3.21 25.75
CA LEU D 16 -4.45 -3.99 26.46
C LEU D 16 -3.55 -4.69 25.45
N ASP D 17 -4.17 -5.29 24.43
CA ASP D 17 -3.42 -5.99 23.39
C ASP D 17 -2.51 -5.06 22.61
N ALA D 18 -2.98 -3.83 22.43
CA ALA D 18 -2.27 -2.81 21.63
C ALA D 18 -1.19 -2.05 22.39
N LYS D 19 -1.20 -2.13 23.72
CA LYS D 19 -0.44 -1.20 24.57
C LYS D 19 1.05 -1.30 24.37
N THR D 20 1.70 -0.14 24.32
CA THR D 20 3.17 -0.07 24.31
C THR D 20 3.61 1.04 25.25
N GLY D 21 4.90 1.01 25.55
CA GLY D 21 5.49 1.95 26.50
C GLY D 21 5.48 3.40 26.05
N THR D 22 5.44 3.62 24.72
CA THR D 22 5.44 4.97 24.18
C THR D 22 4.03 5.53 23.97
N GLY D 23 3.01 4.70 24.13
CA GLY D 23 1.66 5.11 23.84
C GLY D 23 1.24 4.77 22.42
N ALA D 24 2.18 4.31 21.58
CA ALA D 24 1.80 3.76 20.27
C ALA D 24 0.90 2.55 20.48
N LEU D 25 0.05 2.27 19.48
CA LEU D 25 -0.89 1.17 19.57
C LEU D 25 -0.54 0.12 18.52
N ASP D 26 -0.09 -1.05 18.99
CA ASP D 26 0.41 -2.14 18.14
C ASP D 26 -0.22 -3.49 18.50
N PRO D 27 -1.50 -3.70 18.18
CA PRO D 27 -2.17 -4.95 18.58
C PRO D 27 -1.69 -6.12 17.75
N THR D 28 -1.74 -7.32 18.33
CA THR D 28 -1.45 -8.52 17.54
C THR D 28 -2.70 -9.29 17.19
N ASN D 29 -3.75 -9.13 17.98
CA ASN D 29 -5.01 -9.80 17.73
C ASN D 29 -5.59 -9.30 16.40
N PRO D 30 -5.97 -10.23 15.51
CA PRO D 30 -6.40 -9.75 14.20
C PRO D 30 -7.70 -8.94 14.21
N ALA D 31 -8.65 -9.25 15.09
CA ALA D 31 -9.89 -8.43 15.16
C ALA D 31 -9.56 -7.03 15.66
N CYS D 32 -8.64 -6.97 16.61
CA CYS D 32 -8.21 -5.66 17.12
C CYS D 32 -7.49 -4.86 16.05
N GLN D 33 -6.61 -5.53 15.29
N GLN D 33 -6.61 -5.53 15.30
CA GLN D 33 -5.92 -4.85 14.20
CA GLN D 33 -5.92 -4.88 14.18
C GLN D 33 -6.94 -4.28 13.20
C GLN D 33 -6.93 -4.30 13.20
N ALA D 34 -7.94 -5.08 12.84
CA ALA D 34 -8.97 -4.61 11.92
C ALA D 34 -9.71 -3.40 12.47
N ALA D 35 -10.01 -3.43 13.77
CA ALA D 35 -10.76 -2.35 14.38
C ALA D 35 -9.97 -1.05 14.45
N LEU D 36 -8.67 -1.16 14.73
CA LEU D 36 -7.78 -0.01 14.74
C LEU D 36 -7.70 0.55 13.33
N ASP D 37 -7.55 -0.32 12.34
CA ASP D 37 -7.49 0.10 10.94
C ASP D 37 -8.76 0.81 10.52
N GLN D 38 -9.90 0.29 10.92
CA GLN D 38 -11.15 0.90 10.47
C GLN D 38 -11.52 2.16 11.26
N SER D 39 -11.62 2.01 12.58
CA SER D 39 -12.19 3.04 13.42
C SER D 39 -11.16 3.96 14.06
N GLY D 40 -9.87 3.59 14.00
CA GLY D 40 -8.82 4.48 14.47
C GLY D 40 -8.39 4.36 15.92
N ALA D 41 -7.23 4.92 16.20
CA ALA D 41 -6.57 4.82 17.51
C ALA D 41 -7.33 5.53 18.64
N THR D 42 -8.08 6.56 18.28
CA THR D 42 -8.83 7.35 19.25
C THR D 42 -9.72 6.48 20.14
N ALA D 43 -10.35 5.48 19.53
CA ALA D 43 -11.17 4.51 20.25
C ALA D 43 -10.43 3.81 21.36
N LEU D 44 -9.17 3.43 21.12
CA LEU D 44 -8.43 2.72 22.15
C LEU D 44 -7.95 3.64 23.24
N TYR D 45 -7.60 4.88 22.88
CA TYR D 45 -7.21 5.85 23.90
C TYR D 45 -8.42 6.20 24.77
N ASN D 46 -9.62 6.09 24.18
CA ASN D 46 -10.89 6.38 24.85
C ASN D 46 -11.75 5.13 25.00
N TRP D 47 -11.09 4.01 25.31
CA TRP D 47 -11.74 2.70 25.40
C TRP D 47 -12.95 2.66 26.33
N PHE D 48 -13.00 3.59 27.27
CA PHE D 48 -14.07 3.66 28.30
C PHE D 48 -15.24 4.52 27.85
N ALA D 49 -15.13 5.18 26.71
CA ALA D 49 -16.11 6.22 26.33
C ALA D 49 -17.22 5.78 25.38
N VAL D 50 -17.65 4.53 25.47
CA VAL D 50 -18.62 4.01 24.52
C VAL D 50 -20.00 4.41 25.08
N LEU D 51 -20.45 5.59 24.74
CA LEU D 51 -21.57 6.25 25.43
C LEU D 51 -22.61 6.78 24.46
N ASP D 52 -23.85 6.93 24.92
CA ASP D 52 -24.87 7.68 24.21
C ASP D 52 -25.45 8.62 25.25
N SER D 53 -25.21 9.92 25.04
CA SER D 53 -25.74 10.94 25.95
C SER D 53 -27.24 10.94 26.20
N ASN D 54 -27.99 10.33 25.29
CA ASN D 54 -29.43 10.48 25.28
C ASN D 54 -30.15 9.15 25.41
N ALA D 55 -29.45 8.07 25.76
CA ALA D 55 -30.12 6.76 25.79
C ALA D 55 -31.23 6.68 26.83
N GLY D 56 -30.95 7.12 28.06
CA GLY D 56 -31.98 7.20 29.10
C GLY D 56 -32.60 5.85 29.51
N GLY D 57 -31.81 4.76 29.46
CA GLY D 57 -32.30 3.43 29.80
C GLY D 57 -33.00 2.71 28.67
N ARG D 58 -33.15 3.37 27.53
CA ARG D 58 -33.73 2.70 26.37
C ARG D 58 -32.73 1.69 25.78
N GLY D 59 -33.28 0.66 25.16
CA GLY D 59 -32.49 -0.35 24.46
C GLY D 59 -33.17 -0.77 23.18
N ALA D 60 -33.91 -1.88 23.24
CA ALA D 60 -34.60 -2.38 22.07
C ALA D 60 -35.59 -1.37 21.51
N GLY D 61 -35.57 -1.17 20.19
CA GLY D 61 -36.39 -0.15 19.54
C GLY D 61 -35.68 1.19 19.40
N TYR D 62 -34.60 1.38 20.16
CA TYR D 62 -33.87 2.64 20.13
C TYR D 62 -32.41 2.47 19.66
N VAL D 63 -31.70 1.53 20.24
CA VAL D 63 -30.34 1.19 19.82
C VAL D 63 -30.47 0.10 18.75
N PRO D 64 -30.10 0.41 17.49
CA PRO D 64 -30.35 -0.61 16.46
C PRO D 64 -29.60 -1.93 16.68
N ASP D 65 -30.26 -3.03 16.34
CA ASP D 65 -29.59 -4.32 16.34
C ASP D 65 -28.28 -4.17 15.55
N GLY D 66 -27.23 -4.83 16.04
CA GLY D 66 -25.97 -4.81 15.36
C GLY D 66 -25.08 -3.61 15.69
N THR D 67 -25.55 -2.72 16.54
CA THR D 67 -24.78 -1.55 16.96
C THR D 67 -24.63 -1.40 18.48
N LEU D 68 -25.02 -2.40 19.27
CA LEU D 68 -24.95 -2.30 20.72
C LEU D 68 -23.55 -1.96 21.22
N CYS D 69 -22.53 -2.58 20.62
CA CYS D 69 -21.16 -2.48 21.12
C CYS D 69 -20.52 -1.12 20.86
N SER D 70 -21.19 -0.29 20.05
CA SER D 70 -20.74 1.07 19.82
C SER D 70 -21.77 2.11 20.31
N ALA D 71 -22.63 1.71 21.23
CA ALA D 71 -23.68 2.60 21.73
C ALA D 71 -24.55 3.18 20.61
N GLY D 72 -24.89 2.35 19.63
CA GLY D 72 -25.71 2.81 18.51
C GLY D 72 -25.04 3.80 17.57
N ASP D 73 -23.72 3.83 17.61
CA ASP D 73 -22.94 4.80 16.85
C ASP D 73 -23.36 6.23 17.18
N ARG D 74 -23.72 6.44 18.45
CA ARG D 74 -24.11 7.75 18.93
C ARG D 74 -23.07 8.38 19.86
N SER D 75 -21.90 7.76 20.03
CA SER D 75 -20.91 8.36 20.90
C SER D 75 -20.12 9.49 20.21
N PRO D 76 -19.27 10.18 20.97
CA PRO D 76 -18.42 11.20 20.36
C PRO D 76 -17.27 10.62 19.51
N TYR D 77 -17.09 9.31 19.54
CA TYR D 77 -15.97 8.67 18.84
C TYR D 77 -16.50 7.58 17.93
N ASP D 78 -15.66 7.18 17.01
CA ASP D 78 -15.95 6.06 16.14
C ASP D 78 -15.61 4.75 16.83
N PHE D 79 -16.65 4.02 17.24
CA PHE D 79 -16.50 2.66 17.74
C PHE D 79 -17.15 1.64 16.82
N SER D 80 -17.50 2.06 15.60
CA SER D 80 -18.24 1.21 14.68
C SER D 80 -17.62 -0.18 14.49
N ALA D 81 -16.30 -0.25 14.41
CA ALA D 81 -15.61 -1.51 14.13
C ALA D 81 -15.75 -2.53 15.27
N TYR D 82 -16.14 -2.08 16.47
CA TYR D 82 -16.23 -2.97 17.64
C TYR D 82 -17.53 -3.75 17.59
N ASN D 83 -18.38 -3.44 16.59
CA ASN D 83 -19.51 -4.32 16.23
C ASN D 83 -19.22 -5.49 15.28
N ALA D 84 -18.02 -5.55 14.70
CA ALA D 84 -17.70 -6.55 13.66
C ALA D 84 -18.04 -7.93 14.18
N ALA D 85 -18.87 -8.65 13.41
CA ALA D 85 -19.32 -9.99 13.75
C ALA D 85 -18.24 -11.02 13.40
N ARG D 86 -17.28 -11.14 14.31
CA ARG D 86 -16.14 -12.02 14.08
C ARG D 86 -15.98 -12.93 15.27
N SER D 87 -15.35 -14.08 15.04
CA SER D 87 -15.09 -15.05 16.10
C SER D 87 -13.68 -15.00 16.65
N ASP D 88 -12.87 -14.07 16.17
CA ASP D 88 -11.46 -13.99 16.56
C ASP D 88 -11.11 -12.82 17.48
N TRP D 89 -12.11 -12.13 18.04
CA TRP D 89 -11.86 -11.13 19.08
C TRP D 89 -11.22 -11.82 20.29
N PRO D 90 -10.44 -11.06 21.09
CA PRO D 90 -9.93 -11.61 22.37
C PRO D 90 -11.11 -12.02 23.25
N ARG D 91 -10.96 -13.06 24.06
CA ARG D 91 -12.07 -13.49 24.90
C ARG D 91 -11.58 -14.04 26.24
N THR D 92 -12.50 -14.03 27.17
CA THR D 92 -12.31 -14.55 28.51
C THR D 92 -12.88 -15.96 28.57
N HIS D 93 -12.08 -16.88 29.07
CA HIS D 93 -12.47 -18.27 29.19
C HIS D 93 -13.20 -18.46 30.52
N LEU D 94 -14.39 -19.04 30.44
CA LEU D 94 -15.28 -19.17 31.58
C LEU D 94 -15.72 -20.61 31.76
N THR D 95 -16.18 -20.90 32.96
CA THR D 95 -16.75 -22.20 33.27
C THR D 95 -18.27 -22.05 33.44
N SER D 96 -19.03 -22.82 32.66
CA SER D 96 -20.48 -22.83 32.80
C SER D 96 -20.91 -23.18 34.23
N GLY D 97 -21.83 -22.40 34.78
CA GLY D 97 -22.30 -22.61 36.16
C GLY D 97 -21.42 -22.08 37.29
N ALA D 98 -20.27 -21.49 36.96
CA ALA D 98 -19.38 -20.93 37.97
C ALA D 98 -19.78 -19.49 38.29
N THR D 99 -19.38 -19.02 39.46
CA THR D 99 -19.55 -17.62 39.82
C THR D 99 -18.23 -16.91 39.51
N ILE D 100 -18.30 -15.78 38.81
CA ILE D 100 -17.09 -15.05 38.45
C ILE D 100 -17.08 -13.64 39.02
N PRO D 101 -15.88 -13.08 39.24
CA PRO D 101 -15.81 -11.66 39.58
C PRO D 101 -15.93 -10.75 38.36
N VAL D 102 -16.79 -9.74 38.50
CA VAL D 102 -16.99 -8.73 37.48
C VAL D 102 -16.32 -7.44 37.94
N GLU D 103 -15.63 -6.79 37.02
CA GLU D 103 -15.03 -5.48 37.26
C GLU D 103 -15.43 -4.57 36.11
N TYR D 104 -15.92 -3.39 36.46
CA TYR D 104 -16.34 -2.42 35.48
C TYR D 104 -15.62 -1.09 35.76
N SER D 105 -15.03 -0.49 34.72
CA SER D 105 -14.18 0.69 34.92
C SER D 105 -14.96 1.84 35.54
N ASN D 106 -14.31 2.51 36.49
CA ASN D 106 -14.84 3.72 37.11
C ASN D 106 -14.02 4.93 36.67
N TRP D 107 -13.59 4.96 35.42
CA TRP D 107 -12.77 6.06 34.90
C TRP D 107 -13.41 7.41 35.23
N ALA D 108 -14.72 7.51 35.07
CA ALA D 108 -15.50 8.54 35.77
C ALA D 108 -16.66 7.79 36.39
N ALA D 109 -16.85 8.01 37.69
CA ALA D 109 -17.89 7.37 38.48
C ALA D 109 -19.26 8.04 38.36
N HIS D 110 -20.32 7.22 38.33
CA HIS D 110 -21.70 7.73 38.29
C HIS D 110 -22.64 6.80 39.04
N PRO D 111 -23.70 7.36 39.68
CA PRO D 111 -24.74 6.54 40.26
C PRO D 111 -25.59 5.88 39.18
N GLY D 112 -26.09 4.69 39.48
CA GLY D 112 -27.00 4.00 38.60
C GLY D 112 -26.91 2.49 38.63
N ASP D 113 -27.51 1.89 37.59
CA ASP D 113 -27.62 0.46 37.43
C ASP D 113 -26.74 -0.07 36.30
N PHE D 114 -26.20 -1.27 36.53
CA PHE D 114 -25.61 -2.09 35.48
C PHE D 114 -26.55 -3.22 35.13
N ARG D 115 -27.00 -3.23 33.89
CA ARG D 115 -27.85 -4.28 33.35
C ARG D 115 -26.96 -5.24 32.57
N VAL D 116 -26.95 -6.51 32.98
CA VAL D 116 -25.99 -7.48 32.48
C VAL D 116 -26.76 -8.57 31.74
N TYR D 117 -26.39 -8.77 30.46
CA TYR D 117 -27.06 -9.65 29.53
C TYR D 117 -26.04 -10.65 29.04
N LEU D 118 -26.54 -11.82 28.65
CA LEU D 118 -25.73 -12.90 28.08
C LEU D 118 -26.42 -13.44 26.85
N THR D 119 -25.65 -13.61 25.77
CA THR D 119 -26.21 -14.13 24.54
C THR D 119 -26.78 -15.52 24.73
N LYS D 120 -27.87 -15.79 24.02
CA LYS D 120 -28.62 -17.01 24.19
C LYS D 120 -27.84 -18.22 23.65
N PRO D 121 -28.16 -19.43 24.15
CA PRO D 121 -27.54 -20.64 23.60
C PRO D 121 -27.77 -20.69 22.11
N GLY D 122 -26.77 -21.09 21.35
CA GLY D 122 -26.95 -21.11 19.89
C GLY D 122 -26.63 -19.84 19.12
N TRP D 123 -26.58 -18.68 19.77
CA TRP D 123 -25.98 -17.52 19.15
C TRP D 123 -24.46 -17.74 19.11
N SER D 124 -23.88 -17.39 17.98
CA SER D 124 -22.42 -17.34 17.88
C SER D 124 -21.96 -16.01 17.24
N PRO D 125 -20.70 -15.62 17.52
CA PRO D 125 -20.29 -14.26 17.23
C PRO D 125 -20.04 -13.94 15.75
N THR D 126 -20.20 -14.90 14.85
CA THR D 126 -20.26 -14.53 13.43
C THR D 126 -21.64 -14.09 13.00
N SER D 127 -22.58 -14.14 13.92
CA SER D 127 -23.91 -13.59 13.71
C SER D 127 -24.02 -12.19 14.27
N GLU D 128 -24.87 -11.40 13.62
CA GLU D 128 -25.28 -10.10 14.19
C GLU D 128 -25.75 -10.23 15.65
N LEU D 129 -25.40 -9.25 16.48
CA LEU D 129 -25.88 -9.20 17.88
C LEU D 129 -27.06 -8.28 17.93
N GLY D 130 -28.23 -8.85 18.14
CA GLY D 130 -29.45 -8.07 18.32
C GLY D 130 -29.99 -8.22 19.72
N TRP D 131 -30.91 -7.32 20.08
CA TRP D 131 -31.53 -7.37 21.40
C TRP D 131 -32.15 -8.73 21.73
N ASP D 132 -32.72 -9.36 20.73
CA ASP D 132 -33.41 -10.62 20.97
C ASP D 132 -32.49 -11.84 20.91
N ASP D 133 -31.19 -11.58 20.82
CA ASP D 133 -30.16 -12.60 21.06
C ASP D 133 -29.64 -12.56 22.48
N LEU D 134 -30.14 -11.61 23.28
CA LEU D 134 -29.64 -11.37 24.63
C LEU D 134 -30.68 -11.67 25.71
N GLU D 135 -30.24 -12.28 26.81
CA GLU D 135 -31.08 -12.53 27.97
C GLU D 135 -30.55 -11.69 29.14
N LEU D 136 -31.42 -10.94 29.80
CA LEU D 136 -31.05 -10.19 31.00
C LEU D 136 -30.87 -11.16 32.14
N ILE D 137 -29.66 -11.19 32.70
CA ILE D 137 -29.35 -12.15 33.75
C ILE D 137 -29.04 -11.49 35.07
N GLN D 138 -28.75 -10.20 35.09
CA GLN D 138 -28.48 -9.54 36.34
C GLN D 138 -28.64 -8.04 36.20
N THR D 139 -29.16 -7.45 37.29
CA THR D 139 -29.14 -6.01 37.44
C THR D 139 -28.52 -5.69 38.80
N VAL D 140 -27.46 -4.88 38.76
CA VAL D 140 -26.69 -4.45 39.95
C VAL D 140 -26.84 -2.92 40.11
N THR D 141 -27.26 -2.48 41.28
CA THR D 141 -27.45 -1.07 41.60
C THR D 141 -26.31 -0.56 42.48
N ASN D 142 -25.57 0.45 42.00
CA ASN D 142 -24.52 1.11 42.79
C ASN D 142 -23.60 0.12 43.52
N PRO D 143 -22.91 -0.73 42.73
CA PRO D 143 -21.94 -1.65 43.32
C PRO D 143 -20.76 -0.89 43.90
N PRO D 144 -20.04 -1.50 44.85
CA PRO D 144 -18.88 -0.84 45.42
C PRO D 144 -17.71 -0.71 44.44
N GLN D 145 -16.74 0.10 44.83
CA GLN D 145 -15.57 0.40 44.01
C GLN D 145 -14.27 0.06 44.71
N GLN D 146 -13.28 -0.26 43.87
CA GLN D 146 -11.92 -0.48 44.29
C GLN D 146 -11.05 0.39 43.40
N GLY D 147 -10.32 1.33 44.00
CA GLY D 147 -9.51 2.27 43.24
C GLY D 147 -10.32 3.54 43.06
N SER D 148 -9.66 4.69 43.18
CA SER D 148 -10.35 5.95 43.02
C SER D 148 -10.80 6.11 41.59
N PRO D 149 -11.93 6.79 41.38
CA PRO D 149 -12.29 7.11 40.02
C PRO D 149 -11.17 7.83 39.28
N GLY D 150 -11.04 7.54 38.00
CA GLY D 150 -10.01 8.13 37.16
C GLY D 150 -8.57 7.68 37.39
N THR D 151 -8.36 6.67 38.22
CA THR D 151 -7.03 6.08 38.39
C THR D 151 -6.94 4.76 37.64
N ASP D 152 -5.75 4.43 37.17
CA ASP D 152 -5.55 3.20 36.42
C ASP D 152 -5.95 2.00 37.25
N GLY D 153 -6.77 1.14 36.65
CA GLY D 153 -7.21 -0.09 37.31
C GLY D 153 -8.45 0.06 38.19
N GLY D 154 -8.91 1.29 38.40
CA GLY D 154 -10.08 1.54 39.24
C GLY D 154 -11.31 0.91 38.64
N HIS D 155 -12.21 0.42 39.50
CA HIS D 155 -13.38 -0.31 39.02
C HIS D 155 -14.46 -0.51 40.07
N TYR D 156 -15.69 -0.60 39.59
CA TYR D 156 -16.77 -1.22 40.34
C TYR D 156 -16.54 -2.74 40.34
N TYR D 157 -17.03 -3.41 41.40
CA TYR D 157 -16.87 -4.87 41.47
C TYR D 157 -18.12 -5.54 42.01
N TRP D 158 -18.44 -6.69 41.42
CA TRP D 158 -19.48 -7.57 41.92
C TRP D 158 -19.35 -8.98 41.37
N ASP D 159 -20.07 -9.91 41.99
CA ASP D 159 -20.10 -11.32 41.61
C ASP D 159 -21.21 -11.58 40.57
N LEU D 160 -20.94 -12.44 39.60
CA LEU D 160 -21.97 -12.92 38.65
C LEU D 160 -21.98 -14.46 38.65
N ALA D 161 -23.13 -15.04 38.99
CA ALA D 161 -23.35 -16.48 38.85
C ALA D 161 -23.68 -16.76 37.38
N LEU D 162 -22.83 -17.51 36.69
CA LEU D 162 -23.09 -17.89 35.29
C LEU D 162 -24.06 -19.07 35.19
N PRO D 163 -24.97 -19.04 34.20
CA PRO D 163 -25.88 -20.16 34.00
C PRO D 163 -25.13 -21.46 33.70
N SER D 164 -25.73 -22.59 34.08
CA SER D 164 -25.15 -23.89 33.78
C SER D 164 -25.69 -24.36 32.42
N GLY D 165 -25.14 -25.47 31.92
CA GLY D 165 -25.56 -26.04 30.65
C GLY D 165 -25.11 -25.28 29.40
N ARG D 166 -24.09 -24.42 29.53
CA ARG D 166 -23.59 -23.65 28.42
C ARG D 166 -22.26 -24.17 27.93
N SER D 167 -21.97 -23.92 26.66
CA SER D 167 -20.73 -24.31 26.03
C SER D 167 -20.45 -23.37 24.87
N GLY D 168 -19.18 -23.21 24.53
CA GLY D 168 -18.80 -22.47 23.33
C GLY D 168 -18.86 -20.96 23.51
N ASP D 169 -18.73 -20.24 22.39
CA ASP D 169 -18.64 -18.78 22.42
C ASP D 169 -19.93 -18.12 22.84
N ALA D 170 -19.78 -16.96 23.45
CA ALA D 170 -20.91 -16.16 23.89
C ALA D 170 -20.41 -14.74 24.11
N LEU D 171 -21.33 -13.86 24.43
CA LEU D 171 -20.97 -12.48 24.65
C LEU D 171 -21.79 -11.97 25.83
N ILE D 172 -21.14 -11.19 26.70
CA ILE D 172 -21.82 -10.49 27.80
C ILE D 172 -21.94 -9.05 27.42
N PHE D 173 -23.18 -8.57 27.35
CA PHE D 173 -23.44 -7.16 27.08
C PHE D 173 -23.88 -6.48 28.37
N MET D 174 -23.29 -5.33 28.68
CA MET D 174 -23.77 -4.54 29.79
C MET D 174 -24.13 -3.13 29.39
N GLN D 175 -25.25 -2.65 29.92
CA GLN D 175 -25.65 -1.26 29.81
C GLN D 175 -25.60 -0.61 31.19
N TRP D 176 -24.77 0.43 31.29
CA TRP D 176 -24.68 1.24 32.48
C TRP D 176 -25.67 2.38 32.36
N VAL D 177 -26.71 2.31 33.17
CA VAL D 177 -27.82 3.26 33.15
C VAL D 177 -27.73 4.21 34.32
N ARG D 178 -27.23 5.41 34.06
CA ARG D 178 -27.09 6.44 35.09
C ARG D 178 -28.46 6.81 35.63
N SER D 179 -28.48 7.10 36.92
CA SER D 179 -29.71 7.52 37.58
C SER D 179 -29.81 9.04 37.65
N ASP D 180 -28.76 9.74 37.21
CA ASP D 180 -28.67 11.20 37.33
C ASP D 180 -28.49 11.89 35.97
N SER D 181 -28.70 11.15 34.89
CA SER D 181 -28.44 11.62 33.54
C SER D 181 -29.06 10.67 32.54
N GLN D 182 -29.29 11.17 31.32
CA GLN D 182 -29.71 10.32 30.21
C GLN D 182 -28.51 9.57 29.58
N GLU D 183 -27.30 9.93 29.96
CA GLU D 183 -26.11 9.27 29.44
C GLU D 183 -26.00 7.84 29.93
N ASN D 184 -25.85 6.88 28.99
CA ASN D 184 -25.58 5.48 29.35
C ASN D 184 -24.33 5.01 28.61
N PHE D 185 -23.75 3.94 29.14
CA PHE D 185 -22.54 3.29 28.59
C PHE D 185 -22.87 1.88 28.15
N PHE D 186 -22.13 1.42 27.14
CA PHE D 186 -22.43 0.19 26.40
C PHE D 186 -21.16 -0.66 26.27
N SER D 187 -21.22 -1.88 26.82
CA SER D 187 -20.05 -2.74 26.97
C SER D 187 -20.31 -4.13 26.40
N CYS D 188 -19.41 -4.63 25.56
CA CYS D 188 -19.56 -5.97 24.96
C CYS D 188 -18.32 -6.79 25.23
N SER D 189 -18.47 -7.94 25.87
CA SER D 189 -17.33 -8.78 26.28
C SER D 189 -17.46 -10.17 25.63
N ASP D 190 -16.49 -10.55 24.80
CA ASP D 190 -16.50 -11.90 24.25
C ASP D 190 -16.01 -12.91 25.28
N VAL D 191 -16.72 -14.03 25.38
CA VAL D 191 -16.37 -15.09 26.31
C VAL D 191 -16.49 -16.44 25.61
N VAL D 192 -15.99 -17.48 26.28
CA VAL D 192 -16.23 -18.85 25.83
C VAL D 192 -16.41 -19.75 27.06
N PHE D 193 -17.45 -20.57 27.06
CA PHE D 193 -17.67 -21.53 28.14
C PHE D 193 -16.92 -22.82 27.77
N ASP D 194 -15.72 -22.97 28.30
CA ASP D 194 -14.87 -24.13 27.97
C ASP D 194 -14.20 -24.74 29.20
N GLY D 195 -14.66 -24.39 30.39
CA GLY D 195 -14.06 -24.92 31.62
C GLY D 195 -12.84 -24.11 32.06
N GLY D 196 -12.67 -22.90 31.52
CA GLY D 196 -11.61 -22.00 31.96
C GLY D 196 -11.99 -21.23 33.22
N HIS E 1 8.21 -33.34 -7.97
CA HIS E 1 7.61 -32.00 -7.65
C HIS E 1 6.46 -32.27 -6.72
N GLY E 2 6.45 -31.58 -5.58
CA GLY E 2 5.44 -31.83 -4.54
C GLY E 2 5.90 -31.42 -3.16
N VAL E 3 4.92 -31.03 -2.36
CA VAL E 3 5.06 -30.75 -0.94
C VAL E 3 3.86 -31.37 -0.25
N ALA E 4 3.87 -31.39 1.07
CA ALA E 4 2.76 -32.04 1.79
C ALA E 4 1.44 -31.32 1.53
N MET E 5 0.38 -32.11 1.33
CA MET E 5 -1.01 -31.61 1.20
C MET E 5 -1.86 -31.79 2.46
N MET E 6 -1.61 -32.88 3.20
N MET E 6 -1.58 -32.85 3.22
CA MET E 6 -2.28 -33.15 4.45
CA MET E 6 -2.29 -33.13 4.46
C MET E 6 -1.25 -33.78 5.36
C MET E 6 -1.30 -33.81 5.39
N PRO E 7 -0.86 -33.12 6.46
CA PRO E 7 -1.11 -31.71 6.85
C PRO E 7 -0.41 -30.81 5.86
N GLY E 8 -1.14 -29.84 5.33
CA GLY E 8 -0.63 -29.08 4.19
C GLY E 8 0.57 -28.23 4.54
N SER E 9 1.51 -28.16 3.60
N SER E 9 1.51 -28.16 3.60
CA SER E 9 2.69 -27.32 3.73
CA SER E 9 2.71 -27.34 3.73
C SER E 9 2.32 -25.85 3.64
C SER E 9 2.41 -25.87 3.48
N ARG E 10 3.26 -25.00 4.02
CA ARG E 10 3.04 -23.56 3.93
C ARG E 10 2.69 -23.09 2.51
N THR E 11 3.45 -23.51 1.49
CA THR E 11 3.15 -23.04 0.11
C THR E 11 1.84 -23.61 -0.43
N TYR E 12 1.53 -24.84 -0.02
CA TYR E 12 0.27 -25.46 -0.46
C TYR E 12 -0.96 -24.77 0.18
N LEU E 13 -0.94 -24.63 1.51
CA LEU E 13 -2.06 -23.97 2.18
C LEU E 13 -2.22 -22.52 1.75
N CYS E 14 -1.08 -21.86 1.49
CA CYS E 14 -1.17 -20.48 1.07
C CYS E 14 -1.74 -20.35 -0.34
N GLN E 15 -1.39 -21.27 -1.24
CA GLN E 15 -1.97 -21.17 -2.61
C GLN E 15 -3.48 -21.49 -2.59
N LEU E 16 -3.91 -22.38 -1.71
CA LEU E 16 -5.34 -22.60 -1.51
C LEU E 16 -6.01 -21.37 -0.92
N ASP E 17 -5.33 -20.71 0.01
CA ASP E 17 -5.84 -19.52 0.68
C ASP E 17 -5.96 -18.33 -0.30
N ALA E 18 -5.15 -18.34 -1.35
CA ALA E 18 -5.13 -17.22 -2.29
C ALA E 18 -6.01 -17.42 -3.52
N LYS E 19 -6.65 -18.59 -3.58
CA LYS E 19 -7.35 -19.04 -4.77
C LYS E 19 -8.45 -18.07 -5.17
N THR E 20 -8.48 -17.73 -6.46
CA THR E 20 -9.60 -17.04 -7.05
C THR E 20 -10.02 -17.74 -8.34
N GLY E 21 -11.21 -17.45 -8.80
CA GLY E 21 -11.70 -18.07 -10.04
C GLY E 21 -11.01 -17.60 -11.31
N THR E 22 -10.30 -16.47 -11.26
CA THR E 22 -9.58 -15.96 -12.44
C THR E 22 -8.13 -16.41 -12.47
N GLY E 23 -7.66 -16.96 -11.37
CA GLY E 23 -6.26 -17.34 -11.23
C GLY E 23 -5.40 -16.24 -10.64
N ALA E 24 -5.97 -15.06 -10.38
CA ALA E 24 -5.29 -14.06 -9.58
C ALA E 24 -5.10 -14.60 -8.17
N LEU E 25 -4.16 -14.03 -7.44
CA LEU E 25 -3.83 -14.48 -6.08
C LEU E 25 -4.38 -13.44 -5.07
N ASP E 26 -5.21 -13.88 -4.12
CA ASP E 26 -5.85 -13.01 -3.12
C ASP E 26 -5.81 -13.69 -1.75
N PRO E 27 -4.63 -13.72 -1.12
CA PRO E 27 -4.56 -14.30 0.22
C PRO E 27 -5.40 -13.54 1.24
N THR E 28 -5.85 -14.28 2.25
CA THR E 28 -6.55 -13.71 3.37
C THR E 28 -5.71 -13.86 4.64
N ASN E 29 -5.02 -14.97 4.76
CA ASN E 29 -4.15 -15.19 5.91
C ASN E 29 -2.99 -14.20 5.88
N PRO E 30 -2.66 -13.58 7.02
CA PRO E 30 -1.65 -12.51 7.00
C PRO E 30 -0.22 -12.98 6.74
N ALA E 31 0.12 -14.19 7.19
CA ALA E 31 1.43 -14.76 6.85
C ALA E 31 1.54 -15.04 5.37
N CYS E 32 0.48 -15.57 4.78
CA CYS E 32 0.44 -15.82 3.34
C CYS E 32 0.51 -14.51 2.57
N GLN E 33 -0.26 -13.50 3.00
CA GLN E 33 -0.15 -12.18 2.37
C GLN E 33 1.29 -11.68 2.44
N ALA E 34 1.93 -11.80 3.60
CA ALA E 34 3.31 -11.34 3.70
C ALA E 34 4.26 -12.10 2.78
N ALA E 35 3.99 -13.40 2.60
CA ALA E 35 4.84 -14.21 1.74
C ALA E 35 4.65 -13.84 0.25
N LEU E 36 3.42 -13.54 -0.13
CA LEU E 36 3.15 -13.08 -1.48
C LEU E 36 3.86 -11.77 -1.74
N ASP E 37 3.72 -10.85 -0.79
CA ASP E 37 4.33 -9.49 -0.88
C ASP E 37 5.85 -9.58 -0.99
N GLN E 38 6.49 -10.45 -0.20
CA GLN E 38 7.95 -10.54 -0.21
C GLN E 38 8.51 -11.42 -1.32
N SER E 39 7.99 -12.63 -1.45
CA SER E 39 8.61 -13.63 -2.31
C SER E 39 7.92 -13.74 -3.68
N GLY E 40 6.71 -13.22 -3.79
CA GLY E 40 6.08 -13.01 -5.10
C GLY E 40 5.14 -14.12 -5.59
N ALA E 41 4.44 -13.82 -6.67
CA ALA E 41 3.39 -14.69 -7.17
C ALA E 41 3.89 -15.99 -7.80
N THR E 42 5.06 -15.96 -8.45
CA THR E 42 5.54 -17.12 -9.19
C THR E 42 5.76 -18.31 -8.25
N ALA E 43 6.23 -18.01 -7.05
CA ALA E 43 6.44 -19.01 -6.04
C ALA E 43 5.17 -19.72 -5.69
N LEU E 44 4.06 -18.99 -5.53
CA LEU E 44 2.77 -19.64 -5.27
C LEU E 44 2.22 -20.44 -6.45
N TYR E 45 2.39 -19.93 -7.67
CA TYR E 45 1.99 -20.70 -8.86
C TYR E 45 2.78 -21.99 -8.94
N ASN E 46 3.98 -21.98 -8.36
CA ASN E 46 4.90 -23.14 -8.38
C ASN E 46 5.09 -23.67 -6.97
N TRP E 47 3.99 -23.75 -6.23
CA TRP E 47 4.02 -24.14 -4.80
C TRP E 47 4.70 -25.48 -4.45
N PHE E 48 4.68 -26.38 -5.44
CA PHE E 48 5.24 -27.72 -5.33
C PHE E 48 6.76 -27.80 -5.60
N ALA E 49 7.39 -26.70 -6.06
CA ALA E 49 8.74 -26.72 -6.56
C ALA E 49 9.80 -26.30 -5.52
N VAL E 50 9.55 -26.60 -4.25
CA VAL E 50 10.52 -26.21 -3.19
C VAL E 50 11.60 -27.28 -3.17
N LEU E 51 12.57 -27.11 -4.05
CA LEU E 51 13.58 -28.13 -4.35
C LEU E 51 15.00 -27.60 -4.24
N ASP E 52 15.93 -28.52 -4.05
CA ASP E 52 17.35 -28.27 -4.20
C ASP E 52 17.87 -29.43 -5.05
N SER E 53 18.34 -29.11 -6.25
CA SER E 53 18.81 -30.11 -7.18
C SER E 53 20.00 -30.91 -6.71
N ASN E 54 20.73 -30.44 -5.68
CA ASN E 54 21.98 -31.03 -5.25
C ASN E 54 21.98 -31.52 -3.81
N ALA E 55 20.82 -31.54 -3.16
CA ALA E 55 20.83 -31.89 -1.74
C ALA E 55 21.34 -33.32 -1.48
N GLY E 56 20.86 -34.28 -2.24
CA GLY E 56 21.39 -35.64 -2.13
C GLY E 56 21.25 -36.28 -0.75
N GLY E 57 20.14 -36.01 -0.07
CA GLY E 57 19.88 -36.60 1.25
C GLY E 57 20.55 -35.86 2.38
N ARG E 58 21.33 -34.84 2.07
CA ARG E 58 21.99 -34.07 3.12
C ARG E 58 20.97 -33.20 3.84
N GLY E 59 21.29 -32.87 5.10
CA GLY E 59 20.43 -32.01 5.92
C GLY E 59 21.29 -31.12 6.78
N ALA E 60 21.44 -31.47 8.07
CA ALA E 60 22.21 -30.62 8.97
C ALA E 60 23.63 -30.51 8.50
N GLY E 61 24.18 -29.31 8.55
CA GLY E 61 25.52 -29.02 8.06
C GLY E 61 25.52 -28.56 6.62
N TYR E 62 24.41 -28.80 5.92
CA TYR E 62 24.32 -28.46 4.50
C TYR E 62 23.15 -27.48 4.20
N VAL E 63 21.96 -27.81 4.69
CA VAL E 63 20.83 -26.89 4.64
C VAL E 63 20.90 -26.00 5.88
N PRO E 64 21.15 -24.69 5.70
CA PRO E 64 21.33 -23.88 6.90
C PRO E 64 20.09 -23.76 7.78
N ASP E 65 20.29 -23.73 9.11
CA ASP E 65 19.19 -23.44 10.02
C ASP E 65 18.43 -22.18 9.54
N GLY E 66 17.11 -22.26 9.67
CA GLY E 66 16.22 -21.18 9.26
C GLY E 66 15.87 -21.09 7.78
N THR E 67 16.30 -22.05 6.98
CA THR E 67 16.01 -22.08 5.53
C THR E 67 15.42 -23.42 5.07
N LEU E 68 15.06 -24.31 6.00
CA LEU E 68 14.55 -25.65 5.63
C LEU E 68 13.30 -25.52 4.72
N CYS E 69 12.43 -24.58 5.05
CA CYS E 69 11.15 -24.47 4.39
C CYS E 69 11.28 -23.85 2.97
N SER E 70 12.46 -23.38 2.59
CA SER E 70 12.72 -22.92 1.22
C SER E 70 13.83 -23.76 0.52
N ALA E 71 14.10 -24.96 1.01
CA ALA E 71 15.17 -25.83 0.45
C ALA E 71 16.52 -25.11 0.44
N GLY E 72 16.78 -24.36 1.49
CA GLY E 72 18.07 -23.70 1.65
C GLY E 72 18.25 -22.56 0.67
N ASP E 73 17.14 -22.05 0.15
CA ASP E 73 17.09 -21.01 -0.87
C ASP E 73 17.85 -21.37 -2.13
N ARG E 74 17.82 -22.65 -2.44
CA ARG E 74 18.52 -23.15 -3.62
C ARG E 74 17.60 -23.60 -4.75
N SER E 75 16.31 -23.30 -4.66
CA SER E 75 15.36 -23.71 -5.74
C SER E 75 15.39 -22.70 -6.89
N PRO E 76 14.66 -23.00 -7.95
CA PRO E 76 14.57 -22.01 -9.02
C PRO E 76 13.73 -20.77 -8.69
N TYR E 77 13.06 -20.79 -7.53
CA TYR E 77 12.13 -19.73 -7.16
C TYR E 77 12.48 -19.13 -5.81
N ASP E 78 11.89 -17.96 -5.55
CA ASP E 78 12.02 -17.31 -4.27
C ASP E 78 10.99 -17.91 -3.29
N PHE E 79 11.45 -18.79 -2.40
CA PHE E 79 10.57 -19.27 -1.34
C PHE E 79 10.98 -18.72 0.03
N SER E 80 11.83 -17.71 0.04
CA SER E 80 12.45 -17.25 1.26
C SER E 80 11.46 -16.88 2.34
N ALA E 81 10.38 -16.22 1.94
CA ALA E 81 9.37 -15.78 2.90
C ALA E 81 8.62 -16.91 3.62
N TYR E 82 8.69 -18.12 3.06
CA TYR E 82 8.04 -19.30 3.63
C TYR E 82 8.82 -19.81 4.83
N ASN E 83 9.98 -19.22 5.13
CA ASN E 83 10.69 -19.45 6.40
C ASN E 83 10.28 -18.52 7.54
N ALA E 84 9.38 -17.57 7.31
CA ALA E 84 9.12 -16.54 8.32
C ALA E 84 8.73 -17.17 9.65
N ALA E 85 9.39 -16.71 10.71
CA ALA E 85 9.20 -17.23 12.06
C ALA E 85 8.02 -16.50 12.71
N ARG E 86 6.83 -16.92 12.28
CA ARG E 86 5.58 -16.30 12.66
C ARG E 86 4.62 -17.36 13.17
N SER E 87 3.75 -16.97 14.10
CA SER E 87 2.82 -17.90 14.70
C SER E 87 1.43 -17.92 14.03
N ASP E 88 1.29 -17.20 12.92
CA ASP E 88 -0.04 -17.03 12.33
C ASP E 88 -0.17 -17.64 10.96
N TRP E 89 0.76 -18.52 10.58
CA TRP E 89 0.57 -19.29 9.37
C TRP E 89 -0.70 -20.15 9.46
N PRO E 90 -1.30 -20.49 8.31
CA PRO E 90 -2.39 -21.47 8.36
C PRO E 90 -1.90 -22.77 9.01
N ARG E 91 -2.77 -23.44 9.73
CA ARG E 91 -2.35 -24.66 10.41
C ARG E 91 -3.40 -25.73 10.39
N THR E 92 -2.92 -26.96 10.51
CA THR E 92 -3.78 -28.11 10.63
C THR E 92 -3.90 -28.48 12.13
N HIS E 93 -5.15 -28.69 12.55
CA HIS E 93 -5.47 -29.03 13.94
C HIS E 93 -5.48 -30.55 14.10
N LEU E 94 -4.68 -31.03 15.04
CA LEU E 94 -4.40 -32.44 15.25
C LEU E 94 -4.65 -32.90 16.66
N THR E 95 -4.81 -34.20 16.76
CA THR E 95 -4.95 -34.88 18.04
C THR E 95 -3.68 -35.66 18.32
N SER E 96 -3.00 -35.34 19.42
CA SER E 96 -1.78 -36.05 19.79
C SER E 96 -2.19 -37.48 20.15
N GLY E 97 -1.44 -38.44 19.64
CA GLY E 97 -1.71 -39.85 19.87
C GLY E 97 -2.66 -40.52 18.90
N ALA E 98 -3.11 -39.81 17.88
CA ALA E 98 -3.90 -40.38 16.80
C ALA E 98 -3.07 -40.59 15.57
N THR E 99 -3.53 -41.50 14.72
CA THR E 99 -2.93 -41.71 13.42
C THR E 99 -3.70 -40.92 12.37
N ILE E 100 -2.97 -40.19 11.52
CA ILE E 100 -3.59 -39.39 10.45
C ILE E 100 -3.23 -39.90 9.05
N PRO E 101 -4.12 -39.68 8.10
CA PRO E 101 -3.89 -40.00 6.69
C PRO E 101 -3.14 -38.88 5.98
N VAL E 102 -1.84 -39.09 5.82
CA VAL E 102 -0.92 -38.13 5.21
C VAL E 102 -1.05 -38.19 3.70
N GLU E 103 -0.99 -37.02 3.07
CA GLU E 103 -1.03 -36.91 1.62
C GLU E 103 0.06 -35.96 1.22
N TYR E 104 0.84 -36.36 0.24
CA TYR E 104 1.94 -35.56 -0.31
C TYR E 104 1.75 -35.48 -1.80
N SER E 105 1.80 -34.27 -2.33
CA SER E 105 1.59 -34.02 -3.78
C SER E 105 2.47 -34.88 -4.67
N ASN E 106 1.88 -35.48 -5.72
CA ASN E 106 2.64 -36.21 -6.74
C ASN E 106 2.61 -35.41 -8.06
N TRP E 107 2.78 -34.09 -7.95
CA TRP E 107 2.73 -33.22 -9.13
C TRP E 107 3.64 -33.74 -10.28
N ALA E 108 4.86 -34.15 -9.92
CA ALA E 108 5.65 -35.09 -10.73
C ALA E 108 6.14 -36.17 -9.77
N ALA E 109 6.01 -37.42 -10.20
CA ALA E 109 6.29 -38.60 -9.36
C ALA E 109 7.77 -38.95 -9.41
N HIS E 110 8.34 -39.39 -8.28
CA HIS E 110 9.75 -39.84 -8.24
C HIS E 110 9.89 -40.93 -7.25
N PRO E 111 10.84 -41.85 -7.47
CA PRO E 111 11.14 -42.86 -6.45
C PRO E 111 11.99 -42.24 -5.34
N GLY E 112 11.84 -42.77 -4.12
CA GLY E 112 12.60 -42.30 -2.97
C GLY E 112 11.85 -42.40 -1.65
N ASP E 113 12.40 -41.72 -0.64
CA ASP E 113 11.92 -41.77 0.74
C ASP E 113 11.36 -40.43 1.14
N PHE E 114 10.33 -40.48 1.97
CA PHE E 114 9.88 -39.29 2.72
C PHE E 114 10.33 -39.44 4.17
N ARG E 115 11.15 -38.48 4.58
CA ARG E 115 11.69 -38.37 5.91
C ARG E 115 10.80 -37.35 6.60
N VAL E 116 10.18 -37.76 7.69
CA VAL E 116 9.15 -36.95 8.36
C VAL E 116 9.64 -36.61 9.77
N TYR E 117 9.67 -35.31 10.09
CA TYR E 117 10.21 -34.81 11.34
C TYR E 117 9.15 -33.99 12.06
N LEU E 118 9.20 -33.98 13.39
CA LEU E 118 8.29 -33.18 14.23
C LEU E 118 9.14 -32.28 15.14
N THR E 119 8.84 -30.98 15.16
CA THR E 119 9.48 -30.12 16.17
C THR E 119 9.34 -30.61 17.59
N LYS E 120 10.41 -30.42 18.35
CA LYS E 120 10.45 -30.90 19.74
C LYS E 120 9.48 -30.13 20.63
N PRO E 121 9.04 -30.77 21.72
CA PRO E 121 8.23 -30.04 22.68
C PRO E 121 8.90 -28.75 23.13
N GLY E 122 8.11 -27.69 23.24
CA GLY E 122 8.64 -26.40 23.68
C GLY E 122 9.10 -25.50 22.56
N TRP E 123 9.35 -26.05 21.38
CA TRP E 123 9.66 -25.19 20.24
C TRP E 123 8.37 -24.50 19.82
N SER E 124 8.47 -23.20 19.57
N SER E 124 8.49 -23.20 19.56
CA SER E 124 7.32 -22.52 19.03
CA SER E 124 7.36 -22.40 19.13
C SER E 124 7.72 -21.77 17.78
C SER E 124 7.73 -21.71 17.80
N PRO E 125 6.74 -21.46 16.93
CA PRO E 125 7.03 -20.95 15.59
C PRO E 125 7.52 -19.50 15.47
N THR E 126 7.57 -18.75 16.58
CA THR E 126 8.27 -17.47 16.53
C THR E 126 9.78 -17.62 16.68
N SER E 127 10.25 -18.85 16.85
CA SER E 127 11.68 -19.13 16.92
C SER E 127 12.15 -19.67 15.58
N GLU E 128 13.42 -19.40 15.28
CA GLU E 128 14.10 -20.02 14.15
C GLU E 128 13.90 -21.55 14.17
N LEU E 129 13.60 -22.14 13.01
CA LEU E 129 13.53 -23.58 12.86
C LEU E 129 14.89 -24.13 12.47
N GLY E 130 15.55 -24.82 13.42
CA GLY E 130 16.84 -25.46 13.15
C GLY E 130 16.74 -26.96 13.17
N TRP E 131 17.77 -27.64 12.67
CA TRP E 131 17.78 -29.10 12.68
C TRP E 131 17.72 -29.65 14.12
N ASP E 132 18.30 -28.91 15.07
CA ASP E 132 18.30 -29.37 16.45
C ASP E 132 16.91 -29.23 17.12
N ASP E 133 15.98 -28.58 16.42
CA ASP E 133 14.59 -28.46 16.87
C ASP E 133 13.70 -29.58 16.32
N LEU E 134 14.26 -30.46 15.52
CA LEU E 134 13.49 -31.47 14.79
C LEU E 134 13.87 -32.89 15.27
N GLU E 135 12.88 -33.76 15.36
CA GLU E 135 13.12 -35.19 15.58
C GLU E 135 12.51 -35.97 14.43
N LEU E 136 13.30 -36.86 13.83
CA LEU E 136 12.81 -37.79 12.80
C LEU E 136 11.85 -38.75 13.49
N ILE E 137 10.62 -38.85 12.99
CA ILE E 137 9.62 -39.75 13.55
C ILE E 137 9.18 -40.86 12.58
N GLN E 138 9.45 -40.71 11.28
CA GLN E 138 9.07 -41.70 10.30
C GLN E 138 9.88 -41.55 9.00
N THR E 139 10.19 -42.69 8.40
CA THR E 139 10.70 -42.72 7.05
C THR E 139 9.82 -43.65 6.21
N VAL E 140 9.27 -43.13 5.13
CA VAL E 140 8.37 -43.89 4.26
C VAL E 140 8.97 -44.06 2.88
N THR E 141 9.17 -45.30 2.44
CA THR E 141 9.81 -45.55 1.16
C THR E 141 8.78 -45.92 0.10
N ASN E 142 8.76 -45.13 -0.99
CA ASN E 142 7.87 -45.39 -2.14
C ASN E 142 6.46 -45.80 -1.77
N PRO E 143 5.71 -44.87 -1.15
CA PRO E 143 4.33 -45.12 -0.80
C PRO E 143 3.43 -45.11 -2.04
N PRO E 144 2.22 -45.67 -1.92
CA PRO E 144 1.27 -45.70 -3.02
C PRO E 144 0.79 -44.30 -3.40
N GLN E 145 0.19 -44.21 -4.58
CA GLN E 145 -0.41 -42.96 -5.08
C GLN E 145 -1.91 -43.11 -5.29
N GLN E 146 -2.61 -41.99 -5.13
CA GLN E 146 -4.01 -41.87 -5.47
C GLN E 146 -4.12 -40.72 -6.47
N GLY E 147 -4.52 -41.01 -7.70
CA GLY E 147 -4.54 -40.00 -8.76
C GLY E 147 -3.26 -40.08 -9.55
N SER E 148 -3.36 -39.89 -10.86
CA SER E 148 -2.18 -39.88 -11.71
C SER E 148 -1.28 -38.70 -11.37
N PRO E 149 0.03 -38.88 -11.51
CA PRO E 149 0.92 -37.74 -11.31
C PRO E 149 0.50 -36.57 -12.15
N GLY E 150 0.63 -35.35 -11.62
CA GLY E 150 0.30 -34.15 -12.39
C GLY E 150 -1.18 -33.78 -12.41
N THR E 151 -2.06 -34.60 -11.82
CA THR E 151 -3.48 -34.28 -11.77
C THR E 151 -3.82 -33.49 -10.51
N ASP E 152 -4.79 -32.58 -10.61
CA ASP E 152 -5.26 -31.86 -9.45
C ASP E 152 -5.74 -32.85 -8.37
N GLY E 153 -5.24 -32.66 -7.16
CA GLY E 153 -5.54 -33.50 -6.02
C GLY E 153 -4.73 -34.76 -5.90
N GLY E 154 -3.89 -35.06 -6.88
CA GLY E 154 -3.11 -36.30 -6.86
C GLY E 154 -2.14 -36.34 -5.68
N HIS E 155 -1.89 -37.50 -5.12
CA HIS E 155 -0.98 -37.56 -3.99
C HIS E 155 -0.48 -38.95 -3.69
N TYR E 156 0.72 -39.02 -3.13
CA TYR E 156 1.18 -40.15 -2.37
C TYR E 156 0.42 -40.16 -1.06
N TYR E 157 0.21 -41.33 -0.47
CA TYR E 157 -0.46 -41.36 0.82
C TYR E 157 0.05 -42.46 1.73
N TRP E 158 0.03 -42.19 3.03
CA TRP E 158 0.48 -43.14 4.03
C TRP E 158 -0.05 -42.72 5.38
N ASP E 159 0.13 -43.59 6.39
CA ASP E 159 -0.35 -43.32 7.76
C ASP E 159 0.77 -42.82 8.68
N LEU E 160 0.48 -41.82 9.49
CA LEU E 160 1.45 -41.31 10.46
C LEU E 160 0.82 -41.32 11.83
N ALA E 161 1.42 -42.09 12.74
CA ALA E 161 1.04 -42.10 14.13
C ALA E 161 1.68 -40.92 14.84
N LEU E 162 0.86 -39.96 15.24
CA LEU E 162 1.38 -38.75 15.89
C LEU E 162 1.77 -39.07 17.31
N PRO E 163 2.93 -38.55 17.76
CA PRO E 163 3.31 -38.81 19.16
C PRO E 163 2.26 -38.38 20.18
N SER E 164 2.14 -39.12 21.27
CA SER E 164 1.26 -38.72 22.38
C SER E 164 1.99 -37.70 23.27
N GLY E 165 1.25 -37.08 24.18
CA GLY E 165 1.83 -36.13 25.14
C GLY E 165 2.19 -34.78 24.55
N ARG E 166 1.61 -34.43 23.40
CA ARG E 166 1.91 -33.15 22.72
C ARG E 166 0.73 -32.17 22.76
N SER E 167 1.05 -30.89 22.88
CA SER E 167 0.06 -29.84 23.00
C SER E 167 0.62 -28.59 22.32
N GLY E 168 -0.30 -27.76 21.84
CA GLY E 168 0.05 -26.48 21.22
C GLY E 168 0.73 -26.61 19.88
N ASP E 169 1.26 -25.48 19.40
CA ASP E 169 1.85 -25.39 18.08
C ASP E 169 3.10 -26.23 17.86
N ALA E 170 3.27 -26.71 16.63
CA ALA E 170 4.42 -27.50 16.21
C ALA E 170 4.54 -27.36 14.70
N LEU E 171 5.55 -27.97 14.11
CA LEU E 171 5.72 -27.96 12.67
C LEU E 171 6.19 -29.35 12.28
N ILE E 172 5.61 -29.86 11.19
CA ILE E 172 6.07 -31.12 10.59
C ILE E 172 6.89 -30.78 9.34
N PHE E 173 8.16 -31.21 9.37
CA PHE E 173 9.08 -30.99 8.24
C PHE E 173 9.25 -32.30 7.51
N MET E 174 9.08 -32.29 6.19
CA MET E 174 9.40 -33.47 5.41
C MET E 174 10.44 -33.17 4.36
N GLN E 175 11.35 -34.13 4.18
CA GLN E 175 12.34 -34.08 3.10
C GLN E 175 12.10 -35.27 2.16
N TRP E 176 11.78 -34.98 0.91
CA TRP E 176 11.57 -36.03 -0.10
C TRP E 176 12.89 -36.27 -0.76
N VAL E 177 13.47 -37.43 -0.49
CA VAL E 177 14.81 -37.78 -0.91
C VAL E 177 14.73 -38.77 -2.03
N ARG E 178 14.91 -38.27 -3.26
CA ARG E 178 14.88 -39.12 -4.43
C ARG E 178 15.98 -40.17 -4.39
N SER E 179 15.64 -41.38 -4.78
CA SER E 179 16.62 -42.47 -4.93
C SER E 179 17.37 -42.45 -6.28
N ASP E 180 16.90 -41.61 -7.22
CA ASP E 180 17.38 -41.66 -8.59
C ASP E 180 18.01 -40.34 -9.04
N SER E 181 18.26 -39.44 -8.08
CA SER E 181 18.68 -38.08 -8.37
C SER E 181 19.17 -37.44 -7.08
N GLN E 182 20.00 -36.41 -7.20
CA GLN E 182 20.37 -35.59 -6.03
C GLN E 182 19.25 -34.63 -5.62
N GLU E 183 18.26 -34.48 -6.49
CA GLU E 183 17.21 -33.50 -6.21
C GLU E 183 16.39 -33.95 -5.06
N ASN E 184 16.18 -33.07 -4.08
CA ASN E 184 15.24 -33.34 -3.00
C ASN E 184 14.23 -32.18 -2.89
N PHE E 185 13.10 -32.49 -2.27
CA PHE E 185 12.05 -31.50 -1.94
C PHE E 185 11.87 -31.34 -0.42
N PHE E 186 11.43 -30.13 -0.07
CA PHE E 186 11.40 -29.65 1.30
C PHE E 186 10.03 -29.09 1.63
N SER E 187 9.41 -29.64 2.69
CA SER E 187 8.01 -29.36 3.04
C SER E 187 7.91 -28.98 4.52
N CYS E 188 7.26 -27.87 4.83
CA CYS E 188 7.04 -27.41 6.20
C CYS E 188 5.54 -27.17 6.45
N SER E 189 4.97 -27.94 7.36
CA SER E 189 3.55 -27.92 7.67
C SER E 189 3.31 -27.45 9.12
N ASP E 190 2.66 -26.28 9.28
CA ASP E 190 2.32 -25.80 10.61
C ASP E 190 1.13 -26.58 11.13
N VAL E 191 1.21 -26.98 12.39
CA VAL E 191 0.15 -27.73 13.07
C VAL E 191 -0.07 -27.24 14.51
N VAL E 192 -1.17 -27.68 15.09
CA VAL E 192 -1.43 -27.48 16.51
C VAL E 192 -2.09 -28.72 17.07
N PHE E 193 -1.57 -29.16 18.21
CA PHE E 193 -2.15 -30.30 18.95
C PHE E 193 -3.21 -29.76 19.90
N ASP E 194 -4.47 -29.95 19.53
CA ASP E 194 -5.62 -29.44 20.28
C ASP E 194 -6.19 -30.53 21.18
N GLY E 195 -6.93 -30.11 22.19
CA GLY E 195 -7.57 -31.05 23.10
C GLY E 195 -7.04 -30.96 24.51
N HIS F 1 34.77 4.90 -11.58
CA HIS F 1 33.34 5.14 -11.27
C HIS F 1 32.95 6.56 -11.66
N GLY F 2 31.93 6.64 -12.49
CA GLY F 2 31.32 7.90 -12.84
C GLY F 2 30.50 7.77 -14.09
N VAL F 3 29.54 8.68 -14.20
CA VAL F 3 28.82 8.99 -15.43
C VAL F 3 28.81 10.51 -15.66
N ALA F 4 28.27 10.94 -16.80
CA ALA F 4 28.28 12.37 -17.12
C ALA F 4 27.48 13.22 -16.11
N MET F 5 28.01 14.39 -15.81
CA MET F 5 27.37 15.37 -14.92
C MET F 5 26.81 16.56 -15.66
N MET F 6 27.50 16.99 -16.72
N MET F 6 27.52 16.99 -16.71
CA MET F 6 27.03 18.08 -17.59
CA MET F 6 27.07 18.03 -17.62
C MET F 6 27.43 17.74 -19.03
C MET F 6 27.45 17.62 -19.03
N PRO F 7 26.45 17.39 -19.90
CA PRO F 7 25.00 17.26 -19.62
C PRO F 7 24.77 15.99 -18.82
N GLY F 8 24.00 16.12 -17.75
CA GLY F 8 23.89 15.05 -16.78
C GLY F 8 23.26 13.80 -17.34
N SER F 9 23.78 12.66 -16.90
N SER F 9 23.79 12.67 -16.88
CA SER F 9 23.26 11.38 -17.32
CA SER F 9 23.33 11.34 -17.28
C SER F 9 21.97 11.10 -16.58
C SER F 9 22.08 10.98 -16.48
N ARG F 10 21.29 10.04 -16.96
CA ARG F 10 19.99 9.71 -16.34
C ARG F 10 20.09 9.41 -14.85
N THR F 11 21.05 8.56 -14.46
CA THR F 11 21.14 8.21 -13.04
C THR F 11 21.58 9.43 -12.19
N TYR F 12 22.41 10.29 -12.79
CA TYR F 12 22.91 11.48 -12.08
C TYR F 12 21.79 12.55 -11.92
N LEU F 13 21.06 12.84 -12.99
CA LEU F 13 19.97 13.81 -12.86
C LEU F 13 18.86 13.26 -11.99
N CYS F 14 18.63 11.93 -12.01
CA CYS F 14 17.62 11.35 -11.16
C CYS F 14 18.03 11.37 -9.69
N GLN F 15 19.29 11.07 -9.37
CA GLN F 15 19.69 11.18 -7.95
C GLN F 15 19.59 12.62 -7.42
N LEU F 16 19.92 13.61 -8.24
CA LEU F 16 19.67 15.00 -7.88
C LEU F 16 18.19 15.28 -7.66
N ASP F 17 17.35 14.78 -8.56
CA ASP F 17 15.92 15.03 -8.51
C ASP F 17 15.29 14.41 -7.25
N ALA F 18 15.91 13.33 -6.76
CA ALA F 18 15.39 12.56 -5.64
C ALA F 18 15.85 13.08 -4.29
N LYS F 19 16.75 14.05 -4.29
CA LYS F 19 17.48 14.44 -3.09
C LYS F 19 16.54 14.90 -2.00
N THR F 20 16.77 14.40 -0.78
CA THR F 20 16.08 14.91 0.41
C THR F 20 17.08 15.14 1.54
N GLY F 21 16.65 15.88 2.54
CA GLY F 21 17.54 16.20 3.65
C GLY F 21 17.91 14.99 4.50
N THR F 22 17.06 13.96 4.53
CA THR F 22 17.39 12.77 5.30
C THR F 22 18.24 11.79 4.49
N GLY F 23 18.36 11.98 3.19
CA GLY F 23 19.01 10.98 2.33
C GLY F 23 18.05 9.94 1.77
N ALA F 24 16.78 9.98 2.18
CA ALA F 24 15.73 9.27 1.46
C ALA F 24 15.62 9.76 0.00
N LEU F 25 15.00 8.93 -0.83
CA LEU F 25 14.92 9.22 -2.26
C LEU F 25 13.45 9.50 -2.58
N ASP F 26 13.17 10.72 -3.01
CA ASP F 26 11.80 11.15 -3.25
C ASP F 26 11.79 11.96 -4.56
N PRO F 27 11.85 11.25 -5.70
CA PRO F 27 11.83 11.95 -6.99
C PRO F 27 10.53 12.65 -7.30
N THR F 28 10.62 13.69 -8.13
CA THR F 28 9.47 14.41 -8.65
C THR F 28 9.22 14.10 -10.13
N ASN F 29 10.28 13.90 -10.90
CA ASN F 29 10.18 13.60 -12.31
C ASN F 29 9.59 12.22 -12.50
N PRO F 30 8.62 12.08 -13.42
CA PRO F 30 7.94 10.77 -13.53
C PRO F 30 8.78 9.61 -14.06
N ALA F 31 9.79 9.90 -14.87
CA ALA F 31 10.66 8.85 -15.39
C ALA F 31 11.60 8.38 -14.26
N CYS F 32 12.07 9.36 -13.48
CA CYS F 32 12.87 9.04 -12.32
C CYS F 32 12.08 8.27 -11.27
N GLN F 33 10.83 8.65 -11.02
CA GLN F 33 9.98 7.87 -10.12
C GLN F 33 9.82 6.43 -10.61
N ALA F 34 9.55 6.26 -11.91
CA ALA F 34 9.38 4.91 -12.46
C ALA F 34 10.63 4.06 -12.28
N ALA F 35 11.79 4.70 -12.45
CA ALA F 35 13.06 4.00 -12.38
C ALA F 35 13.37 3.57 -10.96
N LEU F 36 13.05 4.43 -10.01
CA LEU F 36 13.20 4.07 -8.61
C LEU F 36 12.29 2.90 -8.27
N ASP F 37 11.04 3.00 -8.72
CA ASP F 37 10.05 1.97 -8.43
C ASP F 37 10.46 0.63 -9.05
N GLN F 38 11.02 0.64 -10.27
CA GLN F 38 11.38 -0.64 -10.91
C GLN F 38 12.74 -1.15 -10.47
N SER F 39 13.75 -0.30 -10.56
CA SER F 39 15.16 -0.72 -10.45
C SER F 39 15.73 -0.54 -9.05
N GLY F 40 15.04 0.23 -8.21
CA GLY F 40 15.33 0.32 -6.77
C GLY F 40 16.29 1.39 -6.32
N ALA F 41 16.33 1.58 -5.00
CA ALA F 41 17.11 2.67 -4.43
C ALA F 41 18.61 2.46 -4.48
N THR F 42 19.08 1.23 -4.30
CA THR F 42 20.51 0.97 -4.30
C THR F 42 21.17 1.50 -5.58
N ALA F 43 20.52 1.25 -6.71
CA ALA F 43 21.04 1.71 -7.97
C ALA F 43 21.21 3.23 -7.99
N LEU F 44 20.24 3.99 -7.47
CA LEU F 44 20.34 5.43 -7.38
C LEU F 44 21.40 5.95 -6.44
N TYR F 45 21.57 5.33 -5.29
CA TYR F 45 22.66 5.69 -4.44
C TYR F 45 24.02 5.41 -5.13
N ASN F 46 24.03 4.41 -5.99
CA ASN F 46 25.24 4.05 -6.77
C ASN F 46 25.18 4.53 -8.22
N TRP F 47 24.66 5.74 -8.41
CA TRP F 47 24.40 6.33 -9.74
C TRP F 47 25.63 6.32 -10.69
N PHE F 48 26.81 6.31 -10.09
CA PHE F 48 28.09 6.38 -10.80
C PHE F 48 28.56 5.03 -11.29
N ALA F 49 27.91 3.95 -10.85
CA ALA F 49 28.43 2.60 -11.03
C ALA F 49 27.86 1.88 -12.25
N VAL F 50 27.56 2.61 -13.33
CA VAL F 50 26.96 1.98 -14.51
C VAL F 50 28.09 1.38 -15.38
N LEU F 51 28.51 0.17 -14.99
CA LEU F 51 29.73 -0.41 -15.50
C LEU F 51 29.54 -1.83 -15.99
N ASP F 52 30.43 -2.25 -16.90
CA ASP F 52 30.57 -3.63 -17.30
C ASP F 52 32.06 -3.92 -17.14
N SER F 53 32.40 -4.80 -16.22
CA SER F 53 33.78 -5.24 -15.97
C SER F 53 34.52 -5.83 -17.16
N ASN F 54 33.79 -6.33 -18.16
CA ASN F 54 34.39 -7.05 -19.27
C ASN F 54 34.17 -6.44 -20.64
N ALA F 55 33.70 -5.20 -20.70
CA ALA F 55 33.41 -4.59 -22.01
C ALA F 55 34.63 -4.47 -22.89
N GLY F 56 35.73 -3.99 -22.30
CA GLY F 56 36.98 -3.87 -23.05
C GLY F 56 36.89 -3.07 -24.34
N GLY F 57 36.07 -2.01 -24.35
CA GLY F 57 35.91 -1.15 -25.52
C GLY F 57 35.01 -1.66 -26.61
N ARG F 58 34.39 -2.82 -26.41
CA ARG F 58 33.39 -3.32 -27.33
C ARG F 58 32.08 -2.55 -27.22
N GLY F 59 31.36 -2.49 -28.33
CA GLY F 59 30.06 -1.80 -28.42
C GLY F 59 29.08 -2.64 -29.20
N ALA F 60 28.80 -2.21 -30.45
CA ALA F 60 27.90 -2.94 -31.35
C ALA F 60 28.31 -4.40 -31.49
N GLY F 61 27.36 -5.30 -31.28
CA GLY F 61 27.59 -6.75 -31.35
C GLY F 61 27.83 -7.38 -30.00
N TYR F 62 28.12 -6.53 -29.00
CA TYR F 62 28.40 -6.99 -27.65
C TYR F 62 27.42 -6.41 -26.61
N VAL F 63 27.26 -5.09 -26.60
CA VAL F 63 26.23 -4.43 -25.80
C VAL F 63 24.93 -4.41 -26.59
N PRO F 64 23.90 -5.16 -26.14
CA PRO F 64 22.67 -5.24 -26.93
C PRO F 64 22.01 -3.87 -27.12
N ASP F 65 21.45 -3.66 -28.30
CA ASP F 65 20.58 -2.50 -28.50
C ASP F 65 19.53 -2.44 -27.39
N GLY F 66 19.20 -1.22 -26.98
CA GLY F 66 18.18 -1.01 -25.97
C GLY F 66 18.72 -1.16 -24.56
N THR F 67 20.01 -1.52 -24.44
CA THR F 67 20.61 -1.70 -23.12
C THR F 67 21.83 -0.82 -22.80
N LEU F 68 22.16 0.16 -23.64
CA LEU F 68 23.38 0.92 -23.46
C LEU F 68 23.42 1.67 -22.15
N CYS F 69 22.29 2.21 -21.71
CA CYS F 69 22.22 3.07 -20.52
C CYS F 69 22.37 2.33 -19.22
N SER F 70 22.32 1.00 -19.30
CA SER F 70 22.60 0.17 -18.15
C SER F 70 23.85 -0.71 -18.30
N ALA F 71 24.75 -0.36 -19.22
CA ALA F 71 25.93 -1.16 -19.46
C ALA F 71 25.56 -2.60 -19.82
N GLY F 72 24.53 -2.76 -20.65
CA GLY F 72 24.14 -4.11 -21.07
C GLY F 72 23.58 -4.97 -19.97
N ASP F 73 23.18 -4.33 -18.87
CA ASP F 73 22.68 -5.03 -17.67
C ASP F 73 23.71 -5.94 -17.05
N ARG F 74 24.99 -5.56 -17.15
CA ARG F 74 26.11 -6.37 -16.67
C ARG F 74 26.76 -5.77 -15.41
N SER F 75 26.18 -4.70 -14.85
CA SER F 75 26.80 -4.03 -13.70
C SER F 75 26.44 -4.79 -12.43
N PRO F 76 26.99 -4.37 -11.28
CA PRO F 76 26.60 -5.01 -10.01
C PRO F 76 25.19 -4.61 -9.52
N TYR F 77 24.57 -3.63 -10.20
CA TYR F 77 23.27 -3.12 -9.80
C TYR F 77 22.22 -3.19 -10.92
N ASP F 78 20.96 -3.03 -10.54
CA ASP F 78 19.89 -2.98 -11.51
C ASP F 78 19.74 -1.54 -11.95
N PHE F 79 20.23 -1.27 -13.17
CA PHE F 79 20.05 0.00 -13.90
C PHE F 79 19.11 -0.16 -15.09
N SER F 80 18.40 -1.29 -15.17
CA SER F 80 17.57 -1.59 -16.31
C SER F 80 16.55 -0.51 -16.67
N ALA F 81 15.90 0.05 -15.65
CA ALA F 81 14.87 1.09 -15.84
C ALA F 81 15.43 2.36 -16.48
N TYR F 82 16.75 2.55 -16.41
CA TYR F 82 17.39 3.74 -17.04
C TYR F 82 17.50 3.64 -18.57
N ASN F 83 17.04 2.50 -19.11
CA ASN F 83 16.87 2.32 -20.53
C ASN F 83 15.48 2.70 -21.01
N ALA F 84 14.55 2.98 -20.10
CA ALA F 84 13.13 3.19 -20.47
C ALA F 84 13.02 4.19 -21.62
N ALA F 85 12.34 3.79 -22.68
CA ALA F 85 12.18 4.65 -23.87
C ALA F 85 11.02 5.61 -23.67
N ARG F 86 11.33 6.66 -22.91
CA ARG F 86 10.36 7.68 -22.47
C ARG F 86 10.84 9.04 -22.92
N SER F 87 9.93 9.96 -23.17
CA SER F 87 10.30 11.30 -23.61
C SER F 87 10.30 12.32 -22.45
N ASP F 88 10.11 11.82 -21.22
CA ASP F 88 9.93 12.70 -20.06
C ASP F 88 11.01 12.58 -19.00
N TRP F 89 12.13 11.94 -19.31
CA TRP F 89 13.32 12.04 -18.47
C TRP F 89 13.77 13.51 -18.29
N PRO F 90 14.43 13.82 -17.16
CA PRO F 90 15.05 15.16 -17.06
C PRO F 90 16.02 15.39 -18.23
N ARG F 91 16.10 16.63 -18.71
CA ARG F 91 16.97 16.89 -19.85
C ARG F 91 17.69 18.21 -19.77
N THR F 92 18.82 18.26 -20.46
CA THR F 92 19.59 19.49 -20.59
C THR F 92 19.22 20.21 -21.89
N HIS F 93 18.98 21.51 -21.78
CA HIS F 93 18.62 22.34 -22.92
C HIS F 93 19.89 22.94 -23.51
N LEU F 94 20.09 22.70 -24.80
CA LEU F 94 21.33 23.01 -25.49
C LEU F 94 21.07 23.83 -26.77
N THR F 95 22.10 24.55 -27.21
CA THR F 95 22.09 25.34 -28.45
C THR F 95 22.95 24.65 -29.49
N SER F 96 22.31 24.12 -30.55
CA SER F 96 23.03 23.53 -31.67
C SER F 96 24.05 24.54 -32.20
N GLY F 97 25.27 24.06 -32.44
CA GLY F 97 26.29 24.91 -32.97
C GLY F 97 27.16 25.56 -31.90
N ALA F 98 26.81 25.44 -30.62
CA ALA F 98 27.63 26.03 -29.57
C ALA F 98 28.57 24.98 -28.96
N THR F 99 29.63 25.44 -28.31
CA THR F 99 30.52 24.55 -27.55
C THR F 99 30.14 24.60 -26.07
N ILE F 100 30.00 23.43 -25.46
CA ILE F 100 29.61 23.35 -24.04
C ILE F 100 30.74 22.77 -23.21
N PRO F 101 30.81 23.20 -21.94
CA PRO F 101 31.75 22.63 -20.99
C PRO F 101 31.24 21.32 -20.40
N VAL F 102 31.79 20.22 -20.89
CA VAL F 102 31.39 18.90 -20.42
C VAL F 102 32.07 18.57 -19.09
N GLU F 103 31.31 17.91 -18.20
CA GLU F 103 31.81 17.43 -16.93
C GLU F 103 31.36 15.99 -16.78
N TYR F 104 32.32 15.13 -16.38
CA TYR F 104 32.12 13.72 -16.17
C TYR F 104 32.63 13.34 -14.78
N SER F 105 31.80 12.70 -13.98
CA SER F 105 32.20 12.37 -12.62
C SER F 105 33.53 11.61 -12.54
N ASN F 106 34.38 12.05 -11.60
CA ASN F 106 35.58 11.31 -11.23
C ASN F 106 35.41 10.63 -9.86
N TRP F 107 34.23 10.03 -9.62
CA TRP F 107 33.98 9.40 -8.31
C TRP F 107 35.12 8.45 -7.95
N ALA F 108 35.60 7.70 -8.94
CA ALA F 108 36.93 7.11 -8.87
C ALA F 108 37.60 7.33 -10.20
N ALA F 109 38.87 7.74 -10.15
CA ALA F 109 39.58 8.12 -11.37
C ALA F 109 40.20 6.91 -12.03
N HIS F 110 40.22 6.91 -13.35
CA HIS F 110 40.87 5.86 -14.16
C HIS F 110 41.42 6.48 -15.44
N PRO F 111 42.55 5.93 -15.93
CA PRO F 111 43.04 6.37 -17.22
C PRO F 111 42.23 5.79 -18.38
N GLY F 112 42.17 6.51 -19.50
CA GLY F 112 41.45 6.02 -20.67
C GLY F 112 40.77 7.11 -21.49
N ASP F 113 39.84 6.67 -22.33
CA ASP F 113 39.17 7.48 -23.33
C ASP F 113 37.69 7.65 -23.00
N PHE F 114 37.17 8.85 -23.22
CA PHE F 114 35.75 9.07 -23.27
C PHE F 114 35.28 9.12 -24.72
N ARG F 115 34.45 8.18 -25.13
CA ARG F 115 33.87 8.17 -26.47
C ARG F 115 32.49 8.79 -26.39
N VAL F 116 32.26 9.86 -27.13
CA VAL F 116 31.05 10.66 -26.99
C VAL F 116 30.25 10.54 -28.29
N TYR F 117 28.99 10.13 -28.15
CA TYR F 117 28.08 9.85 -29.28
C TYR F 117 26.81 10.70 -29.15
N LEU F 118 26.25 11.08 -30.29
CA LEU F 118 24.96 11.80 -30.32
C LEU F 118 23.97 11.06 -31.21
N THR F 119 22.72 11.05 -30.83
CA THR F 119 21.73 10.34 -31.58
C THR F 119 21.48 11.12 -32.89
N LYS F 120 21.21 10.36 -33.96
CA LYS F 120 21.01 10.89 -35.28
C LYS F 120 19.78 11.78 -35.41
N PRO F 121 19.80 12.70 -36.40
CA PRO F 121 18.61 13.51 -36.68
C PRO F 121 17.42 12.59 -36.88
N GLY F 122 16.30 12.93 -36.27
CA GLY F 122 15.08 12.16 -36.42
C GLY F 122 14.85 11.09 -35.37
N TRP F 123 15.89 10.69 -34.61
CA TRP F 123 15.70 9.73 -33.53
C TRP F 123 15.00 10.45 -32.38
N SER F 124 13.95 9.81 -31.85
CA SER F 124 13.27 10.32 -30.64
C SER F 124 13.28 9.29 -29.51
N PRO F 125 13.24 9.79 -28.26
CA PRO F 125 13.43 8.93 -27.09
C PRO F 125 12.31 7.96 -26.75
N THR F 126 11.18 8.01 -27.46
CA THR F 126 10.20 6.93 -27.36
C THR F 126 10.58 5.69 -28.21
N SER F 127 11.63 5.82 -29.03
CA SER F 127 12.22 4.68 -29.76
C SER F 127 13.35 4.02 -28.97
N GLU F 128 13.56 2.73 -29.23
CA GLU F 128 14.72 2.02 -28.73
C GLU F 128 16.02 2.75 -29.13
N LEU F 129 16.97 2.82 -28.19
CA LEU F 129 18.29 3.36 -28.48
C LEU F 129 19.22 2.21 -28.90
N GLY F 130 19.57 2.17 -30.16
CA GLY F 130 20.52 1.20 -30.66
C GLY F 130 21.79 1.85 -31.17
N TRP F 131 22.82 1.03 -31.39
CA TRP F 131 24.08 1.57 -31.89
C TRP F 131 23.92 2.27 -33.25
N ASP F 132 23.02 1.78 -34.09
CA ASP F 132 22.79 2.42 -35.39
C ASP F 132 22.09 3.78 -35.28
N ASP F 133 21.59 4.12 -34.09
CA ASP F 133 21.00 5.44 -33.85
C ASP F 133 22.01 6.50 -33.40
N LEU F 134 23.27 6.09 -33.19
CA LEU F 134 24.30 6.94 -32.60
C LEU F 134 25.43 7.21 -33.58
N GLU F 135 25.97 8.42 -33.54
CA GLU F 135 27.17 8.76 -34.30
C GLU F 135 28.22 9.27 -33.33
N LEU F 136 29.43 8.72 -33.45
CA LEU F 136 30.58 9.15 -32.67
C LEU F 136 30.95 10.56 -33.08
N ILE F 137 30.96 11.49 -32.12
CA ILE F 137 31.33 12.88 -32.45
C ILE F 137 32.64 13.36 -31.79
N GLN F 138 33.14 12.64 -30.79
CA GLN F 138 34.34 13.08 -30.10
C GLN F 138 34.93 11.90 -29.34
N THR F 139 36.26 11.83 -29.26
CA THR F 139 36.98 10.90 -28.39
C THR F 139 37.97 11.73 -27.57
N VAL F 140 37.88 11.67 -26.26
CA VAL F 140 38.70 12.50 -25.39
C VAL F 140 39.59 11.58 -24.54
N THR F 141 40.91 11.71 -24.70
CA THR F 141 41.86 10.87 -23.98
C THR F 141 42.42 11.60 -22.78
N ASN F 142 42.19 11.03 -21.60
CA ASN F 142 42.77 11.51 -20.36
C ASN F 142 42.67 13.01 -20.12
N PRO F 143 41.43 13.53 -20.07
CA PRO F 143 41.18 14.95 -19.82
C PRO F 143 41.53 15.34 -18.39
N PRO F 144 41.72 16.64 -18.14
CA PRO F 144 41.99 17.10 -16.77
C PRO F 144 40.82 16.91 -15.80
N GLN F 145 41.14 17.03 -14.51
CA GLN F 145 40.16 16.95 -13.45
C GLN F 145 40.11 18.25 -12.66
N GLN F 146 38.91 18.58 -12.20
CA GLN F 146 38.66 19.61 -11.22
C GLN F 146 38.06 18.94 -9.97
N GLY F 147 38.77 19.03 -8.84
CA GLY F 147 38.37 18.34 -7.62
C GLY F 147 39.01 16.96 -7.56
N SER F 148 39.40 16.53 -6.36
CA SER F 148 40.04 15.24 -6.18
C SER F 148 39.06 14.13 -6.45
N PRO F 149 39.57 12.98 -6.90
CA PRO F 149 38.68 11.86 -7.13
C PRO F 149 37.94 11.54 -5.84
N GLY F 150 36.66 11.24 -5.99
CA GLY F 150 35.81 10.84 -4.90
C GLY F 150 35.30 11.95 -4.01
N THR F 151 35.45 13.20 -4.45
CA THR F 151 34.92 14.35 -3.70
C THR F 151 33.61 14.78 -4.35
N ASP F 152 32.67 15.28 -3.56
CA ASP F 152 31.42 15.79 -4.11
C ASP F 152 31.65 16.88 -5.13
N GLY F 153 31.04 16.73 -6.30
CA GLY F 153 31.18 17.70 -7.37
C GLY F 153 32.44 17.52 -8.23
N GLY F 154 33.34 16.61 -7.84
CA GLY F 154 34.57 16.39 -8.61
C GLY F 154 34.26 15.87 -10.00
N HIS F 155 35.09 16.24 -10.99
CA HIS F 155 34.85 15.79 -12.35
C HIS F 155 36.04 15.98 -13.29
N TYR F 156 36.10 15.10 -14.28
CA TYR F 156 36.82 15.37 -15.51
C TYR F 156 36.09 16.45 -16.28
N TYR F 157 36.84 17.21 -17.08
CA TYR F 157 36.24 18.27 -17.89
C TYR F 157 36.93 18.46 -19.23
N TRP F 158 36.11 18.84 -20.21
CA TRP F 158 36.54 19.12 -21.58
C TRP F 158 35.45 19.85 -22.36
N ASP F 159 35.83 20.37 -23.53
CA ASP F 159 34.91 21.09 -24.42
C ASP F 159 34.29 20.16 -25.44
N LEU F 160 33.01 20.35 -25.69
CA LEU F 160 32.35 19.66 -26.81
C LEU F 160 31.64 20.65 -27.77
N ALA F 161 32.04 20.64 -29.03
CA ALA F 161 31.40 21.45 -30.06
C ALA F 161 30.16 20.68 -30.55
N LEU F 162 28.98 21.21 -30.24
CA LEU F 162 27.73 20.57 -30.64
C LEU F 162 27.47 20.80 -32.12
N PRO F 163 27.10 19.72 -32.84
CA PRO F 163 26.76 19.79 -34.24
C PRO F 163 25.71 20.86 -34.53
N SER F 164 25.90 21.60 -35.62
CA SER F 164 24.94 22.60 -36.09
C SER F 164 23.78 21.90 -36.81
N GLY F 165 22.70 22.64 -37.02
CA GLY F 165 21.55 22.14 -37.76
C GLY F 165 20.65 21.16 -37.03
N ARG F 166 20.78 21.07 -35.71
CA ARG F 166 19.97 20.18 -34.92
C ARG F 166 18.83 20.89 -34.19
N SER F 167 17.76 20.14 -33.92
CA SER F 167 16.60 20.64 -33.18
C SER F 167 15.93 19.50 -32.44
N GLY F 168 15.26 19.82 -31.34
CA GLY F 168 14.41 18.87 -30.64
C GLY F 168 15.20 17.87 -29.79
N ASP F 169 14.53 16.82 -29.34
CA ASP F 169 15.14 15.91 -28.41
C ASP F 169 16.26 15.09 -29.04
N ALA F 170 17.24 14.79 -28.22
CA ALA F 170 18.32 13.88 -28.61
C ALA F 170 18.90 13.24 -27.37
N LEU F 171 19.88 12.38 -27.57
CA LEU F 171 20.57 11.76 -26.44
C LEU F 171 22.06 11.70 -26.72
N ILE F 172 22.87 12.00 -25.69
CA ILE F 172 24.32 11.91 -25.77
C ILE F 172 24.71 10.70 -24.94
N PHE F 173 25.35 9.73 -25.61
CA PHE F 173 25.82 8.51 -25.00
C PHE F 173 27.35 8.60 -24.90
N MET F 174 27.88 8.25 -23.72
CA MET F 174 29.33 8.22 -23.53
C MET F 174 29.75 6.88 -23.01
N GLN F 175 30.81 6.35 -23.60
CA GLN F 175 31.46 5.16 -23.08
C GLN F 175 32.86 5.52 -22.61
N TRP F 176 33.09 5.32 -21.31
CA TRP F 176 34.37 5.53 -20.70
C TRP F 176 35.14 4.22 -20.79
N VAL F 177 36.14 4.20 -21.67
CA VAL F 177 36.91 2.99 -21.99
C VAL F 177 38.26 3.09 -21.29
N ARG F 178 38.41 2.36 -20.20
CA ARG F 178 39.66 2.39 -19.45
C ARG F 178 40.79 1.82 -20.29
N SER F 179 41.99 2.30 -20.02
CA SER F 179 43.15 1.79 -20.75
C SER F 179 43.91 0.77 -19.95
N ASP F 180 43.56 0.60 -18.67
CA ASP F 180 44.25 -0.28 -17.73
C ASP F 180 43.38 -1.44 -17.24
N SER F 181 42.25 -1.68 -17.92
CA SER F 181 41.24 -2.61 -17.46
C SER F 181 40.23 -2.85 -18.57
N GLN F 182 39.57 -4.01 -18.50
CA GLN F 182 38.42 -4.28 -19.33
C GLN F 182 37.14 -3.60 -18.84
N GLU F 183 37.14 -3.04 -17.64
CA GLU F 183 35.95 -2.33 -17.13
C GLU F 183 35.70 -1.03 -17.93
N ASN F 184 34.44 -0.84 -18.37
CA ASN F 184 34.03 0.42 -19.04
C ASN F 184 32.77 0.96 -18.35
N PHE F 185 32.53 2.26 -18.46
CA PHE F 185 31.35 2.92 -17.87
C PHE F 185 30.46 3.44 -18.97
N PHE F 186 29.15 3.46 -18.72
CA PHE F 186 28.12 3.73 -19.75
C PHE F 186 27.22 4.86 -19.26
N SER F 187 27.15 5.97 -20.02
CA SER F 187 26.42 7.17 -19.58
C SER F 187 25.42 7.64 -20.64
N CYS F 188 24.17 7.91 -20.27
CA CYS F 188 23.17 8.38 -21.25
C CYS F 188 22.56 9.67 -20.77
N SER F 189 22.66 10.74 -21.57
CA SER F 189 22.19 12.07 -21.16
C SER F 189 21.12 12.57 -22.12
N ASP F 190 19.92 12.83 -21.62
CA ASP F 190 18.85 13.37 -22.47
C ASP F 190 19.06 14.85 -22.71
N VAL F 191 18.88 15.32 -23.94
CA VAL F 191 19.09 16.74 -24.24
C VAL F 191 18.00 17.17 -25.18
N VAL F 192 17.82 18.48 -25.31
CA VAL F 192 16.95 19.06 -26.32
C VAL F 192 17.66 20.26 -26.93
N PHE F 193 17.67 20.32 -28.25
CA PHE F 193 18.24 21.46 -28.95
C PHE F 193 17.14 22.50 -29.16
N ASP F 194 17.26 23.62 -28.44
CA ASP F 194 16.28 24.69 -28.44
C ASP F 194 16.74 25.85 -29.32
N GLY F 195 15.76 26.59 -29.85
CA GLY F 195 16.01 27.72 -30.72
C GLY F 195 15.73 28.99 -29.95
N HIS G 1 -35.78 -4.10 6.70
CA HIS G 1 -34.33 -4.29 6.36
C HIS G 1 -34.24 -5.41 5.36
N GLY G 2 -33.62 -5.10 4.22
CA GLY G 2 -33.40 -6.04 3.17
C GLY G 2 -33.12 -5.39 1.83
N VAL G 3 -32.41 -6.13 0.97
CA VAL G 3 -32.22 -5.83 -0.44
C VAL G 3 -32.42 -7.16 -1.20
N ALA G 4 -32.38 -7.09 -2.52
CA ALA G 4 -32.62 -8.27 -3.36
C ALA G 4 -31.58 -9.36 -3.14
N MET G 5 -32.06 -10.61 -3.08
CA MET G 5 -31.19 -11.78 -2.98
C MET G 5 -31.09 -12.59 -4.27
N MET G 6 -32.18 -12.66 -5.04
CA MET G 6 -32.19 -13.30 -6.36
C MET G 6 -33.07 -12.49 -7.29
N PRO G 7 -32.50 -11.81 -8.33
CA PRO G 7 -31.08 -11.62 -8.59
C PRO G 7 -30.48 -10.74 -7.51
N GLY G 8 -29.34 -11.15 -6.98
CA GLY G 8 -28.82 -10.55 -5.75
C GLY G 8 -28.35 -9.13 -5.97
N SER G 9 -28.56 -8.27 -4.97
N SER G 9 -28.56 -8.29 -4.96
CA SER G 9 -28.08 -6.89 -5.05
CA SER G 9 -28.12 -6.89 -5.01
C SER G 9 -26.58 -6.84 -4.84
C SER G 9 -26.62 -6.79 -4.74
N ARG G 10 -26.02 -5.69 -5.19
CA ARG G 10 -24.60 -5.44 -4.99
C ARG G 10 -24.10 -5.74 -3.57
N THR G 11 -24.72 -5.15 -2.55
CA THR G 11 -24.25 -5.41 -1.18
C THR G 11 -24.43 -6.87 -0.76
N TYR G 12 -25.49 -7.52 -1.23
CA TYR G 12 -25.75 -8.90 -0.85
C TYR G 12 -24.75 -9.87 -1.50
N LEU G 13 -24.54 -9.74 -2.81
CA LEU G 13 -23.56 -10.59 -3.48
C LEU G 13 -22.13 -10.32 -2.96
N CYS G 14 -21.85 -9.06 -2.64
CA CYS G 14 -20.53 -8.73 -2.14
C CYS G 14 -20.29 -9.32 -0.76
N GLN G 15 -21.28 -9.26 0.12
CA GLN G 15 -21.07 -9.86 1.45
C GLN G 15 -20.93 -11.38 1.32
N LEU G 16 -21.64 -12.03 0.40
CA LEU G 16 -21.41 -13.48 0.15
C LEU G 16 -19.98 -13.75 -0.35
N ASP G 17 -19.52 -12.91 -1.27
CA ASP G 17 -18.17 -13.03 -1.90
C ASP G 17 -17.08 -12.80 -0.84
N ALA G 18 -17.37 -11.94 0.13
CA ALA G 18 -16.40 -11.55 1.15
C ALA G 18 -16.30 -12.53 2.32
N LYS G 19 -17.27 -13.46 2.44
CA LYS G 19 -17.40 -14.37 3.60
C LYS G 19 -16.12 -15.05 3.92
N THR G 20 -15.77 -15.06 5.20
CA THR G 20 -14.80 -16.00 5.69
C THR G 20 -15.42 -16.69 6.92
N GLY G 21 -14.81 -17.78 7.36
CA GLY G 21 -15.34 -18.54 8.51
C GLY G 21 -15.19 -17.84 9.84
N THR G 22 -14.30 -16.85 9.92
CA THR G 22 -14.09 -16.11 11.17
C THR G 22 -14.95 -14.86 11.20
N GLY G 23 -15.57 -14.53 10.08
CA GLY G 23 -16.34 -13.30 10.00
C GLY G 23 -15.58 -12.10 9.46
N ALA G 24 -14.28 -12.26 9.19
CA ALA G 24 -13.51 -11.22 8.49
C ALA G 24 -14.08 -11.12 7.07
N LEU G 25 -13.77 -10.02 6.38
CA LEU G 25 -14.27 -9.79 5.04
C LEU G 25 -13.13 -9.72 4.05
N ASP G 26 -13.10 -10.65 3.10
CA ASP G 26 -12.13 -10.59 2.02
C ASP G 26 -12.71 -11.07 0.69
N PRO G 27 -13.32 -10.15 -0.08
CA PRO G 27 -13.87 -10.56 -1.37
C PRO G 27 -12.80 -10.80 -2.45
N THR G 28 -13.08 -11.68 -3.38
CA THR G 28 -12.21 -11.89 -4.52
C THR G 28 -12.64 -11.01 -5.69
N ASN G 29 -13.90 -10.63 -5.75
CA ASN G 29 -14.37 -9.80 -6.86
C ASN G 29 -13.79 -8.38 -6.74
N PRO G 30 -13.21 -7.85 -7.83
CA PRO G 30 -12.52 -6.53 -7.73
C PRO G 30 -13.43 -5.31 -7.45
N ALA G 31 -14.68 -5.33 -7.90
CA ALA G 31 -15.61 -4.26 -7.53
C ALA G 31 -15.96 -4.34 -6.03
N CYS G 32 -16.16 -5.56 -5.55
CA CYS G 32 -16.51 -5.73 -4.13
C CYS G 32 -15.32 -5.33 -3.26
N GLN G 33 -14.12 -5.70 -3.66
CA GLN G 33 -12.94 -5.26 -2.92
C GLN G 33 -12.80 -3.75 -2.91
N ALA G 34 -13.00 -3.11 -4.06
CA ALA G 34 -12.95 -1.66 -4.11
C ALA G 34 -13.98 -1.04 -3.18
N ALA G 35 -15.18 -1.61 -3.13
CA ALA G 35 -16.22 -1.07 -2.29
C ALA G 35 -15.90 -1.26 -0.82
N LEU G 36 -15.29 -2.38 -0.46
CA LEU G 36 -14.88 -2.61 0.93
C LEU G 36 -13.80 -1.61 1.31
N ASP G 37 -12.84 -1.43 0.40
CA ASP G 37 -11.75 -0.51 0.63
C ASP G 37 -12.23 0.92 0.80
N GLN G 38 -13.18 1.37 -0.02
CA GLN G 38 -13.66 2.77 0.05
C GLN G 38 -14.67 2.99 1.19
N SER G 39 -15.71 2.17 1.21
CA SER G 39 -16.88 2.44 2.01
C SER G 39 -16.84 1.70 3.36
N GLY G 40 -16.00 0.69 3.48
CA GLY G 40 -15.75 0.06 4.79
C GLY G 40 -16.52 -1.22 5.12
N ALA G 41 -16.00 -1.91 6.12
CA ALA G 41 -16.58 -3.18 6.57
C ALA G 41 -17.99 -3.04 7.14
N THR G 42 -18.25 -1.97 7.87
CA THR G 42 -19.55 -1.85 8.57
C THR G 42 -20.71 -1.93 7.57
N ALA G 43 -20.54 -1.27 6.44
CA ALA G 43 -21.55 -1.29 5.38
C ALA G 43 -21.85 -2.71 4.93
N LEU G 44 -20.81 -3.53 4.75
CA LEU G 44 -21.02 -4.91 4.31
C LEU G 44 -21.70 -5.77 5.34
N TYR G 45 -21.34 -5.62 6.61
CA TYR G 45 -22.01 -6.33 7.68
C TYR G 45 -23.49 -5.93 7.74
N ASN G 46 -23.74 -4.67 7.43
CA ASN G 46 -25.11 -4.15 7.35
C ASN G 46 -25.63 -4.06 5.92
N TRP G 47 -25.36 -5.08 5.13
CA TRP G 47 -25.68 -5.08 3.67
C TRP G 47 -27.17 -4.85 3.34
N PHE G 48 -28.03 -5.16 4.30
CA PHE G 48 -29.47 -5.05 4.12
C PHE G 48 -29.99 -3.65 4.45
N ALA G 49 -29.14 -2.77 4.98
CA ALA G 49 -29.59 -1.51 5.57
C ALA G 49 -29.51 -0.32 4.63
N VAL G 50 -29.75 -0.57 3.33
CA VAL G 50 -29.59 0.46 2.31
C VAL G 50 -30.91 1.24 2.24
N LEU G 51 -31.04 2.17 3.17
CA LEU G 51 -32.33 2.83 3.48
C LEU G 51 -32.22 4.35 3.50
N ASP G 52 -33.37 5.01 3.28
CA ASP G 52 -33.58 6.42 3.52
C ASP G 52 -34.86 6.55 4.32
N SER G 53 -34.70 6.93 5.60
CA SER G 53 -35.84 7.12 6.50
C SER G 53 -36.92 8.05 6.01
N ASN G 54 -36.60 8.91 5.04
CA ASN G 54 -37.52 9.94 4.63
C ASN G 54 -37.94 9.93 3.17
N ALA G 55 -37.67 8.85 2.45
CA ALA G 55 -37.96 8.83 1.02
C ALA G 55 -39.45 8.92 0.70
N GLY G 56 -40.26 8.19 1.44
CA GLY G 56 -41.71 8.23 1.24
C GLY G 56 -42.22 8.01 -0.17
N GLY G 57 -41.59 7.10 -0.90
CA GLY G 57 -42.02 6.68 -2.22
C GLY G 57 -41.50 7.61 -3.30
N ARG G 58 -40.79 8.66 -2.89
CA ARG G 58 -40.18 9.56 -3.85
C ARG G 58 -39.01 8.88 -4.55
N GLY G 59 -38.75 9.35 -5.77
CA GLY G 59 -37.64 8.82 -6.57
C GLY G 59 -37.00 9.91 -7.39
N ALA G 60 -37.36 9.99 -8.67
CA ALA G 60 -36.85 11.04 -9.56
C ALA G 60 -37.15 12.46 -9.06
N GLY G 61 -36.13 13.30 -8.94
CA GLY G 61 -36.26 14.66 -8.40
C GLY G 61 -35.89 14.73 -6.93
N TYR G 62 -35.75 13.57 -6.29
CA TYR G 62 -35.42 13.49 -4.88
C TYR G 62 -34.16 12.68 -4.62
N VAL G 63 -34.08 11.49 -5.18
CA VAL G 63 -32.88 10.63 -5.05
C VAL G 63 -32.02 11.00 -6.25
N PRO G 64 -30.85 11.66 -6.04
CA PRO G 64 -30.08 12.12 -7.21
C PRO G 64 -29.61 10.98 -8.13
N ASP G 65 -29.56 11.27 -9.43
CA ASP G 65 -28.91 10.38 -10.38
C ASP G 65 -27.53 10.01 -9.82
N GLY G 66 -27.21 8.72 -9.96
CA GLY G 66 -25.92 8.21 -9.63
C GLY G 66 -25.80 7.81 -8.17
N THR G 67 -26.89 7.94 -7.42
CA THR G 67 -26.91 7.53 -6.00
C THR G 67 -27.99 6.52 -5.62
N LEU G 68 -28.71 5.96 -6.58
CA LEU G 68 -29.82 5.10 -6.24
C LEU G 68 -29.38 3.90 -5.38
N CYS G 69 -28.23 3.34 -5.70
CA CYS G 69 -27.78 2.10 -5.11
C CYS G 69 -27.32 2.30 -3.68
N SER G 70 -27.19 3.56 -3.26
CA SER G 70 -26.91 3.86 -1.87
C SER G 70 -28.02 4.64 -1.18
N ALA G 71 -29.22 4.61 -1.74
CA ALA G 71 -30.35 5.32 -1.13
C ALA G 71 -30.09 6.81 -1.02
N GLY G 72 -29.49 7.38 -2.07
CA GLY G 72 -29.17 8.79 -2.07
C GLY G 72 -28.16 9.20 -1.02
N ASP G 73 -27.36 8.24 -0.54
CA ASP G 73 -26.36 8.50 0.52
C ASP G 73 -27.00 9.04 1.78
N ARG G 74 -28.24 8.61 2.04
CA ARG G 74 -28.98 9.08 3.21
C ARG G 74 -29.15 8.01 4.29
N SER G 75 -28.51 6.86 4.14
CA SER G 75 -28.62 5.78 5.10
C SER G 75 -27.70 6.06 6.29
N PRO G 76 -27.78 5.21 7.32
CA PRO G 76 -26.85 5.32 8.46
C PRO G 76 -25.40 4.92 8.15
N TYR G 77 -25.17 4.32 7.00
CA TYR G 77 -23.89 3.72 6.64
C TYR G 77 -23.40 4.30 5.33
N ASP G 78 -22.12 4.08 5.06
CA ASP G 78 -21.51 4.56 3.84
C ASP G 78 -21.69 3.47 2.78
N PHE G 79 -22.71 3.61 1.95
CA PHE G 79 -22.89 2.73 0.77
C PHE G 79 -22.45 3.39 -0.54
N SER G 80 -21.72 4.49 -0.44
CA SER G 80 -21.38 5.27 -1.63
C SER G 80 -20.69 4.43 -2.71
N ALA G 81 -19.78 3.55 -2.30
CA ALA G 81 -19.00 2.77 -3.25
C ALA G 81 -19.86 1.79 -4.06
N TYR G 82 -21.04 1.45 -3.53
CA TYR G 82 -21.96 0.56 -4.26
C TYR G 82 -22.65 1.25 -5.44
N ASN G 83 -22.40 2.54 -5.64
CA ASN G 83 -22.79 3.20 -6.92
C ASN G 83 -21.73 3.13 -8.01
N ALA G 84 -20.55 2.60 -7.70
CA ALA G 84 -19.45 2.66 -8.65
C ALA G 84 -19.88 2.18 -10.04
N ALA G 85 -19.58 2.99 -11.05
CA ALA G 85 -20.00 2.69 -12.43
C ALA G 85 -18.94 1.79 -13.07
N ARG G 86 -19.02 0.52 -12.73
CA ARG G 86 -18.05 -0.48 -13.15
C ARG G 86 -18.80 -1.60 -13.85
N SER G 87 -18.10 -2.33 -14.72
CA SER G 87 -18.73 -3.45 -15.43
C SER G 87 -18.33 -4.81 -14.85
N ASP G 88 -17.64 -4.81 -13.71
CA ASP G 88 -17.11 -6.03 -13.15
C ASP G 88 -17.68 -6.44 -11.78
N TRP G 89 -18.79 -5.81 -11.35
CA TRP G 89 -19.54 -6.29 -10.19
C TRP G 89 -19.98 -7.75 -10.44
N PRO G 90 -20.20 -8.52 -9.35
CA PRO G 90 -20.86 -9.83 -9.52
C PRO G 90 -22.21 -9.65 -10.22
N ARG G 91 -22.59 -10.62 -11.05
CA ARG G 91 -23.88 -10.53 -11.72
C ARG G 91 -24.55 -11.87 -11.90
N THR G 92 -25.86 -11.76 -12.10
CA THR G 92 -26.74 -12.89 -12.28
C THR G 92 -27.08 -13.02 -13.77
N HIS G 93 -26.96 -14.24 -14.26
CA HIS G 93 -27.20 -14.54 -15.66
C HIS G 93 -28.68 -14.88 -15.83
N LEU G 94 -29.34 -14.22 -16.78
CA LEU G 94 -30.77 -14.31 -16.94
C LEU G 94 -31.11 -14.57 -18.39
N THR G 95 -32.31 -15.09 -18.59
CA THR G 95 -32.81 -15.38 -19.92
C THR G 95 -33.86 -14.32 -20.26
N SER G 96 -33.57 -13.53 -21.28
CA SER G 96 -34.53 -12.57 -21.80
C SER G 96 -35.83 -13.28 -22.21
N GLY G 97 -36.97 -12.74 -21.78
CA GLY G 97 -38.26 -13.30 -22.13
C GLY G 97 -38.81 -14.27 -21.10
N ALA G 98 -37.97 -14.68 -20.14
CA ALA G 98 -38.41 -15.62 -19.11
C ALA G 98 -39.10 -14.89 -17.96
N THR G 99 -39.98 -15.61 -17.29
CA THR G 99 -40.47 -15.19 -16.00
C THR G 99 -39.60 -15.88 -14.95
N ILE G 100 -39.04 -15.07 -14.06
CA ILE G 100 -38.11 -15.57 -13.04
C ILE G 100 -38.65 -15.40 -11.62
N PRO G 101 -38.25 -16.32 -10.71
CA PRO G 101 -38.59 -16.18 -9.31
C PRO G 101 -37.66 -15.17 -8.66
N VAL G 102 -38.22 -14.13 -8.06
CA VAL G 102 -37.44 -13.12 -7.36
C VAL G 102 -37.48 -13.43 -5.86
N GLU G 103 -36.34 -13.22 -5.18
CA GLU G 103 -36.27 -13.30 -3.74
C GLU G 103 -35.69 -12.00 -3.22
N TYR G 104 -36.31 -11.48 -2.15
CA TYR G 104 -35.86 -10.22 -1.54
C TYR G 104 -35.74 -10.46 -0.04
N SER G 105 -34.62 -10.04 0.54
CA SER G 105 -34.39 -10.30 1.97
C SER G 105 -35.50 -9.79 2.87
N ASN G 106 -35.91 -10.60 3.85
CA ASN G 106 -36.81 -10.13 4.88
C ASN G 106 -36.11 -10.01 6.24
N TRP G 107 -34.88 -9.50 6.22
CA TRP G 107 -34.06 -9.42 7.43
C TRP G 107 -34.85 -8.79 8.57
N ALA G 108 -35.54 -7.68 8.28
CA ALA G 108 -36.66 -7.22 9.11
C ALA G 108 -37.85 -6.98 8.19
N ALA G 109 -38.98 -7.60 8.52
CA ALA G 109 -40.16 -7.54 7.64
C ALA G 109 -40.91 -6.21 7.83
N HIS G 110 -41.48 -5.71 6.73
CA HIS G 110 -42.30 -4.50 6.74
C HIS G 110 -43.37 -4.64 5.67
N PRO G 111 -44.57 -4.07 5.92
CA PRO G 111 -45.62 -3.99 4.88
C PRO G 111 -45.29 -2.93 3.83
N GLY G 112 -45.77 -3.16 2.61
CA GLY G 112 -45.54 -2.23 1.52
C GLY G 112 -45.29 -2.88 0.18
N ASP G 113 -44.75 -2.06 -0.73
CA ASP G 113 -44.65 -2.37 -2.14
C ASP G 113 -43.20 -2.49 -2.58
N PHE G 114 -42.95 -3.36 -3.54
CA PHE G 114 -41.64 -3.47 -4.20
C PHE G 114 -41.80 -3.02 -5.66
N ARG G 115 -41.20 -1.88 -5.99
CA ARG G 115 -41.17 -1.34 -7.33
C ARG G 115 -39.92 -1.86 -8.00
N VAL G 116 -40.09 -2.57 -9.10
CA VAL G 116 -39.00 -3.30 -9.75
C VAL G 116 -38.80 -2.66 -11.15
N TYR G 117 -37.58 -2.14 -11.38
CA TYR G 117 -37.21 -1.44 -12.58
C TYR G 117 -36.05 -2.16 -13.29
N LEU G 118 -35.92 -1.95 -14.60
CA LEU G 118 -34.84 -2.57 -15.38
C LEU G 118 -34.25 -1.46 -16.26
N THR G 119 -32.91 -1.40 -16.32
CA THR G 119 -32.25 -0.44 -17.18
C THR G 119 -32.62 -0.66 -18.66
N LYS G 120 -32.71 0.44 -19.40
CA LYS G 120 -33.15 0.40 -20.79
C LYS G 120 -32.14 -0.27 -21.71
N PRO G 121 -32.60 -0.79 -22.86
CA PRO G 121 -31.65 -1.26 -23.86
C PRO G 121 -30.63 -0.17 -24.17
N GLY G 122 -29.37 -0.54 -24.29
CA GLY G 122 -28.30 0.40 -24.59
C GLY G 122 -27.55 0.90 -23.38
N TRP G 123 -28.18 0.89 -22.20
CA TRP G 123 -27.47 1.37 -21.01
C TRP G 123 -26.38 0.38 -20.61
N SER G 124 -25.21 0.90 -20.23
CA SER G 124 -24.07 0.07 -19.85
C SER G 124 -23.60 0.49 -18.47
N PRO G 125 -23.13 -0.47 -17.66
CA PRO G 125 -22.85 -0.13 -16.26
C PRO G 125 -21.60 0.73 -16.03
N THR G 126 -20.83 1.00 -17.08
CA THR G 126 -19.78 2.01 -16.95
C THR G 126 -20.35 3.44 -17.05
N SER G 127 -21.65 3.54 -17.29
CA SER G 127 -22.33 4.83 -17.32
C SER G 127 -23.04 5.07 -16.00
N GLU G 128 -23.20 6.35 -15.65
CA GLU G 128 -24.07 6.74 -14.53
C GLU G 128 -25.46 6.10 -14.63
N LEU G 129 -25.96 5.63 -13.49
CA LEU G 129 -27.34 5.13 -13.40
C LEU G 129 -28.26 6.28 -13.01
N GLY G 130 -29.06 6.78 -13.96
CA GLY G 130 -30.07 7.79 -13.65
C GLY G 130 -31.49 7.25 -13.79
N TRP G 131 -32.46 8.02 -13.30
CA TRP G 131 -33.85 7.61 -13.37
C TRP G 131 -34.32 7.45 -14.83
N ASP G 132 -33.79 8.26 -15.74
CA ASP G 132 -34.20 8.19 -17.14
CA ASP G 132 -34.19 8.20 -17.13
C ASP G 132 -33.62 6.95 -17.82
N ASP G 133 -32.76 6.19 -17.12
CA ASP G 133 -32.22 4.93 -17.65
C ASP G 133 -33.01 3.71 -17.21
N LEU G 134 -34.07 3.92 -16.42
CA LEU G 134 -34.79 2.82 -15.74
C LEU G 134 -36.21 2.81 -16.24
N GLU G 135 -36.76 1.62 -16.42
CA GLU G 135 -38.18 1.46 -16.73
C GLU G 135 -38.83 0.59 -15.70
N LEU G 136 -39.89 1.12 -15.12
CA LEU G 136 -40.70 0.39 -14.18
C LEU G 136 -41.42 -0.77 -14.89
N ILE G 137 -41.18 -1.99 -14.42
CA ILE G 137 -41.81 -3.21 -14.99
C ILE G 137 -43.03 -3.66 -14.19
N GLN G 138 -42.89 -3.68 -12.87
CA GLN G 138 -43.94 -4.19 -12.00
C GLN G 138 -43.81 -3.58 -10.62
N THR G 139 -44.92 -3.62 -9.89
CA THR G 139 -44.93 -3.33 -8.44
C THR G 139 -45.70 -4.46 -7.79
N VAL G 140 -45.15 -4.98 -6.68
CA VAL G 140 -45.72 -6.12 -5.98
C VAL G 140 -46.02 -5.66 -4.56
N THR G 141 -47.25 -5.90 -4.11
CA THR G 141 -47.71 -5.47 -2.77
C THR G 141 -47.77 -6.66 -1.80
N ASN G 142 -47.03 -6.54 -0.69
CA ASN G 142 -47.05 -7.56 0.34
C ASN G 142 -46.94 -8.99 -0.19
N PRO G 143 -45.88 -9.26 -0.97
CA PRO G 143 -45.67 -10.63 -1.41
C PRO G 143 -45.42 -11.56 -0.22
N PRO G 144 -45.61 -12.86 -0.41
CA PRO G 144 -45.39 -13.84 0.66
C PRO G 144 -43.91 -14.03 1.00
N GLN G 145 -43.66 -14.63 2.15
CA GLN G 145 -42.31 -14.85 2.65
C GLN G 145 -42.02 -16.33 2.83
N GLN G 146 -40.77 -16.70 2.62
CA GLN G 146 -40.27 -18.05 2.90
C GLN G 146 -39.11 -17.92 3.89
N GLY G 147 -39.27 -18.46 5.08
CA GLY G 147 -38.29 -18.28 6.15
C GLY G 147 -38.68 -17.10 7.01
N SER G 148 -38.42 -17.20 8.31
CA SER G 148 -38.75 -16.14 9.24
C SER G 148 -37.82 -14.94 9.04
N PRO G 149 -38.36 -13.72 9.24
CA PRO G 149 -37.55 -12.52 9.29
C PRO G 149 -36.37 -12.66 10.22
N GLY G 150 -35.21 -12.16 9.80
CA GLY G 150 -34.01 -12.23 10.62
C GLY G 150 -33.31 -13.58 10.68
N THR G 151 -33.72 -14.52 9.85
CA THR G 151 -33.02 -15.80 9.71
C THR G 151 -32.27 -15.82 8.40
N ASP G 152 -31.10 -16.43 8.40
CA ASP G 152 -30.33 -16.60 7.18
C ASP G 152 -31.21 -17.26 6.12
N GLY G 153 -31.23 -16.66 4.94
CA GLY G 153 -31.98 -17.19 3.81
C GLY G 153 -33.42 -16.73 3.72
N GLY G 154 -33.94 -16.09 4.76
CA GLY G 154 -35.33 -15.62 4.77
C GLY G 154 -35.61 -14.63 3.63
N HIS G 155 -36.79 -14.72 3.03
CA HIS G 155 -37.05 -13.82 1.91
C HIS G 155 -38.51 -13.73 1.50
N TYR G 156 -38.88 -12.54 1.02
CA TYR G 156 -40.06 -12.34 0.18
C TYR G 156 -39.83 -12.98 -1.17
N TYR G 157 -40.90 -13.48 -1.79
CA TYR G 157 -40.76 -14.06 -3.12
C TYR G 157 -41.94 -13.73 -4.03
N TRP G 158 -41.63 -13.55 -5.31
CA TRP G 158 -42.64 -13.30 -6.34
C TRP G 158 -42.04 -13.53 -7.71
N ASP G 159 -42.89 -13.46 -8.74
CA ASP G 159 -42.43 -13.68 -10.12
C ASP G 159 -42.30 -12.37 -10.85
N LEU G 160 -41.33 -12.32 -11.75
CA LEU G 160 -41.02 -11.14 -12.59
C LEU G 160 -40.89 -11.53 -14.06
N ALA G 161 -41.65 -10.91 -14.94
CA ALA G 161 -41.55 -11.15 -16.38
C ALA G 161 -40.41 -10.30 -16.95
N LEU G 162 -39.36 -10.94 -17.46
CA LEU G 162 -38.26 -10.23 -18.09
C LEU G 162 -38.57 -9.95 -19.56
N PRO G 163 -38.35 -8.71 -20.00
CA PRO G 163 -38.65 -8.46 -21.41
C PRO G 163 -37.81 -9.30 -22.36
N SER G 164 -38.40 -9.58 -23.51
CA SER G 164 -37.74 -10.29 -24.58
C SER G 164 -36.87 -9.31 -25.37
N GLY G 165 -36.02 -9.87 -26.22
CA GLY G 165 -35.16 -9.08 -27.11
C GLY G 165 -34.06 -8.31 -26.43
N ARG G 166 -33.72 -8.68 -25.20
CA ARG G 166 -32.62 -8.07 -24.47
C ARG G 166 -31.37 -8.93 -24.53
N SER G 167 -30.22 -8.27 -24.48
CA SER G 167 -28.93 -8.96 -24.43
C SER G 167 -27.91 -8.10 -23.69
N GLY G 168 -26.84 -8.73 -23.23
CA GLY G 168 -25.81 -7.97 -22.53
C GLY G 168 -26.15 -7.56 -21.11
N ASP G 169 -25.27 -6.71 -20.57
CA ASP G 169 -25.40 -6.25 -19.20
C ASP G 169 -26.60 -5.36 -18.98
N ALA G 170 -27.14 -5.45 -17.77
CA ALA G 170 -28.21 -4.56 -17.34
C ALA G 170 -28.22 -4.52 -15.82
N LEU G 171 -29.18 -3.77 -15.26
CA LEU G 171 -29.27 -3.63 -13.83
C LEU G 171 -30.74 -3.54 -13.49
N ILE G 172 -31.10 -4.29 -12.46
CA ILE G 172 -32.45 -4.26 -11.89
C ILE G 172 -32.41 -3.45 -10.60
N PHE G 173 -33.20 -2.38 -10.56
CA PHE G 173 -33.29 -1.53 -9.39
C PHE G 173 -34.65 -1.78 -8.74
N MET G 174 -34.64 -2.03 -7.43
CA MET G 174 -35.87 -2.17 -6.66
C MET G 174 -35.94 -1.15 -5.54
N GLN G 175 -37.12 -0.56 -5.37
CA GLN G 175 -37.38 0.32 -4.26
C GLN G 175 -38.52 -0.27 -3.43
N TRP G 176 -38.21 -0.51 -2.16
CA TRP G 176 -39.14 -1.08 -1.20
C TRP G 176 -39.79 0.08 -0.47
N VAL G 177 -41.05 0.33 -0.81
CA VAL G 177 -41.79 1.47 -0.30
C VAL G 177 -42.73 0.98 0.80
N ARG G 178 -42.34 1.22 2.04
CA ARG G 178 -43.12 0.81 3.19
C ARG G 178 -44.46 1.54 3.18
N SER G 179 -45.51 0.85 3.63
CA SER G 179 -46.85 1.45 3.70
C SER G 179 -47.15 2.02 5.08
N ASP G 180 -46.24 1.80 6.01
CA ASP G 180 -46.43 2.19 7.39
C ASP G 180 -45.36 3.17 7.87
N SER G 181 -44.60 3.76 6.95
CA SER G 181 -43.42 4.57 7.28
C SER G 181 -42.93 5.29 6.03
N GLN G 182 -42.18 6.38 6.24
CA GLN G 182 -41.54 7.05 5.12
C GLN G 182 -40.25 6.34 4.75
N GLU G 183 -39.81 5.39 5.57
CA GLU G 183 -38.54 4.67 5.31
C GLU G 183 -38.70 3.75 4.09
N ASN G 184 -37.78 3.88 3.12
CA ASN G 184 -37.73 2.98 1.97
C ASN G 184 -36.33 2.36 1.88
N PHE G 185 -36.25 1.26 1.14
CA PHE G 185 -35.01 0.55 0.84
C PHE G 185 -34.69 0.55 -0.64
N PHE G 186 -33.40 0.46 -0.96
CA PHE G 186 -32.92 0.69 -2.32
C PHE G 186 -31.95 -0.43 -2.69
N SER G 187 -32.24 -1.14 -3.78
CA SER G 187 -31.53 -2.38 -4.12
C SER G 187 -31.13 -2.32 -5.61
N CYS G 188 -29.86 -2.55 -5.91
CA CYS G 188 -29.37 -2.59 -7.30
C CYS G 188 -28.73 -3.91 -7.62
N SER G 189 -29.24 -4.62 -8.61
CA SER G 189 -28.68 -5.92 -9.00
C SER G 189 -28.13 -5.94 -10.43
N ASP G 190 -26.85 -6.27 -10.57
CA ASP G 190 -26.28 -6.40 -11.90
C ASP G 190 -26.69 -7.72 -12.53
N VAL G 191 -27.09 -7.66 -13.79
CA VAL G 191 -27.50 -8.88 -14.49
C VAL G 191 -26.91 -8.87 -15.88
N VAL G 192 -26.96 -10.02 -16.55
CA VAL G 192 -26.62 -10.12 -17.95
C VAL G 192 -27.62 -11.03 -18.63
N PHE G 193 -28.12 -10.57 -19.78
CA PHE G 193 -29.06 -11.36 -20.59
C PHE G 193 -28.26 -12.15 -21.61
N ASP G 194 -28.06 -13.43 -21.33
CA ASP G 194 -27.25 -14.32 -22.18
C ASP G 194 -27.79 -15.75 -22.25
N GLY G 195 -29.09 -15.91 -21.98
CA GLY G 195 -29.71 -17.24 -21.96
C GLY G 195 -29.32 -18.03 -20.72
N GLY G 196 -28.89 -17.32 -19.68
CA GLY G 196 -28.49 -17.93 -18.41
C GLY G 196 -29.66 -18.28 -17.51
N HIS H 1 -7.03 32.30 13.20
CA HIS H 1 -6.34 31.06 12.75
C HIS H 1 -4.89 31.05 13.19
N GLY H 2 -4.54 30.02 13.92
CA GLY H 2 -3.24 29.88 14.48
C GLY H 2 -3.17 28.98 15.68
N VAL H 3 -1.98 28.38 15.82
CA VAL H 3 -1.57 27.65 17.01
C VAL H 3 -0.10 28.04 17.33
N ALA H 4 0.39 27.58 18.48
CA ALA H 4 1.73 27.94 18.91
C ALA H 4 2.81 27.51 17.92
N MET H 5 3.78 28.39 17.72
CA MET H 5 4.94 28.09 16.89
C MET H 5 6.22 27.85 17.72
N MET H 6 6.32 28.53 18.86
CA MET H 6 7.49 28.42 19.74
CA MET H 6 7.48 28.42 19.73
C MET H 6 7.02 28.63 21.17
N PRO H 7 6.98 27.55 21.98
CA PRO H 7 7.21 26.11 21.70
C PRO H 7 6.10 25.56 20.80
N GLY H 8 6.51 24.95 19.69
CA GLY H 8 5.61 24.57 18.60
C GLY H 8 4.57 23.56 19.01
N SER H 9 3.33 23.79 18.57
N SER H 9 3.33 23.81 18.56
CA SER H 9 2.25 22.88 18.83
CA SER H 9 2.19 22.92 18.79
C SER H 9 2.38 21.63 17.96
C SER H 9 2.27 21.69 17.88
N ARG H 10 1.57 20.63 18.27
CA ARG H 10 1.63 19.36 17.55
C ARG H 10 1.40 19.51 16.05
N THR H 11 0.32 20.17 15.64
CA THR H 11 0.05 20.29 14.23
C THR H 11 1.10 21.13 13.55
N TYR H 12 1.67 22.11 14.25
CA TYR H 12 2.65 22.99 13.63
C TYR H 12 3.96 22.26 13.43
N LEU H 13 4.43 21.60 14.49
CA LEU H 13 5.69 20.84 14.40
C LEU H 13 5.55 19.69 13.45
N CYS H 14 4.41 19.03 13.42
CA CYS H 14 4.20 17.95 12.47
C CYS H 14 4.14 18.40 10.98
N GLN H 15 3.53 19.54 10.70
CA GLN H 15 3.51 20.02 9.32
C GLN H 15 4.94 20.42 8.87
N LEU H 16 5.74 20.95 9.78
CA LEU H 16 7.14 21.26 9.45
C LEU H 16 7.90 19.98 9.13
N ASP H 17 7.69 18.97 9.95
CA ASP H 17 8.31 17.64 9.77
C ASP H 17 7.91 17.00 8.43
N ALA H 18 6.64 17.14 8.06
CA ALA H 18 6.08 16.51 6.84
C ALA H 18 6.45 17.24 5.56
N LYS H 19 6.94 18.46 5.70
CA LYS H 19 7.18 19.37 4.59
C LYS H 19 8.06 18.80 3.49
N THR H 20 7.54 18.77 2.25
CA THR H 20 8.36 18.53 1.05
C THR H 20 8.24 19.67 0.03
N GLY H 21 9.13 19.64 -0.96
CA GLY H 21 9.15 20.66 -1.98
C GLY H 21 7.95 20.62 -2.93
N THR H 22 7.34 19.45 -3.08
CA THR H 22 6.12 19.31 -3.90
C THR H 22 4.83 19.59 -3.15
N GLY H 23 4.88 19.65 -1.83
CA GLY H 23 3.68 19.86 -1.01
C GLY H 23 3.05 18.55 -0.56
N ALA H 24 3.59 17.42 -1.01
CA ALA H 24 3.22 16.14 -0.43
C ALA H 24 3.69 16.14 1.01
N LEU H 25 3.09 15.29 1.83
CA LEU H 25 3.38 15.24 3.27
C LEU H 25 4.06 13.93 3.59
N ASP H 26 5.29 14.01 4.12
CA ASP H 26 6.14 12.86 4.43
C ASP H 26 6.95 13.12 5.71
N PRO H 27 6.32 12.89 6.87
CA PRO H 27 7.04 13.12 8.12
C PRO H 27 8.01 12.00 8.50
N THR H 28 9.02 12.36 9.29
CA THR H 28 9.96 11.40 9.87
C THR H 28 9.51 10.94 11.25
N ASN H 29 8.98 11.87 12.04
CA ASN H 29 8.58 11.57 13.42
C ASN H 29 7.43 10.58 13.42
N PRO H 30 7.51 9.55 14.27
CA PRO H 30 6.49 8.49 14.18
C PRO H 30 5.11 8.90 14.68
N ALA H 31 5.03 9.82 15.65
CA ALA H 31 3.73 10.28 16.13
C ALA H 31 3.05 11.14 15.05
N CYS H 32 3.85 11.97 14.38
CA CYS H 32 3.36 12.73 13.22
C CYS H 32 2.87 11.79 12.13
N GLN H 33 3.63 10.74 11.83
CA GLN H 33 3.23 9.81 10.77
C GLN H 33 1.90 9.15 11.12
N ALA H 34 1.79 8.69 12.36
CA ALA H 34 0.53 8.11 12.86
C ALA H 34 -0.68 9.07 12.76
N ALA H 35 -0.47 10.34 13.06
CA ALA H 35 -1.55 11.33 13.04
C ALA H 35 -1.96 11.60 11.60
N LEU H 36 -1.00 11.62 10.69
CA LEU H 36 -1.29 11.77 9.26
C LEU H 36 -2.11 10.58 8.78
N ASP H 37 -1.67 9.37 9.15
CA ASP H 37 -2.36 8.13 8.80
C ASP H 37 -3.80 8.13 9.32
N GLN H 38 -3.99 8.49 10.59
CA GLN H 38 -5.34 8.43 11.18
C GLN H 38 -6.23 9.58 10.74
N SER H 39 -5.75 10.81 10.92
CA SER H 39 -6.61 11.98 10.77
C SER H 39 -6.55 12.64 9.40
N GLY H 40 -5.55 12.32 8.58
CA GLY H 40 -5.54 12.74 7.19
C GLY H 40 -4.72 13.98 6.88
N ALA H 41 -4.42 14.15 5.59
CA ALA H 41 -3.64 15.29 5.10
C ALA H 41 -4.32 16.66 5.24
N THR H 42 -5.63 16.71 5.11
CA THR H 42 -6.33 17.98 5.16
C THR H 42 -6.05 18.68 6.47
N ALA H 43 -6.06 17.93 7.57
CA ALA H 43 -5.81 18.52 8.87
C ALA H 43 -4.39 19.16 8.97
N LEU H 44 -3.36 18.57 8.37
CA LEU H 44 -2.00 19.20 8.28
C LEU H 44 -1.87 20.39 7.34
N TYR H 45 -2.59 20.37 6.23
CA TYR H 45 -2.59 21.55 5.39
C TYR H 45 -3.25 22.71 6.14
N ASN H 46 -4.17 22.34 7.03
CA ASN H 46 -4.92 23.28 7.85
C ASN H 46 -4.49 23.27 9.31
N TRP H 47 -3.18 23.17 9.54
CA TRP H 47 -2.58 23.01 10.90
C TRP H 47 -2.97 24.10 11.93
N PHE H 48 -3.27 25.27 11.40
CA PHE H 48 -3.64 26.46 12.15
C PHE H 48 -5.12 26.51 12.52
N ALA H 49 -5.93 25.56 12.05
CA ALA H 49 -7.39 25.69 12.17
C ALA H 49 -8.01 24.84 13.30
N VAL H 50 -7.30 24.69 14.42
CA VAL H 50 -7.78 23.87 15.53
C VAL H 50 -8.72 24.72 16.38
N LEU H 51 -9.98 24.76 15.97
CA LEU H 51 -10.94 25.74 16.46
C LEU H 51 -12.25 25.17 16.83
N ASP H 52 -12.97 25.92 17.66
CA ASP H 52 -14.34 25.61 17.99
C ASP H 52 -15.03 26.95 17.86
N SER H 53 -15.95 27.02 16.92
CA SER H 53 -16.67 28.26 16.64
C SER H 53 -17.50 28.78 17.81
N ASN H 54 -17.83 27.88 18.74
CA ASN H 54 -18.77 28.20 19.82
C ASN H 54 -18.21 28.07 21.21
N ALA H 55 -16.89 27.98 21.34
CA ALA H 55 -16.30 27.81 22.67
C ALA H 55 -16.59 28.97 23.65
N GLY H 56 -16.37 30.19 23.18
CA GLY H 56 -16.72 31.38 23.95
C GLY H 56 -16.00 31.51 25.29
N GLY H 57 -14.76 31.03 25.33
CA GLY H 57 -13.94 31.06 26.53
C GLY H 57 -14.17 29.95 27.55
N ARG H 58 -15.09 29.04 27.24
CA ARG H 58 -15.34 27.87 28.12
C ARG H 58 -14.21 26.86 27.97
N GLY H 59 -14.03 26.06 29.01
CA GLY H 59 -12.97 25.07 29.05
C GLY H 59 -13.46 23.86 29.81
N ALA H 60 -13.01 23.72 31.04
CA ALA H 60 -13.46 22.61 31.85
C ALA H 60 -14.98 22.56 31.92
N GLY H 61 -15.56 21.36 31.76
CA GLY H 61 -16.99 21.16 31.74
C GLY H 61 -17.62 21.28 30.35
N TYR H 62 -16.86 21.82 29.40
CA TYR H 62 -17.34 22.03 28.04
C TYR H 62 -16.46 21.28 27.03
N VAL H 63 -15.15 21.48 27.12
CA VAL H 63 -14.20 20.74 26.27
C VAL H 63 -13.84 19.45 27.01
N PRO H 64 -14.25 18.28 26.49
CA PRO H 64 -13.99 17.04 27.22
C PRO H 64 -12.51 16.79 27.45
N ASP H 65 -12.20 16.25 28.62
CA ASP H 65 -10.86 15.75 28.87
C ASP H 65 -10.48 14.80 27.76
N GLY H 66 -9.21 14.86 27.38
CA GLY H 66 -8.65 14.07 26.31
C GLY H 66 -8.89 14.60 24.91
N THR H 67 -9.58 15.73 24.79
CA THR H 67 -9.85 16.35 23.48
C THR H 67 -9.35 17.79 23.31
N LEU H 68 -8.60 18.29 24.28
CA LEU H 68 -8.16 19.68 24.23
C LEU H 68 -7.39 20.00 22.97
N CYS H 69 -6.53 19.06 22.56
CA CYS H 69 -5.64 19.33 21.42
C CYS H 69 -6.33 19.36 20.06
N SER H 70 -7.61 18.98 20.01
CA SER H 70 -8.39 19.00 18.79
C SER H 70 -9.62 19.90 18.97
N ALA H 71 -9.56 20.85 19.90
CA ALA H 71 -10.70 21.78 20.11
C ALA H 71 -12.01 21.01 20.40
N GLY H 72 -11.91 19.93 21.17
CA GLY H 72 -13.07 19.10 21.52
C GLY H 72 -13.71 18.39 20.35
N ASP H 73 -12.90 18.15 19.31
CA ASP H 73 -13.37 17.58 18.04
C ASP H 73 -14.52 18.37 17.40
N ARG H 74 -14.50 19.69 17.59
CA ARG H 74 -15.54 20.56 17.05
C ARG H 74 -15.11 21.44 15.84
N SER H 75 -13.89 21.23 15.31
CA SER H 75 -13.40 22.06 14.22
C SER H 75 -13.97 21.56 12.90
N PRO H 76 -13.72 22.29 11.80
CA PRO H 76 -14.11 21.76 10.49
C PRO H 76 -13.33 20.52 10.02
N TYR H 77 -12.21 20.21 10.66
CA TYR H 77 -11.32 19.14 10.26
C TYR H 77 -11.13 18.08 11.34
N ASP H 78 -10.62 16.93 10.91
CA ASP H 78 -10.26 15.87 11.83
C ASP H 78 -8.90 16.12 12.42
N PHE H 79 -8.89 16.59 13.67
CA PHE H 79 -7.64 16.71 14.43
C PHE H 79 -7.56 15.68 15.57
N SER H 80 -8.41 14.67 15.55
N SER H 80 -8.41 14.66 15.57
CA SER H 80 -8.53 13.72 16.67
CA SER H 80 -8.52 13.73 16.70
C SER H 80 -7.22 13.02 17.04
C SER H 80 -7.18 13.07 17.06
N ALA H 81 -6.41 12.73 16.04
CA ALA H 81 -5.14 12.01 16.27
C ALA H 81 -4.12 12.86 17.01
N TYR H 82 -4.32 14.18 17.04
CA TYR H 82 -3.40 15.07 17.75
C TYR H 82 -3.61 15.06 19.25
N ASN H 83 -4.60 14.30 19.74
CA ASN H 83 -4.77 14.00 21.15
C ASN H 83 -3.99 12.76 21.62
N ALA H 84 -3.40 12.02 20.68
CA ALA H 84 -2.80 10.72 20.98
C ALA H 84 -1.84 10.84 22.17
N ALA H 85 -2.11 9.99 23.18
CA ALA H 85 -1.35 9.96 24.43
C ALA H 85 -0.06 9.17 24.20
N ARG H 86 0.89 9.81 23.53
CA ARG H 86 2.17 9.20 23.14
C ARG H 86 3.29 10.05 23.70
N SER H 87 4.39 9.42 24.09
CA SER H 87 5.60 10.16 24.55
C SER H 87 6.61 10.52 23.44
N ASP H 88 6.28 10.23 22.18
CA ASP H 88 7.23 10.41 21.08
C ASP H 88 6.90 11.51 20.07
N TRP H 89 5.94 12.39 20.39
CA TRP H 89 5.70 13.59 19.61
C TRP H 89 6.98 14.45 19.58
N PRO H 90 7.17 15.22 18.49
CA PRO H 90 8.24 16.23 18.50
C PRO H 90 8.13 17.12 19.76
N ARG H 91 9.25 17.53 20.34
CA ARG H 91 9.17 18.37 21.54
C ARG H 91 10.23 19.44 21.60
N THR H 92 9.95 20.48 22.37
CA THR H 92 10.85 21.59 22.56
C THR H 92 11.51 21.45 23.92
N HIS H 93 12.82 21.59 23.92
CA HIS H 93 13.62 21.46 25.16
C HIS H 93 13.65 22.81 25.84
N LEU H 94 13.30 22.83 27.12
CA LEU H 94 13.15 24.06 27.89
C LEU H 94 13.95 24.03 29.17
N THR H 95 14.26 25.21 29.69
CA THR H 95 14.90 25.34 30.98
C THR H 95 13.89 25.77 32.03
N SER H 96 13.65 24.90 33.00
CA SER H 96 12.82 25.24 34.17
C SER H 96 13.38 26.49 34.82
N GLY H 97 12.51 27.43 35.19
CA GLY H 97 12.95 28.67 35.82
C GLY H 97 13.22 29.83 34.86
N ALA H 98 13.34 29.54 33.56
CA ALA H 98 13.65 30.61 32.60
C ALA H 98 12.39 31.30 32.07
N THR H 99 12.57 32.54 31.62
CA THR H 99 11.55 33.25 30.88
C THR H 99 11.89 33.07 29.39
N ILE H 100 10.91 32.63 28.61
CA ILE H 100 11.12 32.31 27.19
C ILE H 100 10.26 33.18 26.27
N PRO H 101 10.76 33.43 25.04
CA PRO H 101 10.01 34.16 24.04
C PRO H 101 9.03 33.27 23.25
N VAL H 102 7.74 33.43 23.51
CA VAL H 102 6.70 32.63 22.90
C VAL H 102 6.32 33.22 21.56
N GLU H 103 6.07 32.35 20.57
CA GLU H 103 5.54 32.78 19.27
C GLU H 103 4.28 31.97 18.98
N TYR H 104 3.24 32.66 18.53
CA TYR H 104 1.96 32.02 18.18
C TYR H 104 1.58 32.52 16.78
N SER H 105 1.21 31.61 15.89
CA SER H 105 0.88 31.98 14.53
C SER H 105 -0.25 33.03 14.46
N ASN H 106 -0.07 34.00 13.58
CA ASN H 106 -1.12 34.96 13.23
C ASN H 106 -1.61 34.70 11.79
N TRP H 107 -1.77 33.43 11.46
CA TRP H 107 -2.20 33.05 10.10
C TRP H 107 -3.40 33.89 9.66
N ALA H 108 -4.39 33.99 10.54
CA ALA H 108 -5.38 35.06 10.49
C ALA H 108 -5.46 35.66 11.90
N ALA H 109 -5.33 36.99 11.96
CA ALA H 109 -5.22 37.71 13.22
C ALA H 109 -6.61 38.00 13.77
N HIS H 110 -6.75 37.91 15.09
CA HIS H 110 -7.97 38.28 15.80
C HIS H 110 -7.61 38.94 17.12
N PRO H 111 -8.47 39.84 17.62
CA PRO H 111 -8.22 40.43 18.91
C PRO H 111 -8.66 39.43 19.95
N GLY H 112 -8.05 39.48 21.13
CA GLY H 112 -8.37 38.54 22.20
C GLY H 112 -7.22 38.21 23.11
N ASP H 113 -7.44 37.16 23.87
CA ASP H 113 -6.56 36.74 24.98
C ASP H 113 -5.94 35.37 24.65
N PHE H 114 -4.67 35.22 24.99
CA PHE H 114 -4.05 33.91 25.01
C PHE H 114 -3.86 33.42 26.42
N ARG H 115 -4.54 32.32 26.76
CA ARG H 115 -4.46 31.70 28.08
C ARG H 115 -3.44 30.56 27.98
N VAL H 116 -2.41 30.61 28.81
CA VAL H 116 -1.31 29.66 28.75
C VAL H 116 -1.23 28.79 30.00
N TYR H 117 -1.31 27.47 29.81
CA TYR H 117 -1.34 26.48 30.88
C TYR H 117 -0.17 25.50 30.76
N LEU H 118 0.28 24.95 31.89
CA LEU H 118 1.32 23.94 31.90
C LEU H 118 0.84 22.74 32.67
N THR H 119 1.14 21.55 32.15
CA THR H 119 0.80 20.31 32.87
C THR H 119 1.56 20.25 34.19
N LYS H 120 0.86 19.74 35.19
CA LYS H 120 1.33 19.68 36.56
C LYS H 120 2.49 18.72 36.69
N PRO H 121 3.33 18.91 37.72
CA PRO H 121 4.39 17.96 37.98
C PRO H 121 3.84 16.54 38.14
N GLY H 122 4.51 15.58 37.51
CA GLY H 122 4.12 14.18 37.63
C GLY H 122 3.22 13.73 36.51
N TRP H 123 2.68 14.66 35.72
CA TRP H 123 1.92 14.27 34.53
C TRP H 123 2.88 13.89 33.41
N SER H 124 2.60 12.79 32.73
CA SER H 124 3.37 12.40 31.56
C SER H 124 2.46 12.13 30.34
N PRO H 125 3.03 12.26 29.14
CA PRO H 125 2.22 12.28 27.95
C PRO H 125 1.60 10.95 27.50
N THR H 126 1.91 9.83 28.17
CA THR H 126 1.16 8.58 27.94
C THR H 126 -0.16 8.53 28.72
N SER H 127 -0.41 9.53 29.56
CA SER H 127 -1.67 9.69 30.26
C SER H 127 -2.58 10.66 29.53
N GLU H 128 -3.89 10.49 29.72
CA GLU H 128 -4.87 11.44 29.21
C GLU H 128 -4.54 12.85 29.71
N LEU H 129 -4.70 13.84 28.83
CA LEU H 129 -4.63 15.24 29.22
C LEU H 129 -6.01 15.75 29.57
N GLY H 130 -6.24 16.01 30.86
CA GLY H 130 -7.48 16.62 31.31
C GLY H 130 -7.24 18.00 31.88
N TRP H 131 -8.31 18.75 32.05
CA TRP H 131 -8.25 20.08 32.66
C TRP H 131 -7.60 20.08 34.05
N ASP H 132 -7.82 19.01 34.82
CA ASP H 132 -7.23 18.93 36.17
C ASP H 132 -5.71 18.69 36.15
N ASP H 133 -5.16 18.36 35.00
CA ASP H 133 -3.72 18.16 34.85
C ASP H 133 -3.02 19.46 34.48
N LEU H 134 -3.79 20.53 34.26
CA LEU H 134 -3.25 21.80 33.79
C LEU H 134 -3.34 22.93 34.81
N GLU H 135 -2.31 23.78 34.86
CA GLU H 135 -2.32 24.96 35.71
C GLU H 135 -2.12 26.18 34.81
N LEU H 136 -3.04 27.14 34.90
CA LEU H 136 -2.93 28.41 34.15
C LEU H 136 -1.76 29.23 34.69
N ILE H 137 -0.85 29.61 33.82
CA ILE H 137 0.32 30.39 34.21
C ILE H 137 0.13 31.87 34.00
N GLN H 138 -0.40 32.23 32.84
CA GLN H 138 -0.50 33.63 32.43
C GLN H 138 -1.60 33.76 31.40
N THR H 139 -2.14 34.96 31.28
CA THR H 139 -3.00 35.32 30.16
C THR H 139 -2.46 36.58 29.54
N VAL H 140 -2.38 36.61 28.23
CA VAL H 140 -1.82 37.73 27.53
C VAL H 140 -2.86 38.30 26.57
N THR H 141 -3.07 39.60 26.61
CA THR H 141 -4.11 40.28 25.84
C THR H 141 -3.50 41.06 24.69
N ASN H 142 -3.92 40.75 23.48
CA ASN H 142 -3.48 41.48 22.28
C ASN H 142 -1.98 41.75 22.19
N PRO H 143 -1.18 40.66 22.23
CA PRO H 143 0.26 40.81 22.12
C PRO H 143 0.63 41.31 20.73
N PRO H 144 1.82 41.92 20.60
CA PRO H 144 2.25 42.42 19.31
C PRO H 144 2.54 41.30 18.33
N GLN H 145 2.59 41.67 17.06
CA GLN H 145 2.86 40.75 15.98
C GLN H 145 4.13 41.14 15.24
N GLN H 146 4.82 40.13 14.73
CA GLN H 146 6.01 40.28 13.89
C GLN H 146 5.77 39.46 12.63
N GLY H 147 5.83 40.12 11.47
CA GLY H 147 5.41 39.49 10.22
C GLY H 147 3.91 39.63 10.02
N SER H 148 3.50 39.91 8.79
CA SER H 148 2.11 40.21 8.56
C SER H 148 1.27 38.93 8.63
N PRO H 149 -0.01 39.06 9.03
CA PRO H 149 -0.90 37.92 9.06
C PRO H 149 -0.95 37.27 7.71
N GLY H 150 -1.03 35.96 7.68
CA GLY H 150 -1.13 35.21 6.45
C GLY H 150 0.18 34.95 5.71
N THR H 151 1.32 35.43 6.25
CA THR H 151 2.62 35.08 5.67
C THR H 151 3.34 34.05 6.51
N ASP H 152 4.20 33.28 5.86
CA ASP H 152 4.94 32.22 6.52
C ASP H 152 5.80 32.86 7.61
N GLY H 153 5.79 32.28 8.80
CA GLY H 153 6.60 32.82 9.87
C GLY H 153 5.98 33.97 10.65
N GLY H 154 4.82 34.47 10.23
CA GLY H 154 4.16 35.54 10.97
C GLY H 154 3.71 35.04 12.33
N HIS H 155 3.79 35.88 13.36
CA HIS H 155 3.41 35.46 14.70
C HIS H 155 3.16 36.60 15.67
N TYR H 156 2.27 36.34 16.60
CA TYR H 156 2.18 37.06 17.86
C TYR H 156 3.39 36.68 18.70
N TYR H 157 3.86 37.61 19.55
CA TYR H 157 4.99 37.31 20.41
C TYR H 157 4.85 37.92 21.81
N TRP H 158 5.31 37.17 22.80
CA TRP H 158 5.30 37.59 24.20
C TRP H 158 6.25 36.72 25.03
N ASP H 159 6.46 37.09 26.30
CA ASP H 159 7.31 36.32 27.21
C ASP H 159 6.51 35.49 28.22
N LEU H 160 7.05 34.32 28.52
CA LEU H 160 6.43 33.39 29.46
C LEU H 160 7.46 32.97 30.50
N ALA H 161 7.14 33.14 31.79
CA ALA H 161 7.99 32.66 32.89
C ALA H 161 7.67 31.18 33.20
N LEU H 162 8.65 30.32 32.97
CA LEU H 162 8.50 28.89 33.23
C LEU H 162 8.80 28.61 34.70
N PRO H 163 7.93 27.82 35.37
CA PRO H 163 8.16 27.49 36.77
C PRO H 163 9.49 26.79 36.95
N SER H 164 10.12 27.04 38.08
CA SER H 164 11.33 26.36 38.48
C SER H 164 10.97 25.03 39.14
N GLY H 165 11.98 24.19 39.32
CA GLY H 165 11.81 22.91 40.01
C GLY H 165 11.19 21.83 39.15
N ARG H 166 11.10 22.07 37.85
CA ARG H 166 10.45 21.14 36.94
C ARG H 166 11.49 20.28 36.21
N SER H 167 11.13 19.04 35.91
CA SER H 167 11.96 18.18 35.10
C SER H 167 11.10 17.26 34.25
N GLY H 168 11.69 16.73 33.20
CA GLY H 168 11.04 15.76 32.36
C GLY H 168 10.00 16.34 31.41
N ASP H 169 9.21 15.44 30.82
CA ASP H 169 8.24 15.80 29.81
C ASP H 169 7.11 16.59 30.44
N ALA H 170 6.57 17.49 29.63
CA ALA H 170 5.38 18.25 30.00
C ALA H 170 4.64 18.71 28.75
N LEU H 171 3.53 19.40 28.92
CA LEU H 171 2.82 19.95 27.78
C LEU H 171 2.34 21.37 28.12
N ILE H 172 2.46 22.28 27.15
CA ILE H 172 1.93 23.61 27.26
C ILE H 172 0.68 23.67 26.39
N PHE H 173 -0.44 23.99 27.04
CA PHE H 173 -1.74 24.16 26.39
C PHE H 173 -2.12 25.63 26.31
N MET H 174 -2.51 26.11 25.13
CA MET H 174 -2.94 27.47 24.99
C MET H 174 -4.33 27.48 24.42
N GLN H 175 -5.19 28.33 24.97
CA GLN H 175 -6.50 28.65 24.39
C GLN H 175 -6.51 30.13 23.97
N TRP H 176 -6.74 30.37 22.69
CA TRP H 176 -6.87 31.69 22.13
C TRP H 176 -8.34 32.05 22.14
N VAL H 177 -8.66 32.98 23.02
CA VAL H 177 -10.04 33.40 23.26
C VAL H 177 -10.31 34.74 22.59
N ARG H 178 -10.97 34.68 21.44
CA ARG H 178 -11.29 35.91 20.72
C ARG H 178 -12.18 36.84 21.55
N SER H 179 -11.92 38.13 21.47
CA SER H 179 -12.77 39.13 22.13
C SER H 179 -13.95 39.57 21.25
N ASP H 180 -13.96 39.14 19.98
CA ASP H 180 -14.95 39.59 18.96
C ASP H 180 -15.80 38.47 18.41
N SER H 181 -15.75 37.30 19.04
CA SER H 181 -16.35 36.08 18.50
C SER H 181 -16.36 35.04 19.59
N GLN H 182 -17.27 34.06 19.47
CA GLN H 182 -17.27 32.86 20.31
C GLN H 182 -16.19 31.87 19.83
N GLU H 183 -15.63 32.10 18.64
CA GLU H 183 -14.59 31.17 18.14
C GLU H 183 -13.34 31.24 19.00
N ASN H 184 -12.85 30.05 19.38
CA ASN H 184 -11.57 29.94 20.11
C ASN H 184 -10.66 28.90 19.40
N PHE H 185 -9.37 29.06 19.58
CA PHE H 185 -8.34 28.15 19.05
C PHE H 185 -7.62 27.45 20.19
N PHE H 186 -7.20 26.21 19.92
CA PHE H 186 -6.71 25.24 20.90
C PHE H 186 -5.34 24.70 20.45
N SER H 187 -4.32 24.87 21.28
CA SER H 187 -2.93 24.58 20.93
C SER H 187 -2.25 23.73 22.00
N CYS H 188 -1.59 22.66 21.60
CA CYS H 188 -0.89 21.77 22.54
C CYS H 188 0.55 21.60 22.10
N SER H 189 1.48 21.99 22.96
CA SER H 189 2.91 21.92 22.66
C SER H 189 3.63 20.97 23.62
N ASP H 190 4.23 19.91 23.07
CA ASP H 190 5.06 19.03 23.86
C ASP H 190 6.43 19.64 24.17
N VAL H 191 6.80 19.54 25.44
CA VAL H 191 8.07 20.08 25.92
C VAL H 191 8.78 19.10 26.88
N VAL H 192 10.05 19.36 27.16
CA VAL H 192 10.79 18.63 28.17
C VAL H 192 11.66 19.64 28.91
N PHE H 193 11.65 19.56 30.25
CA PHE H 193 12.47 20.44 31.07
C PHE H 193 13.76 19.72 31.36
N ASP H 194 14.78 20.04 30.55
CA ASP H 194 16.10 19.40 30.67
C ASP H 194 17.24 20.38 30.38
N GLY H 195 16.95 21.69 30.46
CA GLY H 195 17.90 22.72 30.01
C GLY H 195 17.55 23.22 28.60
CU CU I . 28.32 -18.09 12.10
CU CU J . 16.97 -11.92 -32.51
CA CA K . -4.52 6.28 -17.34
CU CU L . -26.43 20.59 -11.97
CU CU M . -18.59 9.43 32.34
CU CU N . 9.71 -33.30 -9.69
CA CA O . -6.87 -10.48 0.49
CU CU P . 35.77 3.16 -10.93
CU CU Q . -36.20 -2.73 8.26
CA CA R . -9.60 -9.59 -1.72
CU CU S . -8.99 32.74 12.34
CA CA T . 10.96 16.45 6.65
#